data_7BTQ
#
_entry.id   7BTQ
#
_cell.length_a   1.00
_cell.length_b   1.00
_cell.length_c   1.00
_cell.angle_alpha   90.00
_cell.angle_beta   90.00
_cell.angle_gamma   90.00
#
_symmetry.space_group_name_H-M   'P 1'
#
loop_
_entity.id
_entity.type
_entity.pdbx_description
1 polymer 'Type I restriction enzyme EcoR124II M protein'
2 polymer 'DNA (64-MER)'
3 polymer 'DNA (64-MER)'
4 polymer 'Type-1 restriction enzyme EcoR124II specificity protein'
5 polymer 'Type I restriction enzyme R Protein'
#
loop_
_entity_poly.entity_id
_entity_poly.type
_entity_poly.pdbx_seq_one_letter_code
_entity_poly.pdbx_strand_id
1 'polypeptide(L)'
;MKMTSIQQRAELHRQIWQIANDVRGSVDGWDFKQYVLGALFYRFISENFSSYIEAGDDSICYAKLDDSVITDDIKDDAIK
TKGYFIYPSQLFCNVAAKANTNDRLNADLNSIFVAIESSAYGYPSEADIKGLFADFDTTSNRLGNTVKDKNARLAAVLKG
VEGLKLGDFNEHQIDLFGDAYEFLISNYAANAGKSGGEFFTPQHVSKLIAQLAMHGQTHVNKIYDPAAGSGSLLLQAKKQ
FDNHIIEEGFFGQEINHTTYNLARMNMFLHNINYDKFDIKLGNTLTEPHFRDEKPFDAIVSNPPYSVKWIGSDDPTLIND
ERFAPAGVLAPKSKADFAFVLHALNYLSAKGRAAIVCFPGIFYRGGAEQKIRQYLVDNNYVETVISLAPNLFFGTTIAVN
ILVLSKHKTDTNVQFIDASELFKKETNNNILTDAHIEQIMQVFASKEDVAHLAKSVAFETVVANDYNLSVSSYVEAKDNR
EIIDIAELNAELKTTVSKIDQLRKDIDAIVAEIEGCEVQK
;
A,D
2 'polydeoxyribonucleotide'
;(DC)(DC)(DA)(DG)(DA)(DA)(DA)(DC)(DC)(DC)(DC)(DC)(DA)(DA)(DA)(DA)(DA)(DT)(DC)(DT)
(DA)(DA)(DA)(DA)(DT)(DC)(DG)(DA)(DA)(DT)(DT)(DC)(DG)(DA)(DG)(DG)(DT)(DC)(DG)(DA)
(DA)(DA)(DA)(DA)(DG)(DA)(DG)(DA)(DA)(DA)(DA)(DA)(DC)(DC)(DG)(DC)(DC)(DA)(DA)(DA)
(DC)(DA)(DC)(DC)
;
B
3 'polydeoxyribonucleotide'
;(DG)(DG)(DT)(DG)(DT)(DT)(DT)(DG)(DG)(DC)(DG)(DG)(DT)(DT)(DT)(DT)(DT)(DC)(DT)(DC)
(DT)(DT)(DT)(DT)(DT)(DC)(DG)(DA)(DC)(DC)(DT)(DC)(DG)(DA)(DA)(DT)(DT)(DC)(DG)(DA)
(DT)(DT)(DT)(DT)(DA)(DG)(DA)(DT)(DT)(DT)(DT)(DT)(DG)(DG)(DG)(DG)(DG)(DT)(DT)(DT)
(DC)(DT)(DG)(DG)
;
C
4 'polypeptide(L)'
;MSEMSYLEKLLDGVEVEWLPLGEITKYEQPTKYLVKAKDYHDTYTIPVLTAGKTFILGYTNETHGIYQASKAPVIIFDDF
TTANKWVDFDFKAKSSAMKMVTSCDDNKTLLKYVYYWLNTLPSEFAEGDHKRQWISNYSQKKIPIPCPDNPEKSLAIQSE
IVRILDKFTALTAELTAELNMRKKQYNYYRDQLLSFKEGEVEWKTLGEIGKWYGGGTPSKNKIEFWENGSIPWISPKDMG
RTLVDSSEDYITEEAVLHSSTKLIPANSIAIVVRSSILDKVLPSALIKVPATLNQDMKAVIPHENILVKYIYHMIGSRGS
DILRAAKKTGGSVASIDSKKLFSFKIPVPNINEQQRIVEILDKFDTLTNSITEGLPREIELRQKQYEYYRDLLFSFPKPE
TVSN
;
E
5 'polypeptide(L)'
;MTHQTHTIAESNNFIVLDKYIKAEPTGDSYQSESDLERELIQDLRNQGYEFISVKSQSAMLANVREQLQNLNGVVFNDSE
WRRFTEQYLDNPSDGILDKTRKIHIDYICDFIFDDERLENIYLIDKKNLMRNKVQIIQQFEQAGSHANRYDVTILVNGLP
LVQIELKKRGVAIREAFNQIHRYSKESFNSENSLFKYLQLFVISNGTDTRYFANTTKRDKNSFDFTMNWAKSDNTLIKDL
KDFTATCFQKHTLLNVLVNYSVFDSSQTLLVMRPYQIAATERILWKIKSSFTAKNWSKPESGGYIWHTTGSGKTLTSFKA
ARLATELDFIDKVFFVVDRKDLDYQTMKEYQRFSPDSVNGSENTAGLKRNLDKDDNKIIVTTIQKLNNLMKAESDLPVYN
QQVVFIFDECHRSQFGEAQKNLKKKFKRYYQFGFTGTPIFPENALGSETTASVFGRELHSYVITDAIRDEKVLKFKVDYN
DVRPQFKSLETETDEKKLSAAENQQAFLHPMRIQEITQYILNNFRQKTHRTFPGSKGFNAMLAVSSVDAAKAYYATFKRL
QEEAANKSATYKPLRIATIFSFAANEEQNAIGEISDETFDTSAMDSSAKEFLDAAIREYNSHFKTNFSTDSNGFQNYYRD
LAQRVKNQDIDLLIVVGMFLTGFDAPTLNTLFVDKNLRYHGLMQAFSRTNRIYDATKTFGNIVTFRDLERSTIDAITLFG
DKNTKNVVLEKSYTEYMEGFTDAATGEAKRGFMTVVSELEQRFPDPTSIESEKEKKDFVKLFGEYLRAENILQNYDEFAT
LKALQQIDLSDPVAVEKFKAEHYVDDEKFAELQTIRLPADRKIQDYRSAYNDIRDWQRREKEAEKKEKSTTDWDDVVFEV
DLLKSQEINLDYILGLIFEHNRQNKGKGEMIEEVKRLIRSSLGNRAKEGLVVDFIQQTNLDDLPDKASIIDAFFTFAQRE
QQREAEALIKEENLNEDAAKRYIRTSLKREYATENGTELNETLPKLSPLNPQYKTKKQAVFQKIVSFIEKFKGVGGKI
;
F
#
# COMPACT_ATOMS: atom_id res chain seq x y z
N ALA A 10 15.73 -5.90 31.25
CA ALA A 10 15.24 -5.00 32.27
C ALA A 10 16.23 -4.90 33.43
N GLU A 11 17.26 -5.73 33.36
CA GLU A 11 18.27 -5.83 34.41
C GLU A 11 19.08 -4.54 34.51
N LEU A 12 19.88 -4.23 33.49
CA LEU A 12 20.40 -2.90 33.26
C LEU A 12 19.68 -2.18 32.13
N HIS A 13 18.62 -2.78 31.60
CA HIS A 13 17.98 -2.23 30.41
C HIS A 13 16.94 -1.18 30.78
N ARG A 14 16.00 -1.55 31.65
CA ARG A 14 14.74 -0.82 31.86
C ARG A 14 14.97 0.63 32.26
N GLN A 15 16.06 0.88 33.00
CA GLN A 15 16.53 2.22 33.27
C GLN A 15 16.83 2.98 31.98
N ILE A 16 17.45 2.33 30.99
CA ILE A 16 17.79 3.02 29.75
C ILE A 16 16.55 3.19 28.86
N TRP A 17 15.60 2.25 28.94
CA TRP A 17 14.28 2.45 28.33
C TRP A 17 13.61 3.70 28.89
N GLN A 18 13.70 3.90 30.22
CA GLN A 18 13.17 5.09 30.84
C GLN A 18 13.97 6.34 30.47
N ILE A 19 15.27 6.19 30.23
CA ILE A 19 16.09 7.32 29.77
C ILE A 19 15.66 7.77 28.39
N ALA A 20 15.32 6.81 27.50
CA ALA A 20 14.78 7.15 26.20
C ALA A 20 13.43 7.86 26.33
N ASN A 21 12.62 7.40 27.30
CA ASN A 21 11.38 8.11 27.62
C ASN A 21 11.63 9.53 28.13
N ASP A 22 12.75 9.74 28.80
CA ASP A 22 13.09 11.09 29.25
C ASP A 22 13.54 11.95 28.08
N VAL A 23 14.29 11.34 27.15
CA VAL A 23 14.78 12.02 25.95
C VAL A 23 13.65 12.39 24.99
N ARG A 24 12.47 11.75 25.14
CA ARG A 24 11.30 11.98 24.27
C ARG A 24 10.84 13.44 24.11
N GLY A 25 11.32 14.38 24.92
CA GLY A 25 11.00 15.78 24.71
C GLY A 25 11.58 16.32 23.41
N SER A 26 11.09 17.50 22.99
CA SER A 26 10.21 18.36 23.77
C SER A 26 9.04 18.96 22.99
N VAL A 27 8.69 18.33 21.86
CA VAL A 27 7.54 18.78 21.06
C VAL A 27 6.79 17.51 20.67
N ASP A 28 5.77 17.62 19.80
CA ASP A 28 5.11 16.50 19.15
C ASP A 28 6.10 15.47 18.62
N GLY A 29 5.73 14.19 18.70
CA GLY A 29 6.73 13.14 18.77
C GLY A 29 7.44 12.87 17.45
N TRP A 30 6.70 12.93 16.34
CA TRP A 30 7.23 12.53 15.04
C TRP A 30 8.36 13.45 14.58
N ASP A 31 8.18 14.75 14.81
CA ASP A 31 9.07 15.80 14.31
C ASP A 31 10.47 15.67 14.91
N PHE A 32 10.58 15.72 16.25
CA PHE A 32 11.89 15.50 16.87
C PHE A 32 12.31 14.05 16.77
N LYS A 33 11.36 13.13 16.60
CA LYS A 33 11.66 11.71 16.53
C LYS A 33 12.49 11.39 15.30
N GLN A 34 12.24 12.09 14.20
CA GLN A 34 13.05 11.95 13.00
C GLN A 34 14.52 12.27 13.28
N TYR A 35 14.76 13.38 14.00
CA TYR A 35 16.11 13.77 14.35
C TYR A 35 16.73 12.80 15.34
N VAL A 36 15.90 12.27 16.25
CA VAL A 36 16.39 11.29 17.23
C VAL A 36 16.87 10.02 16.52
N LEU A 37 16.06 9.52 15.58
CA LEU A 37 16.43 8.31 14.87
C LEU A 37 17.64 8.54 14.00
N GLY A 38 17.73 9.70 13.35
CA GLY A 38 18.91 10.02 12.57
C GLY A 38 20.16 10.13 13.43
N ALA A 39 20.00 10.63 14.64
CA ALA A 39 21.13 10.79 15.54
C ALA A 39 21.66 9.44 16.00
N LEU A 40 20.76 8.56 16.45
CA LEU A 40 21.21 7.23 16.90
C LEU A 40 21.70 6.40 15.72
N PHE A 41 21.12 6.64 14.54
CA PHE A 41 21.56 5.96 13.32
C PHE A 41 22.98 6.36 12.96
N TYR A 42 23.26 7.67 13.00
CA TYR A 42 24.60 8.17 12.73
C TYR A 42 25.60 7.69 13.77
N ARG A 43 25.18 7.66 15.04
CA ARG A 43 26.03 7.17 16.11
C ARG A 43 26.38 5.71 15.91
N PHE A 44 25.39 4.90 15.53
CA PHE A 44 25.64 3.47 15.39
C PHE A 44 26.50 3.16 14.17
N ILE A 45 26.28 3.88 13.07
CA ILE A 45 27.12 3.68 11.89
C ILE A 45 28.55 4.12 12.19
N SER A 46 28.71 5.22 12.93
CA SER A 46 30.04 5.69 13.29
C SER A 46 30.76 4.70 14.20
N GLU A 47 30.04 4.14 15.18
CA GLU A 47 30.66 3.20 16.09
C GLU A 47 30.98 1.88 15.40
N ASN A 48 30.10 1.43 14.50
CA ASN A 48 30.37 0.19 13.77
C ASN A 48 31.53 0.36 12.80
N PHE A 49 31.62 1.54 12.17
CA PHE A 49 32.71 1.79 11.24
C PHE A 49 34.04 1.90 11.97
N SER A 50 34.02 2.54 13.15
CA SER A 50 35.24 2.63 13.96
C SER A 50 35.62 1.25 14.50
N SER A 51 34.62 0.44 14.83
CA SER A 51 34.88 -0.92 15.31
C SER A 51 35.48 -1.77 14.19
N TYR A 52 35.08 -1.51 12.95
CA TYR A 52 35.69 -2.24 11.84
C TYR A 52 37.12 -1.76 11.60
N ILE A 53 37.33 -0.45 11.59
CA ILE A 53 38.63 0.03 11.12
C ILE A 53 39.67 -0.02 12.22
N GLU A 54 39.26 -0.16 13.47
CA GLU A 54 40.20 -0.12 14.59
C GLU A 54 39.88 -1.20 15.62
N ALA A 55 39.69 -2.44 15.15
CA ALA A 55 39.60 -3.58 16.07
C ALA A 55 41.01 -4.13 16.32
N GLY A 56 41.73 -3.43 17.18
CA GLY A 56 43.10 -3.82 17.52
C GLY A 56 43.99 -2.64 17.87
N THR A 71 45.33 -0.19 15.73
CA THR A 71 45.34 0.61 16.95
C THR A 71 44.08 1.45 17.08
N ASP A 72 43.36 1.25 18.18
CA ASP A 72 42.14 1.99 18.43
C ASP A 72 42.44 3.45 18.80
N ASP A 73 41.77 4.37 18.10
CA ASP A 73 41.99 5.80 18.27
C ASP A 73 40.64 6.48 18.42
N ILE A 74 40.48 7.29 19.48
CA ILE A 74 39.28 8.10 19.62
C ILE A 74 39.21 9.14 18.51
N LYS A 75 40.29 9.88 18.32
CA LYS A 75 40.42 10.84 17.23
C LYS A 75 41.27 10.26 16.13
N ASP A 76 40.88 10.53 14.88
CA ASP A 76 41.55 9.89 13.76
C ASP A 76 42.24 10.94 12.89
N ASP A 77 42.75 10.54 11.74
CA ASP A 77 43.65 11.35 10.94
C ASP A 77 43.15 11.49 9.51
N ALA A 78 43.86 12.33 8.75
CA ALA A 78 43.65 12.44 7.30
C ALA A 78 44.71 11.60 6.58
N ILE A 79 44.51 10.28 6.63
CA ILE A 79 45.55 9.37 6.17
C ILE A 79 45.53 9.23 4.64
N LYS A 80 44.44 9.65 4.00
CA LYS A 80 44.30 10.01 2.58
C LYS A 80 44.29 8.79 1.64
N THR A 81 44.60 7.58 2.11
CA THR A 81 44.82 6.42 1.25
C THR A 81 43.49 5.93 0.68
N LYS A 82 43.13 6.46 -0.48
CA LYS A 82 41.85 6.15 -1.11
C LYS A 82 41.72 4.68 -1.48
N GLY A 83 42.79 4.09 -1.99
CA GLY A 83 42.79 2.69 -2.35
C GLY A 83 42.39 1.81 -1.18
N TYR A 84 42.86 2.19 0.02
CA TYR A 84 42.40 1.51 1.22
C TYR A 84 41.00 1.96 1.60
N PHE A 85 40.62 3.18 1.23
CA PHE A 85 39.29 3.69 1.60
C PHE A 85 38.19 2.96 0.84
N ILE A 86 38.47 2.56 -0.40
CA ILE A 86 37.41 1.98 -1.23
C ILE A 86 37.07 0.55 -0.81
N TYR A 87 37.89 -0.06 0.04
CA TYR A 87 37.66 -1.46 0.42
C TYR A 87 36.52 -1.61 1.44
N PRO A 88 36.35 -0.76 2.45
CA PRO A 88 35.04 -0.74 3.13
C PRO A 88 33.95 -0.17 2.26
N SER A 89 34.29 0.66 1.28
CA SER A 89 33.30 1.09 0.30
C SER A 89 32.92 -0.02 -0.66
N GLN A 90 33.63 -1.15 -0.65
CA GLN A 90 33.11 -2.39 -1.20
C GLN A 90 32.52 -3.29 -0.14
N LEU A 91 32.93 -3.13 1.11
CA LEU A 91 32.56 -4.08 2.15
C LEU A 91 31.33 -3.62 2.93
N PHE A 92 31.42 -2.49 3.60
CA PHE A 92 30.25 -1.89 4.21
C PHE A 92 29.54 -0.93 3.27
N CYS A 93 30.15 -0.66 2.12
CA CYS A 93 29.77 0.21 1.01
C CYS A 93 29.97 1.70 1.36
N ASN A 94 30.32 2.05 2.60
CA ASN A 94 30.38 3.46 2.96
C ASN A 94 31.59 3.74 3.85
N VAL A 95 32.46 4.62 3.38
CA VAL A 95 33.36 5.31 4.30
C VAL A 95 32.51 6.30 5.08
N ALA A 96 32.68 6.34 6.40
CA ALA A 96 32.06 7.39 7.17
C ALA A 96 32.66 8.72 6.73
N ALA A 97 33.94 8.93 7.07
CA ALA A 97 34.88 9.89 6.53
C ALA A 97 36.20 9.66 7.24
N LYS A 98 37.18 10.49 6.90
CA LYS A 98 38.37 10.61 7.71
C LYS A 98 38.02 11.11 9.10
N ALA A 99 37.46 12.32 9.18
CA ALA A 99 37.24 12.98 10.45
C ALA A 99 35.79 13.37 10.70
N ASN A 100 34.86 12.97 9.84
CA ASN A 100 33.47 13.34 10.08
C ASN A 100 32.70 12.20 10.74
N THR A 101 33.36 11.45 11.62
CA THR A 101 32.68 10.49 12.47
C THR A 101 31.94 11.22 13.58
N ASN A 102 31.18 10.47 14.37
CA ASN A 102 30.44 11.07 15.48
C ASN A 102 31.38 11.47 16.60
N ASP A 103 32.32 10.57 16.94
CA ASP A 103 33.17 10.77 18.11
C ASP A 103 34.10 11.96 17.92
N ARG A 104 34.50 12.23 16.68
CA ARG A 104 35.23 13.47 16.40
C ARG A 104 34.28 14.66 16.44
N LEU A 105 33.06 14.49 15.92
CA LEU A 105 32.09 15.57 15.96
C LEU A 105 31.56 15.81 17.36
N ASN A 106 31.63 14.79 18.23
CA ASN A 106 31.21 14.98 19.62
C ASN A 106 32.17 15.85 20.42
N ALA A 107 33.39 16.08 19.92
CA ALA A 107 34.29 17.03 20.57
C ALA A 107 33.84 18.46 20.33
N ASP A 108 33.52 18.80 19.08
CA ASP A 108 33.15 20.17 18.73
C ASP A 108 31.63 20.35 18.77
N LEU A 109 31.00 19.97 19.87
CA LEU A 109 29.58 20.22 20.04
C LEU A 109 29.36 21.66 20.47
N ASN A 110 28.15 22.16 20.21
CA ASN A 110 27.72 23.56 20.33
C ASN A 110 28.52 24.51 19.47
N SER A 111 29.26 24.02 18.47
CA SER A 111 30.10 24.87 17.65
C SER A 111 29.31 25.34 16.43
N ILE A 112 29.32 26.66 16.20
CA ILE A 112 28.69 27.22 15.02
C ILE A 112 29.50 26.81 13.78
N PHE A 113 28.83 26.18 12.82
CA PHE A 113 27.38 25.99 12.77
C PHE A 113 27.01 24.51 12.77
N VAL A 114 25.75 24.20 12.48
CA VAL A 114 25.29 22.82 12.62
C VAL A 114 24.98 22.19 11.26
N ALA A 115 24.80 22.97 10.20
CA ALA A 115 24.33 22.46 8.92
C ALA A 115 25.35 21.61 8.18
N ILE A 116 26.57 21.47 8.71
CA ILE A 116 27.59 20.58 8.13
C ILE A 116 27.11 19.13 8.12
N GLU A 117 26.17 18.78 9.01
CA GLU A 117 25.55 17.47 9.02
C GLU A 117 24.89 17.14 7.68
N SER A 118 24.32 18.16 7.00
CA SER A 118 23.80 17.97 5.65
C SER A 118 24.90 17.53 4.71
N SER A 119 26.04 18.23 4.76
CA SER A 119 27.21 17.82 4.00
C SER A 119 27.74 16.48 4.50
N ALA A 120 27.53 16.17 5.78
CA ALA A 120 27.90 14.86 6.31
C ALA A 120 27.10 13.78 5.61
N TYR A 121 25.83 14.07 5.29
CA TYR A 121 25.03 13.08 4.60
C TYR A 121 25.43 12.96 3.14
N GLY A 122 26.25 13.87 2.63
CA GLY A 122 26.85 13.68 1.33
C GLY A 122 27.86 12.56 1.32
N TYR A 123 28.48 12.28 2.47
CA TYR A 123 29.63 11.34 2.46
C TYR A 123 29.25 9.89 2.26
N PRO A 124 28.36 9.26 3.04
CA PRO A 124 28.07 7.85 2.75
C PRO A 124 27.18 7.67 1.55
N SER A 125 26.55 8.75 1.09
CA SER A 125 25.67 8.70 -0.07
C SER A 125 26.42 8.74 -1.38
N GLU A 126 27.75 8.67 -1.37
CA GLU A 126 28.47 8.49 -2.63
C GLU A 126 28.13 7.13 -3.22
N ALA A 127 28.65 6.07 -2.58
CA ALA A 127 28.21 4.68 -2.61
C ALA A 127 27.66 4.13 -3.92
N ASP A 128 28.24 4.53 -5.05
CA ASP A 128 27.70 4.07 -6.33
C ASP A 128 28.27 2.72 -6.75
N ILE A 129 29.32 2.27 -6.09
CA ILE A 129 29.93 0.97 -6.35
C ILE A 129 30.01 0.26 -5.02
N LYS A 130 29.22 -0.81 -4.83
CA LYS A 130 28.34 -1.39 -5.85
C LYS A 130 27.02 -1.83 -5.20
N GLY A 131 25.90 -1.61 -5.90
CA GLY A 131 24.61 -2.00 -5.37
C GLY A 131 24.20 -1.10 -4.22
N LEU A 132 23.86 0.15 -4.54
CA LEU A 132 24.06 1.31 -3.68
C LEU A 132 23.41 1.21 -2.30
N PHE A 133 22.10 0.93 -2.25
CA PHE A 133 21.23 0.93 -1.07
C PHE A 133 21.20 2.28 -0.33
N ALA A 134 21.71 3.34 -0.95
CA ALA A 134 21.76 4.70 -0.44
C ALA A 134 20.48 5.44 -0.82
N ASP A 135 20.59 6.79 -0.87
CA ASP A 135 19.51 7.70 -1.22
C ASP A 135 18.40 7.64 -0.18
N PHE A 136 18.81 7.73 1.07
CA PHE A 136 18.02 7.29 2.20
C PHE A 136 17.81 8.35 3.27
N ASP A 137 18.82 9.15 3.57
CA ASP A 137 18.90 9.85 4.85
C ASP A 137 18.37 11.28 4.76
N THR A 138 17.30 11.49 4.00
CA THR A 138 16.73 12.82 3.79
C THR A 138 15.69 13.17 4.86
N THR A 139 15.82 12.60 6.05
CA THR A 139 14.82 12.81 7.10
C THR A 139 15.02 14.15 7.79
N SER A 140 16.24 14.44 8.24
CA SER A 140 16.51 15.59 9.09
C SER A 140 16.56 16.87 8.25
N ASN A 141 15.38 17.42 8.00
CA ASN A 141 15.26 18.72 7.35
C ASN A 141 15.33 19.82 8.40
N ARG A 142 14.97 21.05 8.03
CA ARG A 142 15.25 22.22 8.87
C ARG A 142 14.00 23.05 9.13
N LEU A 143 13.35 22.79 10.27
CA LEU A 143 12.34 23.69 10.84
C LEU A 143 12.22 23.49 12.35
N GLY A 144 12.68 24.47 13.14
CA GLY A 144 13.51 25.57 12.67
C GLY A 144 12.82 26.88 12.31
N ASN A 145 13.22 27.95 12.99
CA ASN A 145 12.85 29.30 12.58
C ASN A 145 14.01 30.29 12.52
N THR A 146 15.04 30.14 13.34
CA THR A 146 16.27 30.91 13.19
C THR A 146 17.43 29.92 13.17
N VAL A 147 18.59 30.42 12.74
CA VAL A 147 19.77 29.55 12.65
C VAL A 147 20.28 29.18 14.04
N LYS A 148 20.10 30.10 15.01
CA LYS A 148 20.58 29.81 16.36
C LYS A 148 19.65 28.85 17.07
N ASP A 149 18.35 28.91 16.75
CA ASP A 149 17.39 27.90 17.15
C ASP A 149 17.80 26.52 16.65
N LYS A 150 18.20 26.45 15.37
CA LYS A 150 18.65 25.19 14.79
C LYS A 150 19.90 24.67 15.46
N ASN A 151 20.87 25.58 15.70
CA ASN A 151 22.12 25.20 16.34
C ASN A 151 21.88 24.67 17.75
N ALA A 152 21.13 25.41 18.57
CA ALA A 152 20.91 25.03 19.95
C ALA A 152 20.07 23.76 20.06
N ARG A 153 19.04 23.65 19.22
CA ARG A 153 18.16 22.48 19.28
C ARG A 153 18.89 21.21 18.84
N LEU A 154 19.57 21.27 17.69
CA LEU A 154 20.25 20.07 17.20
C LEU A 154 21.45 19.71 18.06
N ALA A 155 22.10 20.71 18.67
CA ALA A 155 23.19 20.40 19.57
C ALA A 155 22.68 19.78 20.87
N ALA A 156 21.50 20.22 21.33
CA ALA A 156 20.91 19.61 22.52
C ALA A 156 20.48 18.18 22.24
N VAL A 157 19.98 17.93 21.02
CA VAL A 157 19.60 16.57 20.63
C VAL A 157 20.83 15.66 20.55
N LEU A 158 21.93 16.17 19.96
CA LEU A 158 23.16 15.39 19.88
C LEU A 158 23.77 15.15 21.25
N LYS A 159 23.66 16.12 22.15
CA LYS A 159 24.18 15.95 23.51
C LYS A 159 23.36 14.92 24.27
N GLY A 160 22.04 14.98 24.14
CA GLY A 160 21.19 14.02 24.83
C GLY A 160 21.30 12.62 24.27
N VAL A 161 21.58 12.50 22.97
CA VAL A 161 21.72 11.17 22.41
C VAL A 161 23.13 10.65 22.66
N GLU A 162 24.08 11.53 22.95
CA GLU A 162 25.43 11.07 23.24
C GLU A 162 25.51 10.42 24.62
N GLY A 163 24.73 10.93 25.57
CA GLY A 163 24.72 10.40 26.93
C GLY A 163 24.05 9.06 27.10
N LEU A 164 23.52 8.46 26.04
CA LEU A 164 22.90 7.15 26.12
C LEU A 164 23.98 6.10 26.31
N LYS A 165 24.11 5.60 27.54
CA LYS A 165 25.16 4.65 27.89
C LYS A 165 24.73 3.27 27.43
N LEU A 166 25.06 2.94 26.18
CA LEU A 166 24.76 1.65 25.59
C LEU A 166 26.02 0.89 25.19
N GLY A 167 26.90 1.50 24.42
CA GLY A 167 28.10 0.83 23.96
C GLY A 167 27.87 -0.08 22.78
N ILE A 174 26.41 -8.51 23.00
CA ILE A 174 27.55 -7.63 23.23
C ILE A 174 27.13 -6.16 23.14
N ASP A 175 26.54 -5.80 22.01
CA ASP A 175 26.20 -4.42 21.67
C ASP A 175 24.76 -4.33 21.20
N LEU A 176 23.84 -4.91 21.98
CA LEU A 176 22.42 -4.82 21.68
C LEU A 176 21.95 -3.38 21.78
N PHE A 177 21.46 -2.86 20.65
CA PHE A 177 21.16 -1.43 20.52
C PHE A 177 19.71 -1.16 20.17
N GLY A 178 19.15 -1.88 19.20
CA GLY A 178 17.95 -1.42 18.55
C GLY A 178 16.64 -1.77 19.23
N ASP A 179 16.66 -2.36 20.42
CA ASP A 179 15.39 -2.63 21.09
C ASP A 179 14.78 -1.36 21.64
N ALA A 180 15.61 -0.38 22.00
CA ALA A 180 15.09 0.94 22.35
C ALA A 180 14.54 1.63 21.12
N TYR A 181 15.16 1.38 19.96
CA TYR A 181 14.58 1.82 18.70
C TYR A 181 13.23 1.16 18.45
N GLU A 182 13.10 -0.12 18.83
CA GLU A 182 11.82 -0.81 18.71
C GLU A 182 10.78 -0.18 19.64
N PHE A 183 11.22 0.25 20.82
CA PHE A 183 10.33 0.93 21.76
C PHE A 183 9.85 2.25 21.18
N LEU A 184 10.79 3.05 20.66
CA LEU A 184 10.44 4.37 20.18
C LEU A 184 9.57 4.28 18.94
N ILE A 185 9.80 3.28 18.10
CA ILE A 185 8.92 3.13 16.94
C ILE A 185 7.58 2.53 17.35
N SER A 186 7.53 1.82 18.48
CA SER A 186 6.25 1.31 18.96
C SER A 186 5.47 2.36 19.73
N ASN A 187 6.12 3.47 20.08
CA ASN A 187 5.51 4.50 20.92
C ASN A 187 4.57 5.43 20.16
N TYR A 188 4.27 5.12 18.90
CA TYR A 188 3.47 6.00 18.06
C TYR A 188 2.20 5.28 17.62
N ALA A 189 1.50 5.90 16.65
CA ALA A 189 0.06 5.72 16.42
C ALA A 189 -0.73 5.94 17.70
N ALA A 190 -0.30 6.95 18.47
CA ALA A 190 -0.80 7.20 19.81
C ALA A 190 -0.38 8.61 20.23
N GLU A 198 2.70 2.55 12.34
CA GLU A 198 1.38 2.20 12.86
C GLU A 198 1.39 0.86 13.59
N PHE A 199 0.24 0.19 13.53
CA PHE A 199 0.04 -1.09 14.19
C PHE A 199 0.88 -2.14 13.49
N PHE A 200 1.87 -2.70 14.18
CA PHE A 200 2.82 -3.59 13.51
C PHE A 200 2.66 -5.03 13.95
N THR A 201 3.00 -5.39 15.20
CA THR A 201 2.87 -6.71 15.82
C THR A 201 3.28 -6.58 17.28
N PRO A 202 2.59 -7.22 18.23
CA PRO A 202 3.22 -7.53 19.52
C PRO A 202 4.20 -8.68 19.33
N GLN A 203 5.47 -8.43 19.67
CA GLN A 203 6.59 -9.11 18.99
C GLN A 203 6.65 -10.61 19.29
N HIS A 204 6.00 -11.09 20.34
CA HIS A 204 5.92 -12.54 20.52
C HIS A 204 4.99 -13.19 19.51
N VAL A 205 4.02 -12.45 18.98
CA VAL A 205 3.21 -12.99 17.88
C VAL A 205 4.06 -13.11 16.62
N SER A 206 5.01 -12.18 16.44
CA SER A 206 5.94 -12.28 15.33
C SER A 206 6.88 -13.47 15.52
N LYS A 207 7.29 -13.72 16.76
CA LYS A 207 8.09 -14.90 17.05
C LYS A 207 7.28 -16.17 16.80
N LEU A 208 5.98 -16.12 17.07
CA LEU A 208 5.10 -17.25 16.78
C LEU A 208 5.03 -17.54 15.29
N ILE A 209 4.78 -16.50 14.48
CA ILE A 209 4.63 -16.75 13.05
C ILE A 209 5.99 -17.08 12.42
N ALA A 210 7.08 -16.63 13.05
CA ALA A 210 8.40 -17.11 12.68
C ALA A 210 8.52 -18.61 12.92
N GLN A 211 8.07 -19.08 14.09
CA GLN A 211 8.03 -20.51 14.35
C GLN A 211 7.02 -21.23 13.46
N LEU A 212 6.08 -20.49 12.86
CA LEU A 212 5.27 -21.11 11.82
C LEU A 212 6.05 -21.27 10.53
N ALA A 213 7.00 -20.37 10.27
CA ALA A 213 7.82 -20.53 9.07
C ALA A 213 8.80 -21.70 9.19
N MET A 214 9.12 -22.14 10.42
CA MET A 214 9.76 -23.41 10.72
C MET A 214 9.03 -24.58 10.03
N HIS A 215 9.71 -25.66 9.61
CA HIS A 215 10.97 -26.16 10.18
C HIS A 215 11.89 -27.00 9.31
N GLY A 216 13.16 -27.02 9.74
CA GLY A 216 14.17 -27.95 9.26
C GLY A 216 14.51 -27.83 7.80
N GLN A 217 14.50 -26.60 7.28
CA GLN A 217 14.64 -26.42 5.84
C GLN A 217 15.76 -25.41 5.58
N THR A 218 16.99 -25.91 5.52
CA THR A 218 18.13 -25.08 5.15
C THR A 218 18.10 -24.91 3.62
N HIS A 219 17.23 -24.00 3.19
CA HIS A 219 16.85 -23.93 1.78
C HIS A 219 16.59 -22.47 1.40
N VAL A 220 17.49 -21.92 0.59
CA VAL A 220 17.40 -20.56 0.06
C VAL A 220 16.09 -20.34 -0.70
N ASN A 221 15.35 -19.29 -0.32
CA ASN A 221 15.72 -18.36 0.75
C ASN A 221 14.67 -18.09 1.81
N LYS A 222 14.99 -17.07 2.61
CA LYS A 222 14.05 -16.34 3.43
C LYS A 222 14.47 -14.88 3.32
N ILE A 223 13.54 -13.92 3.39
CA ILE A 223 12.09 -14.07 3.44
C ILE A 223 11.48 -12.87 2.70
N TYR A 224 10.48 -13.13 1.85
CA TYR A 224 9.78 -12.04 1.20
C TYR A 224 8.62 -11.56 2.05
N ASP A 225 8.31 -10.27 1.95
CA ASP A 225 7.21 -9.71 2.71
C ASP A 225 6.48 -8.66 1.88
N PRO A 226 5.20 -8.89 1.58
CA PRO A 226 4.35 -7.81 1.08
C PRO A 226 3.77 -7.01 2.24
N ALA A 227 3.82 -5.68 2.09
CA ALA A 227 3.38 -4.72 3.11
C ALA A 227 4.05 -4.97 4.46
N ALA A 228 5.38 -4.82 4.49
CA ALA A 228 6.16 -5.25 5.64
C ALA A 228 5.94 -4.35 6.85
N GLY A 229 5.70 -3.08 6.64
CA GLY A 229 5.68 -2.14 7.76
C GLY A 229 7.08 -1.98 8.29
N SER A 230 7.26 -2.33 9.56
CA SER A 230 8.60 -2.40 10.12
C SER A 230 9.29 -3.69 9.72
N GLY A 231 10.58 -3.77 10.03
CA GLY A 231 11.32 -5.00 9.90
C GLY A 231 11.29 -5.87 11.12
N SER A 232 10.32 -5.63 12.01
CA SER A 232 10.23 -6.36 13.27
C SER A 232 9.89 -7.82 13.03
N LEU A 233 8.81 -8.08 12.29
CA LEU A 233 8.46 -9.45 11.95
C LEU A 233 9.42 -10.05 10.94
N LEU A 234 10.21 -9.22 10.26
CA LEU A 234 11.23 -9.67 9.34
C LEU A 234 12.58 -9.83 10.01
N LEU A 235 12.61 -10.20 11.28
CA LEU A 235 13.86 -10.21 12.01
C LEU A 235 14.20 -11.52 12.68
N GLN A 236 13.21 -12.25 13.19
CA GLN A 236 13.42 -13.17 14.30
C GLN A 236 14.22 -14.40 13.89
N ALA A 237 14.00 -14.89 12.68
CA ALA A 237 14.55 -16.18 12.27
C ALA A 237 16.06 -16.11 12.10
N LYS A 238 16.53 -15.26 11.17
CA LYS A 238 17.95 -15.18 10.91
C LYS A 238 18.71 -14.52 12.05
N LYS A 239 18.04 -13.69 12.87
CA LYS A 239 18.70 -13.21 14.07
C LYS A 239 18.88 -14.34 15.07
N GLN A 240 17.93 -15.28 15.09
CA GLN A 240 18.12 -16.52 15.83
C GLN A 240 19.03 -17.49 15.08
N PHE A 241 19.11 -17.38 13.76
CA PHE A 241 19.83 -18.34 12.93
C PHE A 241 20.98 -17.68 12.18
N ASP A 242 21.81 -16.91 12.91
CA ASP A 242 22.88 -16.09 12.32
C ASP A 242 23.87 -16.93 11.53
N ASN A 243 24.25 -18.08 12.07
CA ASN A 243 24.97 -19.08 11.30
C ASN A 243 24.35 -20.46 11.45
N HIS A 244 23.20 -20.57 12.09
CA HIS A 244 22.47 -21.83 12.13
C HIS A 244 21.95 -22.17 10.75
N ILE A 245 21.15 -21.28 10.17
CA ILE A 245 20.71 -21.43 8.80
C ILE A 245 21.42 -20.35 8.00
N ILE A 246 21.72 -20.64 6.75
CA ILE A 246 22.45 -19.73 5.87
C ILE A 246 21.83 -19.77 4.47
N GLU A 247 20.95 -18.82 4.18
CA GLU A 247 20.25 -18.84 2.90
C GLU A 247 20.53 -17.63 2.03
N GLU A 248 20.15 -16.43 2.48
CA GLU A 248 20.23 -15.19 1.70
C GLU A 248 19.73 -14.07 2.61
N GLY A 249 19.94 -12.81 2.19
CA GLY A 249 19.29 -11.69 2.82
C GLY A 249 17.80 -11.61 2.50
N PHE A 250 17.20 -10.52 2.96
CA PHE A 250 15.74 -10.40 3.00
C PHE A 250 15.26 -9.45 1.91
N PHE A 251 14.06 -9.73 1.40
CA PHE A 251 13.41 -8.94 0.36
C PHE A 251 12.05 -8.50 0.90
N GLY A 252 11.51 -7.42 0.34
CA GLY A 252 10.18 -7.02 0.72
C GLY A 252 9.74 -5.75 0.04
N GLN A 253 8.55 -5.29 0.40
CA GLN A 253 7.93 -4.14 -0.22
C GLN A 253 6.97 -3.50 0.78
N GLU A 254 6.90 -2.16 0.75
CA GLU A 254 6.10 -1.46 1.74
C GLU A 254 5.55 -0.19 1.12
N ILE A 255 4.36 0.21 1.58
CA ILE A 255 3.56 1.26 0.97
C ILE A 255 4.11 2.65 1.23
N ASN A 256 4.18 3.06 2.50
CA ASN A 256 4.42 4.45 2.85
C ASN A 256 5.89 4.82 2.63
N HIS A 257 6.16 6.12 2.53
CA HIS A 257 7.52 6.59 2.29
C HIS A 257 8.34 6.59 3.58
N THR A 258 7.84 7.27 4.61
CA THR A 258 8.59 7.35 5.86
C THR A 258 8.62 6.00 6.58
N THR A 259 7.60 5.18 6.37
CA THR A 259 7.64 3.83 6.93
C THR A 259 8.69 2.99 6.23
N TYR A 260 8.85 3.19 4.93
CA TYR A 260 9.93 2.58 4.16
C TYR A 260 11.29 3.00 4.70
N ASN A 261 11.43 4.28 5.03
CA ASN A 261 12.70 4.78 5.56
C ASN A 261 13.02 4.18 6.92
N LEU A 262 12.04 4.19 7.83
CA LEU A 262 12.29 3.63 9.15
C LEU A 262 12.47 2.12 9.08
N ALA A 263 11.86 1.47 8.09
CA ALA A 263 12.06 0.04 7.89
C ALA A 263 13.48 -0.25 7.43
N ARG A 264 14.02 0.57 6.53
CA ARG A 264 15.38 0.31 6.06
C ARG A 264 16.40 0.56 7.15
N MET A 265 16.18 1.58 7.98
CA MET A 265 17.14 1.79 9.05
C MET A 265 16.94 0.77 10.17
N ASN A 266 15.70 0.27 10.33
CA ASN A 266 15.41 -0.78 11.29
C ASN A 266 16.15 -2.06 10.93
N MET A 267 16.07 -2.44 9.67
CA MET A 267 16.77 -3.65 9.24
C MET A 267 18.28 -3.40 9.17
N PHE A 268 18.68 -2.13 9.08
CA PHE A 268 20.11 -1.87 9.00
C PHE A 268 20.77 -1.87 10.37
N LEU A 269 20.01 -1.58 11.44
CA LEU A 269 20.60 -1.50 12.77
C LEU A 269 21.09 -2.84 13.29
N HIS A 270 20.47 -3.94 12.88
CA HIS A 270 20.65 -5.20 13.57
C HIS A 270 21.83 -6.02 13.05
N ASN A 271 22.84 -5.35 12.51
CA ASN A 271 24.15 -5.94 12.16
C ASN A 271 23.97 -7.03 11.10
N ILE A 272 23.31 -6.65 10.02
CA ILE A 272 22.95 -7.59 8.97
C ILE A 272 23.77 -7.25 7.73
N ASN A 273 24.15 -8.29 6.99
CA ASN A 273 25.07 -8.15 5.87
C ASN A 273 24.47 -7.32 4.74
N TYR A 274 25.35 -6.65 4.00
CA TYR A 274 24.99 -5.76 2.91
C TYR A 274 24.50 -6.50 1.68
N ASP A 275 24.68 -7.83 1.65
CA ASP A 275 24.75 -8.70 0.47
C ASP A 275 23.74 -8.45 -0.65
N LYS A 276 22.45 -8.66 -0.38
CA LYS A 276 21.38 -8.25 -1.27
C LYS A 276 20.24 -7.64 -0.46
N PHE A 277 20.49 -7.37 0.81
CA PHE A 277 19.50 -7.18 1.85
C PHE A 277 18.74 -5.87 1.74
N ASP A 278 17.49 -5.89 1.26
CA ASP A 278 16.82 -4.64 0.93
C ASP A 278 15.30 -4.82 0.94
N ILE A 279 14.62 -3.68 0.83
CA ILE A 279 13.20 -3.59 0.48
C ILE A 279 13.07 -2.49 -0.56
N LYS A 280 12.24 -2.72 -1.58
CA LYS A 280 11.89 -1.68 -2.53
C LYS A 280 10.55 -1.04 -2.16
N LEU A 281 10.36 0.18 -2.61
CA LEU A 281 9.17 0.96 -2.33
C LEU A 281 8.12 0.73 -3.41
N GLY A 282 6.85 0.69 -3.00
CA GLY A 282 5.75 0.56 -3.91
C GLY A 282 4.59 -0.16 -3.25
N ASN A 283 3.67 -0.63 -4.09
CA ASN A 283 2.52 -1.39 -3.62
C ASN A 283 2.46 -2.67 -4.41
N THR A 284 2.10 -3.77 -3.74
CA THR A 284 2.10 -5.07 -4.43
C THR A 284 0.95 -5.17 -5.40
N LEU A 285 -0.15 -4.44 -5.13
CA LEU A 285 -1.28 -4.46 -6.03
C LEU A 285 -1.02 -3.64 -7.29
N THR A 286 -0.10 -2.69 -7.24
CA THR A 286 0.20 -1.83 -8.37
C THR A 286 1.55 -2.11 -9.00
N GLU A 287 2.58 -2.36 -8.20
CA GLU A 287 3.92 -2.66 -8.70
C GLU A 287 4.42 -3.98 -8.11
N PRO A 288 3.88 -5.12 -8.57
CA PRO A 288 4.33 -6.40 -7.98
C PRO A 288 5.74 -6.78 -8.43
N HIS A 289 6.69 -6.64 -7.53
CA HIS A 289 8.07 -6.93 -7.86
C HIS A 289 8.76 -7.45 -6.59
N PHE A 290 9.56 -8.51 -6.73
CA PHE A 290 10.10 -8.99 -8.01
C PHE A 290 9.65 -10.36 -8.44
N ARG A 291 9.03 -10.39 -9.63
CA ARG A 291 8.63 -11.65 -10.24
C ARG A 291 9.84 -12.48 -10.61
N ASP A 292 10.83 -11.85 -11.23
CA ASP A 292 11.97 -12.58 -11.77
C ASP A 292 12.89 -13.08 -10.67
N GLU A 293 12.87 -12.41 -9.52
CA GLU A 293 13.65 -12.85 -8.37
C GLU A 293 12.77 -12.82 -7.13
N LYS A 294 12.24 -13.97 -6.69
CA LYS A 294 12.31 -15.28 -7.36
C LYS A 294 11.00 -15.93 -6.91
N PRO A 295 10.70 -17.16 -7.33
CA PRO A 295 9.73 -17.94 -6.53
C PRO A 295 10.29 -18.22 -5.15
N PHE A 296 9.71 -17.60 -4.13
CA PHE A 296 10.28 -17.60 -2.79
C PHE A 296 10.00 -18.90 -2.07
N ASP A 297 10.65 -19.06 -0.93
CA ASP A 297 10.63 -20.32 -0.20
C ASP A 297 9.95 -20.19 1.16
N ALA A 298 9.76 -18.96 1.66
CA ALA A 298 9.08 -18.70 2.92
C ALA A 298 8.70 -17.23 2.94
N ILE A 299 7.48 -16.95 3.41
CA ILE A 299 6.96 -15.59 3.48
C ILE A 299 6.16 -15.44 4.76
N VAL A 300 6.25 -14.25 5.37
CA VAL A 300 5.31 -13.81 6.40
C VAL A 300 4.89 -12.40 6.05
N SER A 301 3.78 -11.95 6.65
CA SER A 301 3.25 -10.63 6.34
C SER A 301 2.26 -10.20 7.41
N ASN A 302 2.04 -8.89 7.48
CA ASN A 302 0.93 -8.32 8.22
C ASN A 302 0.20 -7.35 7.28
N PRO A 303 -0.73 -7.85 6.48
CA PRO A 303 -1.49 -6.97 5.60
C PRO A 303 -2.50 -6.16 6.40
N PRO A 304 -2.61 -4.86 6.13
CA PRO A 304 -3.65 -4.07 6.79
C PRO A 304 -5.04 -4.46 6.29
N TYR A 305 -6.03 -4.09 7.06
CA TYR A 305 -7.39 -4.58 6.86
C TYR A 305 -8.26 -3.46 6.30
N SER A 306 -9.21 -3.84 5.43
CA SER A 306 -10.18 -2.94 4.79
C SER A 306 -9.46 -1.80 4.05
N VAL A 307 -8.75 -2.18 3.00
CA VAL A 307 -7.73 -1.35 2.38
C VAL A 307 -8.11 -0.98 0.95
N LYS A 308 -9.40 -0.69 0.75
CA LYS A 308 -10.09 -0.51 -0.53
C LYS A 308 -9.29 0.25 -1.57
N TRP A 309 -9.29 -0.28 -2.78
CA TRP A 309 -8.41 0.12 -3.86
C TRP A 309 -9.24 0.36 -5.12
N ILE A 310 -8.56 0.53 -6.25
CA ILE A 310 -9.23 1.00 -7.46
C ILE A 310 -10.10 -0.09 -8.06
N GLY A 311 -11.30 0.29 -8.48
CA GLY A 311 -12.28 -0.72 -8.81
C GLY A 311 -12.96 -0.61 -10.16
N SER A 312 -13.44 -1.74 -10.70
CA SER A 312 -13.19 -3.07 -10.10
C SER A 312 -12.61 -4.21 -10.99
N ASP A 313 -11.49 -4.03 -11.71
CA ASP A 313 -10.62 -2.86 -11.71
C ASP A 313 -10.61 -2.29 -13.13
N ASP A 314 -10.28 -1.01 -13.24
CA ASP A 314 -10.21 -0.36 -14.55
C ASP A 314 -9.13 -0.94 -15.46
N PRO A 315 -7.88 -1.26 -15.01
CA PRO A 315 -7.00 -2.03 -15.89
C PRO A 315 -7.36 -3.50 -15.95
N THR A 316 -6.51 -4.27 -16.62
CA THR A 316 -6.74 -5.68 -16.91
C THR A 316 -6.20 -6.59 -15.82
N LEU A 317 -6.21 -6.13 -14.57
CA LEU A 317 -5.59 -6.88 -13.47
C LEU A 317 -6.35 -8.15 -13.10
N ILE A 318 -7.51 -8.41 -13.72
CA ILE A 318 -8.05 -9.77 -13.73
C ILE A 318 -7.09 -10.69 -14.48
N ASN A 319 -6.58 -10.24 -15.61
CA ASN A 319 -5.80 -11.06 -16.52
C ASN A 319 -4.30 -10.98 -16.25
N ASP A 320 -3.91 -10.77 -14.99
CA ASP A 320 -2.50 -10.85 -14.63
C ASP A 320 -2.12 -12.31 -14.41
N GLU A 321 -0.95 -12.54 -13.80
CA GLU A 321 -0.49 -13.90 -13.60
C GLU A 321 -1.04 -14.53 -12.33
N ARG A 322 -1.70 -13.76 -11.46
CA ARG A 322 -2.04 -14.25 -10.14
C ARG A 322 -3.52 -14.18 -9.80
N PHE A 323 -4.31 -13.34 -10.48
CA PHE A 323 -5.72 -13.23 -10.11
C PHE A 323 -6.62 -13.96 -11.08
N ALA A 324 -6.17 -14.15 -12.32
CA ALA A 324 -6.82 -15.05 -13.26
C ALA A 324 -6.98 -16.49 -12.78
N PRO A 325 -6.04 -17.10 -12.01
CA PRO A 325 -6.38 -18.43 -11.46
C PRO A 325 -7.49 -18.41 -10.43
N ALA A 326 -7.75 -17.28 -9.78
CA ALA A 326 -8.84 -17.21 -8.82
C ALA A 326 -10.19 -17.25 -9.53
N GLY A 327 -10.44 -16.28 -10.38
CA GLY A 327 -11.70 -16.23 -11.12
C GLY A 327 -12.39 -14.89 -11.01
N VAL A 328 -12.07 -14.13 -9.96
CA VAL A 328 -12.69 -12.84 -9.72
C VAL A 328 -11.70 -12.04 -8.88
N LEU A 329 -11.87 -10.71 -8.87
CA LEU A 329 -10.97 -9.84 -8.14
C LEU A 329 -11.32 -9.81 -6.66
N ALA A 330 -10.65 -8.91 -5.94
CA ALA A 330 -10.99 -8.60 -4.55
C ALA A 330 -11.48 -7.15 -4.52
N PRO A 331 -12.79 -6.91 -4.52
CA PRO A 331 -13.29 -5.52 -4.51
C PRO A 331 -13.02 -4.73 -3.24
N LYS A 332 -13.62 -3.53 -3.19
CA LYS A 332 -13.18 -2.46 -2.29
C LYS A 332 -13.35 -2.84 -0.82
N SER A 333 -14.58 -3.16 -0.40
CA SER A 333 -14.81 -3.49 1.00
C SER A 333 -14.24 -4.85 1.39
N LYS A 334 -13.86 -5.66 0.40
CA LYS A 334 -13.31 -6.99 0.63
C LYS A 334 -11.90 -7.07 0.06
N ALA A 335 -11.08 -6.06 0.36
CA ALA A 335 -9.78 -5.87 -0.28
C ALA A 335 -8.66 -6.64 0.40
N ASP A 336 -8.98 -7.76 1.03
CA ASP A 336 -8.01 -8.44 1.87
C ASP A 336 -7.25 -9.51 1.10
N PHE A 337 -7.98 -10.41 0.42
CA PHE A 337 -7.36 -11.61 -0.11
C PHE A 337 -6.52 -11.39 -1.37
N ALA A 338 -6.48 -10.16 -1.89
CA ALA A 338 -5.51 -9.84 -2.93
C ALA A 338 -4.10 -10.05 -2.42
N PHE A 339 -3.86 -9.71 -1.15
CA PHE A 339 -2.56 -9.93 -0.54
C PHE A 339 -2.23 -11.41 -0.42
N VAL A 340 -3.21 -12.25 -0.09
CA VAL A 340 -2.87 -13.66 0.10
C VAL A 340 -2.72 -14.35 -1.25
N LEU A 341 -3.40 -13.84 -2.29
CA LEU A 341 -3.18 -14.37 -3.63
C LEU A 341 -1.79 -13.98 -4.14
N HIS A 342 -1.41 -12.71 -3.91
CA HIS A 342 -0.07 -12.25 -4.23
C HIS A 342 0.99 -13.00 -3.44
N ALA A 343 0.63 -13.44 -2.23
CA ALA A 343 1.52 -14.24 -1.42
C ALA A 343 1.71 -15.63 -2.01
N LEU A 344 0.60 -16.29 -2.36
CA LEU A 344 0.71 -17.67 -2.84
C LEU A 344 1.26 -17.74 -4.25
N ASN A 345 1.26 -16.61 -4.96
CA ASN A 345 1.94 -16.56 -6.25
C ASN A 345 3.44 -16.78 -6.10
N TYR A 346 4.06 -16.11 -5.12
CA TYR A 346 5.52 -16.12 -4.96
C TYR A 346 5.98 -17.24 -4.04
N LEU A 347 5.73 -18.48 -4.40
CA LEU A 347 6.00 -19.59 -3.50
C LEU A 347 6.72 -20.71 -4.25
N SER A 348 7.47 -21.50 -3.49
CA SER A 348 8.31 -22.55 -4.06
C SER A 348 7.47 -23.79 -4.39
N ALA A 349 8.15 -24.90 -4.62
CA ALA A 349 7.45 -26.17 -4.76
C ALA A 349 7.17 -26.82 -3.42
N LYS A 350 7.94 -26.48 -2.38
CA LYS A 350 7.81 -27.12 -1.08
C LYS A 350 7.58 -26.16 0.07
N GLY A 351 8.21 -24.99 0.07
CA GLY A 351 8.21 -24.10 1.22
C GLY A 351 6.88 -23.52 1.64
N ARG A 352 6.62 -23.57 2.93
CA ARG A 352 5.34 -23.15 3.47
C ARG A 352 5.25 -21.62 3.55
N ALA A 353 4.05 -21.15 3.88
CA ALA A 353 3.73 -19.73 3.95
C ALA A 353 2.82 -19.48 5.14
N ALA A 354 2.87 -18.27 5.67
CA ALA A 354 2.07 -17.93 6.83
C ALA A 354 1.70 -16.46 6.79
N ILE A 355 0.41 -16.18 6.84
CA ILE A 355 -0.09 -14.81 6.82
C ILE A 355 -1.07 -14.62 7.96
N VAL A 356 -1.41 -13.38 8.24
CA VAL A 356 -2.36 -13.03 9.28
C VAL A 356 -3.59 -12.41 8.62
N CYS A 357 -4.75 -12.69 9.20
CA CYS A 357 -6.00 -12.02 8.85
C CYS A 357 -6.83 -11.87 10.10
N PHE A 358 -8.02 -11.32 9.94
CA PHE A 358 -8.99 -11.33 11.00
C PHE A 358 -10.15 -12.23 10.60
N PRO A 359 -10.78 -12.93 11.54
CA PRO A 359 -11.77 -13.96 11.16
C PRO A 359 -13.07 -13.40 10.60
N GLY A 360 -13.22 -12.08 10.49
CA GLY A 360 -14.42 -11.53 9.89
C GLY A 360 -14.50 -11.76 8.40
N ILE A 361 -13.35 -12.02 7.75
CA ILE A 361 -13.42 -12.45 6.36
C ILE A 361 -13.75 -13.94 6.38
N PHE A 362 -15.05 -14.22 6.38
CA PHE A 362 -15.60 -15.51 6.75
C PHE A 362 -16.24 -16.21 5.57
N TYR A 363 -17.25 -15.59 4.98
CA TYR A 363 -17.75 -15.94 3.66
C TYR A 363 -17.89 -14.73 2.76
N ARG A 364 -18.37 -13.60 3.31
CA ARG A 364 -18.28 -12.25 2.75
C ARG A 364 -18.87 -12.15 1.34
N GLY A 365 -19.99 -12.82 1.13
CA GLY A 365 -20.63 -12.80 -0.16
C GLY A 365 -19.95 -13.73 -1.17
N GLY A 366 -20.62 -13.89 -2.32
CA GLY A 366 -20.25 -14.93 -3.26
C GLY A 366 -18.91 -14.74 -3.93
N ALA A 367 -18.47 -13.49 -4.05
CA ALA A 367 -17.14 -13.20 -4.59
C ALA A 367 -16.05 -13.79 -3.71
N GLU A 368 -16.10 -13.48 -2.41
CA GLU A 368 -15.14 -14.07 -1.50
C GLU A 368 -15.39 -15.56 -1.31
N GLN A 369 -16.62 -16.02 -1.53
CA GLN A 369 -16.90 -17.45 -1.48
C GLN A 369 -16.16 -18.19 -2.61
N LYS A 370 -16.18 -17.65 -3.82
CA LYS A 370 -15.48 -18.34 -4.89
C LYS A 370 -13.96 -18.13 -4.79
N ILE A 371 -13.53 -17.04 -4.15
CA ILE A 371 -12.12 -16.92 -3.78
C ILE A 371 -11.72 -18.04 -2.83
N ARG A 372 -12.55 -18.28 -1.81
CA ARG A 372 -12.34 -19.41 -0.90
C ARG A 372 -12.42 -20.73 -1.63
N GLN A 373 -13.25 -20.81 -2.67
CA GLN A 373 -13.37 -22.04 -3.47
C GLN A 373 -12.06 -22.35 -4.18
N TYR A 374 -11.44 -21.33 -4.79
CA TYR A 374 -10.15 -21.57 -5.42
C TYR A 374 -9.05 -21.78 -4.38
N LEU A 375 -9.24 -21.26 -3.17
CA LEU A 375 -8.27 -21.54 -2.11
C LEU A 375 -8.36 -23.00 -1.66
N VAL A 376 -9.58 -23.52 -1.55
CA VAL A 376 -9.75 -24.91 -1.15
C VAL A 376 -9.76 -25.86 -2.34
N ASP A 377 -9.44 -25.35 -3.53
CA ASP A 377 -9.34 -26.17 -4.74
C ASP A 377 -8.32 -27.29 -4.57
N ASN A 378 -7.31 -27.06 -3.76
CA ASN A 378 -6.32 -28.08 -3.40
C ASN A 378 -6.09 -28.00 -1.91
N ASN A 379 -5.00 -28.58 -1.43
CA ASN A 379 -4.54 -28.30 -0.08
C ASN A 379 -3.57 -27.12 -0.04
N TYR A 380 -3.84 -26.14 -0.91
CA TYR A 380 -3.23 -24.81 -0.79
C TYR A 380 -3.38 -24.28 0.62
N VAL A 381 -4.61 -24.13 1.09
CA VAL A 381 -4.82 -23.76 2.48
C VAL A 381 -4.62 -24.99 3.36
N GLU A 382 -3.50 -25.03 4.08
CA GLU A 382 -3.23 -26.20 4.91
C GLU A 382 -3.90 -26.07 6.27
N THR A 383 -3.47 -25.10 7.08
CA THR A 383 -4.00 -24.97 8.44
C THR A 383 -4.43 -23.54 8.70
N VAL A 384 -5.36 -23.39 9.63
CA VAL A 384 -5.76 -22.09 10.14
C VAL A 384 -5.77 -22.15 11.66
N ILE A 385 -5.29 -21.08 12.29
CA ILE A 385 -5.20 -21.04 13.75
C ILE A 385 -5.71 -19.68 14.22
N SER A 386 -6.75 -19.70 15.03
CA SER A 386 -7.30 -18.47 15.58
C SER A 386 -6.48 -18.00 16.78
N LEU A 387 -6.63 -16.72 17.11
CA LEU A 387 -5.93 -16.09 18.21
C LEU A 387 -6.87 -15.11 18.90
N ALA A 388 -6.96 -15.24 20.22
CA ALA A 388 -7.96 -14.63 21.05
C ALA A 388 -7.82 -13.11 21.09
N PRO A 389 -8.93 -12.38 21.19
CA PRO A 389 -8.85 -10.91 21.27
C PRO A 389 -8.42 -10.46 22.67
N ASN A 390 -7.72 -9.33 22.72
CA ASN A 390 -7.22 -8.56 21.59
C ASN A 390 -5.86 -9.07 21.16
N LEU A 391 -4.94 -9.05 22.12
CA LEU A 391 -3.51 -9.27 21.93
C LEU A 391 -2.93 -8.29 20.91
N PHE A 392 -3.42 -7.05 20.93
CA PHE A 392 -2.91 -5.99 20.06
C PHE A 392 -3.00 -4.66 20.80
N PHE A 393 -2.82 -3.56 20.07
CA PHE A 393 -2.84 -2.22 20.64
C PHE A 393 -4.18 -1.58 20.31
N GLY A 394 -5.20 -1.95 21.10
CA GLY A 394 -6.51 -1.32 21.05
C GLY A 394 -7.25 -1.47 19.74
N THR A 395 -7.31 -2.68 19.20
CA THR A 395 -7.89 -2.85 17.86
C THR A 395 -9.42 -2.99 17.83
N THR A 396 -10.06 -3.95 18.55
CA THR A 396 -9.70 -4.71 19.75
C THR A 396 -9.96 -6.19 19.43
N ILE A 397 -10.08 -6.47 18.13
CA ILE A 397 -10.63 -7.73 17.65
C ILE A 397 -9.64 -8.88 17.74
N ALA A 398 -10.17 -10.10 17.59
CA ALA A 398 -9.38 -11.30 17.46
C ALA A 398 -8.73 -11.36 16.10
N VAL A 399 -7.79 -12.29 15.93
CA VAL A 399 -7.17 -12.51 14.63
C VAL A 399 -7.09 -14.01 14.37
N ASN A 400 -6.55 -14.36 13.21
CA ASN A 400 -6.21 -15.74 12.89
C ASN A 400 -5.08 -15.72 11.89
N ILE A 401 -4.39 -16.85 11.81
CA ILE A 401 -3.25 -16.99 10.91
C ILE A 401 -3.53 -18.17 9.98
N LEU A 402 -3.20 -17.97 8.71
CA LEU A 402 -3.39 -18.96 7.68
C LEU A 402 -2.03 -19.46 7.24
N VAL A 403 -1.81 -20.77 7.34
CA VAL A 403 -0.55 -21.38 6.93
C VAL A 403 -0.85 -22.24 5.72
N LEU A 404 -0.15 -21.95 4.64
CA LEU A 404 -0.37 -22.50 3.32
C LEU A 404 0.85 -23.31 2.89
N SER A 405 0.62 -24.31 2.06
CA SER A 405 1.74 -25.10 1.56
C SER A 405 1.33 -25.79 0.27
N LYS A 406 2.29 -25.91 -0.65
CA LYS A 406 2.20 -26.90 -1.71
C LYS A 406 2.96 -28.16 -1.32
N HIS A 407 2.65 -28.65 -0.12
CA HIS A 407 3.31 -29.78 0.52
C HIS A 407 2.21 -30.54 1.25
N LYS A 408 1.64 -31.53 0.56
CA LYS A 408 0.31 -32.01 0.88
C LYS A 408 0.34 -33.43 1.42
N THR A 409 -0.79 -33.83 1.99
CA THR A 409 -1.01 -35.19 2.51
C THR A 409 -2.15 -35.95 1.85
N ASP A 410 -3.42 -35.46 1.76
CA ASP A 410 -3.98 -34.15 2.09
C ASP A 410 -5.40 -34.16 2.65
N THR A 411 -5.60 -33.39 3.72
CA THR A 411 -6.93 -33.04 4.20
C THR A 411 -6.82 -31.70 4.91
N ASN A 412 -7.93 -30.98 4.99
CA ASN A 412 -7.91 -29.71 5.69
C ASN A 412 -7.96 -29.93 7.19
N VAL A 413 -7.32 -29.01 7.93
CA VAL A 413 -7.14 -29.13 9.37
C VAL A 413 -7.28 -27.76 10.00
N GLN A 414 -8.42 -27.51 10.64
CA GLN A 414 -8.72 -26.20 11.22
C GLN A 414 -8.38 -26.20 12.71
N PHE A 415 -7.08 -26.09 13.00
CA PHE A 415 -6.64 -26.11 14.39
C PHE A 415 -6.73 -24.75 15.06
N ILE A 416 -7.92 -24.17 15.15
CA ILE A 416 -8.10 -22.84 15.73
C ILE A 416 -7.87 -22.88 17.23
N ASP A 417 -7.61 -21.71 17.84
CA ASP A 417 -7.28 -21.66 19.25
C ASP A 417 -7.93 -20.43 19.89
N ALA A 418 -8.65 -20.68 20.97
CA ALA A 418 -9.19 -19.66 21.86
C ALA A 418 -8.20 -19.34 22.97
N SER A 419 -8.74 -18.81 24.07
CA SER A 419 -8.10 -18.60 25.37
C SER A 419 -7.21 -19.77 25.80
N GLU A 420 -6.08 -19.52 26.49
CA GLU A 420 -5.80 -18.27 27.23
C GLU A 420 -4.53 -17.52 26.90
N LEU A 421 -4.70 -16.21 26.76
CA LEU A 421 -3.62 -15.23 26.79
C LEU A 421 -4.16 -13.97 27.44
N PHE A 422 -3.42 -13.42 28.38
CA PHE A 422 -3.81 -12.14 28.95
C PHE A 422 -3.50 -11.03 27.94
N LYS A 423 -4.16 -9.89 28.08
CA LYS A 423 -4.17 -9.06 26.88
C LYS A 423 -3.85 -7.57 27.07
N LYS A 424 -4.36 -6.93 28.12
CA LYS A 424 -4.63 -5.49 28.04
C LYS A 424 -3.72 -4.57 28.85
N GLU A 425 -3.34 -4.93 30.08
CA GLU A 425 -2.79 -3.95 31.02
C GLU A 425 -1.41 -3.42 30.64
N THR A 426 -0.40 -4.30 30.60
CA THR A 426 0.96 -3.90 30.24
C THR A 426 1.19 -4.06 28.74
N ASN A 427 1.10 -5.31 28.24
CA ASN A 427 1.17 -5.50 26.80
C ASN A 427 -0.12 -6.09 26.24
N ASN A 428 -0.68 -7.22 26.72
CA ASN A 428 -0.19 -8.37 27.52
C ASN A 428 -0.31 -9.55 26.52
N ASN A 429 0.14 -10.82 26.73
CA ASN A 429 0.42 -11.55 27.99
C ASN A 429 1.84 -11.42 28.66
N ILE A 430 3.01 -11.59 28.01
CA ILE A 430 3.23 -11.87 26.59
C ILE A 430 4.47 -12.76 26.29
N LEU A 431 4.30 -13.94 25.69
CA LEU A 431 3.11 -14.79 25.79
C LEU A 431 3.60 -16.25 25.82
N THR A 432 3.66 -16.80 27.03
CA THR A 432 3.44 -18.22 27.35
C THR A 432 4.16 -19.18 26.40
N ASP A 433 5.49 -19.21 26.52
CA ASP A 433 6.34 -19.98 25.60
C ASP A 433 5.99 -21.47 25.58
N ALA A 434 5.51 -22.02 26.69
CA ALA A 434 5.06 -23.40 26.69
C ALA A 434 3.77 -23.56 25.89
N HIS A 435 2.92 -22.53 25.87
CA HIS A 435 1.65 -22.62 25.14
C HIS A 435 1.89 -22.63 23.64
N ILE A 436 2.79 -21.77 23.16
CA ILE A 436 3.13 -21.79 21.74
C ILE A 436 3.97 -23.01 21.42
N GLU A 437 4.75 -23.51 22.38
CA GLU A 437 5.51 -24.74 22.16
C GLU A 437 4.58 -25.93 21.99
N GLN A 438 3.54 -26.01 22.81
CA GLN A 438 2.62 -27.13 22.66
C GLN A 438 1.69 -26.95 21.47
N ILE A 439 1.45 -25.71 21.04
CA ILE A 439 0.66 -25.57 19.81
C ILE A 439 1.52 -25.92 18.59
N MET A 440 2.84 -25.76 18.70
CA MET A 440 3.72 -26.30 17.66
C MET A 440 3.76 -27.82 17.73
N GLN A 441 3.65 -28.38 18.93
CA GLN A 441 3.56 -29.83 19.08
C GLN A 441 2.28 -30.37 18.45
N VAL A 442 1.18 -29.64 18.58
CA VAL A 442 -0.07 -29.99 17.91
C VAL A 442 0.08 -29.86 16.41
N PHE A 443 0.73 -28.78 15.96
CA PHE A 443 0.95 -28.55 14.55
C PHE A 443 1.90 -29.57 13.92
N ALA A 444 2.72 -30.24 14.73
CA ALA A 444 3.70 -31.19 14.23
C ALA A 444 3.03 -32.38 13.55
N SER A 445 2.31 -33.19 14.32
CA SER A 445 1.61 -34.34 13.74
C SER A 445 0.17 -34.38 14.24
N LYS A 446 -0.67 -33.54 13.63
CA LYS A 446 -2.10 -33.73 13.35
C LYS A 446 -2.92 -34.47 14.40
N GLU A 447 -2.89 -34.00 15.64
CA GLU A 447 -3.64 -34.67 16.69
C GLU A 447 -5.11 -34.28 16.62
N ASP A 448 -5.93 -34.97 17.42
CA ASP A 448 -7.35 -34.64 17.51
C ASP A 448 -7.66 -34.47 19.00
N VAL A 449 -7.46 -33.25 19.49
CA VAL A 449 -7.54 -32.96 20.91
C VAL A 449 -8.81 -32.17 21.15
N ALA A 450 -9.73 -32.76 21.92
CA ALA A 450 -10.93 -32.04 22.33
C ALA A 450 -10.59 -31.00 23.38
N HIS A 451 -11.59 -30.17 23.71
CA HIS A 451 -11.47 -28.92 24.47
C HIS A 451 -10.47 -27.97 23.78
N LEU A 452 -10.38 -28.10 22.46
CA LEU A 452 -9.40 -27.54 21.54
C LEU A 452 -9.88 -28.02 20.18
N ALA A 453 -9.30 -27.48 19.12
CA ALA A 453 -9.73 -27.87 17.80
C ALA A 453 -9.07 -29.18 17.37
N LYS A 454 -9.43 -29.65 16.19
CA LYS A 454 -8.93 -30.93 15.68
C LYS A 454 -8.95 -30.90 14.17
N SER A 455 -8.68 -32.06 13.58
CA SER A 455 -8.75 -32.21 12.14
C SER A 455 -10.20 -32.23 11.66
N VAL A 456 -10.39 -31.92 10.38
CA VAL A 456 -11.64 -32.10 9.66
C VAL A 456 -11.32 -32.80 8.34
N ALA A 457 -12.33 -32.94 7.50
CA ALA A 457 -12.18 -33.58 6.20
C ALA A 457 -12.50 -32.61 5.08
N PHE A 458 -12.11 -32.99 3.86
CA PHE A 458 -12.53 -32.25 2.68
C PHE A 458 -14.02 -32.39 2.47
N GLU A 459 -14.56 -33.55 2.82
CA GLU A 459 -16.01 -33.73 2.81
C GLU A 459 -16.70 -32.84 3.82
N THR A 460 -16.01 -32.55 4.94
CA THR A 460 -16.56 -31.64 5.93
C THR A 460 -16.58 -30.21 5.41
N VAL A 461 -15.54 -29.80 4.69
CA VAL A 461 -15.49 -28.41 4.25
C VAL A 461 -16.37 -28.19 3.03
N VAL A 462 -16.63 -29.24 2.24
CA VAL A 462 -17.62 -29.07 1.21
C VAL A 462 -19.02 -29.25 1.79
N ALA A 463 -19.12 -29.87 2.97
CA ALA A 463 -20.37 -29.84 3.71
C ALA A 463 -20.60 -28.45 4.31
N ASN A 464 -19.53 -27.78 4.71
CA ASN A 464 -19.63 -26.36 5.02
C ASN A 464 -19.79 -25.58 3.72
N ASP A 465 -20.16 -24.31 3.86
CA ASP A 465 -19.96 -23.38 2.77
C ASP A 465 -18.63 -22.65 2.95
N TYR A 466 -17.59 -23.45 3.21
CA TYR A 466 -16.19 -23.03 3.30
C TYR A 466 -16.03 -21.93 4.37
N ASN A 467 -16.27 -22.35 5.60
CA ASN A 467 -16.44 -21.45 6.73
C ASN A 467 -15.19 -21.48 7.59
N LEU A 468 -14.89 -20.35 8.23
CA LEU A 468 -13.53 -20.09 8.73
C LEU A 468 -13.58 -19.38 10.08
N SER A 469 -13.62 -20.12 11.19
CA SER A 469 -13.81 -21.57 11.28
C SER A 469 -14.75 -21.89 12.43
N VAL A 470 -15.97 -22.31 12.10
CA VAL A 470 -16.94 -22.67 13.15
C VAL A 470 -16.51 -23.97 13.83
N SER A 471 -16.35 -25.03 13.04
CA SER A 471 -15.73 -26.25 13.50
C SER A 471 -14.30 -25.95 13.97
N SER A 472 -13.88 -26.58 15.07
CA SER A 472 -14.60 -27.65 15.77
C SER A 472 -14.55 -27.53 17.29
N TYR A 473 -14.82 -26.35 17.83
CA TYR A 473 -14.85 -26.22 19.28
C TYR A 473 -16.13 -26.79 19.85
N VAL A 474 -16.00 -27.49 20.98
CA VAL A 474 -17.05 -28.37 21.49
C VAL A 474 -17.57 -27.93 22.85
N GLU A 475 -16.67 -27.53 23.76
CA GLU A 475 -17.02 -27.41 25.18
C GLU A 475 -17.94 -26.24 25.44
N ALA A 476 -18.92 -26.44 26.32
CA ALA A 476 -19.95 -25.43 26.59
C ALA A 476 -20.29 -25.24 28.05
N LYS A 477 -19.77 -26.07 28.96
CA LYS A 477 -19.92 -26.02 30.42
C LYS A 477 -21.40 -26.18 30.84
N ASP A 478 -22.24 -26.78 29.99
CA ASP A 478 -23.61 -27.07 30.38
C ASP A 478 -23.60 -28.27 31.31
N ASN A 479 -23.62 -28.01 32.62
CA ASN A 479 -23.36 -29.03 33.63
C ASN A 479 -24.66 -29.50 34.26
N ARG A 480 -24.79 -30.80 34.45
CA ARG A 480 -26.01 -31.37 34.99
C ARG A 480 -26.12 -31.12 36.49
N GLU A 481 -27.30 -31.44 37.01
CA GLU A 481 -27.60 -31.33 38.44
C GLU A 481 -28.37 -32.57 38.85
N ILE A 482 -28.99 -32.52 40.02
CA ILE A 482 -29.80 -33.62 40.55
C ILE A 482 -31.15 -33.02 40.95
N ILE A 483 -32.22 -33.72 40.58
CA ILE A 483 -33.58 -33.30 40.93
C ILE A 483 -33.74 -33.24 42.45
N ASP A 484 -33.46 -34.36 43.11
CA ASP A 484 -33.78 -34.50 44.52
C ASP A 484 -32.88 -33.63 45.39
N ILE A 485 -31.59 -33.57 45.06
CA ILE A 485 -30.66 -32.71 45.77
C ILE A 485 -31.02 -31.24 45.63
N ALA A 486 -31.55 -30.83 44.48
CA ALA A 486 -32.02 -29.47 44.36
C ALA A 486 -33.32 -29.23 45.12
N GLU A 487 -34.26 -30.18 45.08
CA GLU A 487 -35.59 -29.87 45.60
C GLU A 487 -35.62 -29.97 47.11
N LEU A 488 -34.81 -30.84 47.73
CA LEU A 488 -34.84 -30.87 49.19
C LEU A 488 -34.09 -29.68 49.75
N ASN A 489 -33.08 -29.20 49.01
CA ASN A 489 -32.46 -27.92 49.34
C ASN A 489 -33.47 -26.80 49.29
N ALA A 490 -34.27 -26.74 48.23
CA ALA A 490 -35.32 -25.74 48.12
C ALA A 490 -36.35 -25.88 49.24
N GLU A 491 -36.60 -27.12 49.68
CA GLU A 491 -37.44 -27.33 50.84
C GLU A 491 -36.81 -26.78 52.11
N LEU A 492 -35.48 -26.89 52.23
CA LEU A 492 -34.78 -26.26 53.36
C LEU A 492 -34.89 -24.74 53.29
N LYS A 493 -34.81 -24.18 52.08
CA LYS A 493 -35.04 -22.75 51.88
C LYS A 493 -36.42 -22.34 52.35
N THR A 494 -37.44 -23.15 52.06
CA THR A 494 -38.79 -22.84 52.51
C THR A 494 -38.91 -22.94 54.03
N THR A 495 -38.29 -23.96 54.62
CA THR A 495 -38.40 -24.13 56.07
C THR A 495 -37.68 -23.02 56.82
N VAL A 496 -36.68 -22.42 56.19
CA VAL A 496 -36.14 -21.17 56.72
C VAL A 496 -37.10 -20.02 56.48
N SER A 497 -37.69 -19.98 55.27
CA SER A 497 -38.37 -18.79 54.76
C SER A 497 -39.66 -18.51 55.52
N LYS A 498 -40.47 -19.54 55.71
CA LYS A 498 -41.79 -19.33 56.29
C LYS A 498 -41.70 -18.94 57.76
N ILE A 499 -40.77 -19.53 58.51
CA ILE A 499 -40.65 -19.14 59.92
C ILE A 499 -40.01 -17.77 60.04
N ASP A 500 -39.16 -17.39 59.08
CA ASP A 500 -38.64 -16.02 59.14
C ASP A 500 -39.70 -15.00 58.76
N GLN A 501 -40.62 -15.37 57.87
CA GLN A 501 -41.78 -14.51 57.59
C GLN A 501 -42.69 -14.42 58.81
N LEU A 502 -42.83 -15.52 59.55
CA LEU A 502 -43.57 -15.50 60.80
C LEU A 502 -42.92 -14.55 61.81
N ARG A 503 -41.59 -14.56 61.87
CA ARG A 503 -40.91 -13.67 62.80
C ARG A 503 -40.97 -12.22 62.35
N LYS A 504 -41.04 -11.98 61.04
CA LYS A 504 -41.33 -10.63 60.54
C LYS A 504 -42.73 -10.19 60.95
N ASP A 505 -43.69 -11.11 60.89
CA ASP A 505 -45.05 -10.80 61.32
C ASP A 505 -45.10 -10.52 62.82
N ILE A 506 -44.24 -11.19 63.59
CA ILE A 506 -44.03 -10.83 64.99
C ILE A 506 -43.48 -9.41 65.08
N ASP A 507 -42.55 -9.07 64.18
CA ASP A 507 -41.93 -7.75 64.21
C ASP A 507 -42.81 -6.68 63.59
N ALA A 508 -44.00 -7.03 63.11
CA ALA A 508 -44.94 -6.04 62.62
C ALA A 508 -45.70 -5.34 63.74
N ILE A 509 -45.39 -5.64 65.00
CA ILE A 509 -45.98 -4.94 66.12
C ILE A 509 -45.42 -3.53 66.17
N VAL A 510 -46.23 -2.56 65.79
CA VAL A 510 -45.82 -1.17 65.75
C VAL A 510 -46.74 -0.34 66.63
N ALA D 10 -31.32 26.28 5.62
CA ALA D 10 -31.37 24.92 5.12
C ALA D 10 -32.35 24.82 3.95
N GLU D 11 -33.06 25.92 3.71
CA GLU D 11 -34.10 25.99 2.68
C GLU D 11 -33.50 25.85 1.28
N LEU D 12 -32.72 26.83 0.86
CA LEU D 12 -31.79 26.69 -0.25
C LEU D 12 -30.35 26.57 0.22
N HIS D 13 -30.13 26.48 1.52
CA HIS D 13 -28.77 26.52 2.06
C HIS D 13 -28.15 25.14 2.07
N ARG D 14 -28.84 24.17 2.70
CA ARG D 14 -28.25 22.89 3.11
C ARG D 14 -27.65 22.11 1.95
N GLN D 15 -28.24 22.27 0.76
CA GLN D 15 -27.65 21.78 -0.47
C GLN D 15 -26.28 22.40 -0.73
N ILE D 16 -26.11 23.70 -0.46
CA ILE D 16 -24.83 24.34 -0.72
C ILE D 16 -23.82 23.99 0.37
N TRP D 17 -24.30 23.77 1.61
CA TRP D 17 -23.45 23.19 2.66
C TRP D 17 -22.90 21.82 2.21
N GLN D 18 -23.76 21.00 1.60
CA GLN D 18 -23.32 19.72 1.07
C GLN D 18 -22.40 19.88 -0.14
N ILE D 19 -22.59 20.94 -0.92
CA ILE D 19 -21.69 21.22 -2.05
C ILE D 19 -20.30 21.56 -1.54
N ALA D 20 -20.21 22.32 -0.44
CA ALA D 20 -18.93 22.59 0.19
C ALA D 20 -18.29 21.30 0.71
N ASN D 21 -19.12 20.41 1.25
CA ASN D 21 -18.64 19.09 1.64
C ASN D 21 -18.13 18.28 0.45
N ASP D 22 -18.72 18.49 -0.73
CA ASP D 22 -18.23 17.82 -1.93
C ASP D 22 -16.91 18.41 -2.39
N VAL D 23 -16.78 19.74 -2.27
CA VAL D 23 -15.57 20.46 -2.64
C VAL D 23 -14.40 20.13 -1.72
N ARG D 24 -14.67 19.58 -0.52
CA ARG D 24 -13.65 19.24 0.48
C ARG D 24 -12.49 18.35 0.00
N GLY D 25 -12.57 17.74 -1.18
CA GLY D 25 -11.44 17.00 -1.71
C GLY D 25 -10.26 17.90 -2.03
N SER D 26 -9.08 17.29 -2.24
CA SER D 26 -8.90 15.85 -2.37
C SER D 26 -7.69 15.28 -1.61
N VAL D 27 -7.21 16.02 -0.61
CA VAL D 27 -6.11 15.55 0.22
C VAL D 27 -6.49 15.88 1.66
N ASP D 28 -5.57 15.70 2.62
CA ASP D 28 -5.69 16.19 4.00
C ASP D 28 -6.18 17.62 4.06
N GLY D 29 -7.00 17.93 5.06
CA GLY D 29 -7.95 19.03 4.94
C GLY D 29 -7.31 20.41 5.01
N TRP D 30 -6.31 20.57 5.88
CA TRP D 30 -5.72 21.89 6.15
C TRP D 30 -5.02 22.46 4.92
N ASP D 31 -4.30 21.61 4.21
CA ASP D 31 -3.44 21.98 3.09
C ASP D 31 -4.24 22.59 1.95
N PHE D 32 -5.21 21.84 1.40
CA PHE D 32 -6.07 22.42 0.37
C PHE D 32 -7.04 23.44 0.95
N LYS D 33 -7.32 23.35 2.26
CA LYS D 33 -8.26 24.25 2.91
C LYS D 33 -7.75 25.68 2.90
N GLN D 34 -6.42 25.84 3.03
CA GLN D 34 -5.81 27.16 2.90
C GLN D 34 -6.11 27.78 1.54
N TYR D 35 -5.95 26.99 0.47
CA TYR D 35 -6.24 27.48 -0.87
C TYR D 35 -7.72 27.74 -1.07
N VAL D 36 -8.57 26.90 -0.45
CA VAL D 36 -10.02 27.09 -0.53
C VAL D 36 -10.43 28.42 0.10
N LEU D 37 -9.90 28.69 1.29
CA LEU D 37 -10.25 29.92 1.98
C LEU D 37 -9.71 31.14 1.25
N GLY D 38 -8.49 31.03 0.70
CA GLY D 38 -7.96 32.12 -0.11
C GLY D 38 -8.77 32.36 -1.36
N ALA D 39 -9.30 31.28 -1.95
CA ALA D 39 -10.09 31.41 -3.17
C ALA D 39 -11.41 32.12 -2.89
N LEU D 40 -12.13 31.67 -1.86
CA LEU D 40 -13.40 32.30 -1.54
C LEU D 40 -13.20 33.72 -1.02
N PHE D 41 -12.07 33.95 -0.35
CA PHE D 41 -11.70 35.27 0.13
C PHE D 41 -11.47 36.24 -1.03
N TYR D 42 -10.71 35.77 -2.03
CA TYR D 42 -10.46 36.57 -3.23
C TYR D 42 -11.73 36.82 -4.01
N ARG D 43 -12.60 35.81 -4.09
CA ARG D 43 -13.87 35.94 -4.78
C ARG D 43 -14.76 36.97 -4.10
N PHE D 44 -14.80 36.94 -2.77
CA PHE D 44 -15.68 37.85 -2.05
C PHE D 44 -15.17 39.28 -2.10
N ILE D 45 -13.84 39.46 -2.00
CA ILE D 45 -13.29 40.82 -2.12
C ILE D 45 -13.51 41.36 -3.52
N SER D 46 -13.37 40.50 -4.54
CA SER D 46 -13.59 40.94 -5.91
C SER D 46 -15.05 41.30 -6.14
N GLU D 47 -15.98 40.51 -5.61
CA GLU D 47 -17.39 40.81 -5.80
C GLU D 47 -17.81 42.04 -5.02
N ASN D 48 -17.27 42.24 -3.82
CA ASN D 48 -17.60 43.42 -3.03
C ASN D 48 -17.02 44.67 -3.67
N PHE D 49 -15.82 44.57 -4.23
CA PHE D 49 -15.19 45.72 -4.88
C PHE D 49 -15.94 46.08 -6.16
N SER D 50 -16.36 45.07 -6.92
CA SER D 50 -17.15 45.32 -8.11
C SER D 50 -18.52 45.89 -7.75
N SER D 51 -19.10 45.43 -6.64
CA SER D 51 -20.38 45.95 -6.17
C SER D 51 -20.24 47.40 -5.74
N TYR D 52 -19.09 47.76 -5.20
CA TYR D 52 -18.87 49.17 -4.85
C TYR D 52 -18.68 50.01 -6.11
N ILE D 53 -17.85 49.55 -7.04
CA ILE D 53 -17.46 50.44 -8.13
C ILE D 53 -18.52 50.48 -9.21
N GLU D 54 -19.44 49.52 -9.25
CA GLU D 54 -20.43 49.45 -10.32
C GLU D 54 -21.82 49.14 -9.78
N ALA D 55 -22.25 49.86 -8.75
CA ALA D 55 -23.63 49.79 -8.30
C ALA D 55 -24.47 50.81 -9.07
N GLY D 56 -24.79 50.44 -10.31
CA GLY D 56 -25.57 51.30 -11.19
C GLY D 56 -25.24 51.12 -12.66
N THR D 71 -22.36 52.12 -14.41
CA THR D 71 -22.73 51.03 -15.30
C THR D 71 -22.02 49.73 -14.92
N ASP D 72 -22.81 48.70 -14.62
CA ASP D 72 -22.25 47.40 -14.26
C ASP D 72 -21.62 46.71 -15.46
N ASP D 73 -20.39 46.26 -15.29
CA ASP D 73 -19.62 45.63 -16.37
C ASP D 73 -19.00 44.35 -15.83
N ILE D 74 -19.21 43.24 -16.55
CA ILE D 74 -18.54 41.99 -16.19
C ILE D 74 -17.04 42.12 -16.41
N LYS D 75 -16.64 42.59 -17.57
CA LYS D 75 -15.25 42.87 -17.89
C LYS D 75 -15.00 44.37 -17.80
N ASP D 76 -13.84 44.74 -17.27
CA ASP D 76 -13.56 46.14 -17.01
C ASP D 76 -12.39 46.62 -17.85
N ASP D 77 -11.92 47.83 -17.61
CA ASP D 77 -10.99 48.51 -18.51
C ASP D 77 -9.75 48.99 -17.75
N ALA D 78 -8.79 49.52 -18.52
CA ALA D 78 -7.63 50.20 -17.95
C ALA D 78 -7.86 51.71 -18.01
N ILE D 79 -8.71 52.16 -17.09
CA ILE D 79 -9.19 53.54 -17.15
C ILE D 79 -8.16 54.51 -16.56
N LYS D 80 -7.19 54.00 -15.79
CA LYS D 80 -5.90 54.58 -15.43
C LYS D 80 -6.00 55.73 -14.41
N THR D 81 -7.20 56.20 -14.07
CA THR D 81 -7.37 57.40 -13.24
C THR D 81 -7.02 57.11 -11.78
N LYS D 82 -5.74 57.33 -11.46
CA LYS D 82 -5.21 57.02 -10.14
C LYS D 82 -5.88 57.84 -9.04
N GLY D 83 -6.11 59.12 -9.31
CA GLY D 83 -6.77 59.99 -8.35
C GLY D 83 -8.12 59.44 -7.93
N TYR D 84 -8.83 58.85 -8.88
CA TYR D 84 -10.06 58.15 -8.53
C TYR D 84 -9.76 56.79 -7.90
N PHE D 85 -8.61 56.20 -8.23
CA PHE D 85 -8.28 54.89 -7.68
C PHE D 85 -7.97 54.97 -6.20
N ILE D 86 -7.39 56.08 -5.75
CA ILE D 86 -6.93 56.17 -4.36
C ILE D 86 -8.11 56.37 -3.40
N TYR D 87 -9.30 56.66 -3.92
CA TYR D 87 -10.43 56.94 -3.02
C TYR D 87 -11.05 55.67 -2.43
N PRO D 88 -11.19 54.54 -3.16
CA PRO D 88 -11.41 53.28 -2.42
C PRO D 88 -10.18 52.82 -1.67
N SER D 89 -8.98 53.24 -2.11
CA SER D 89 -7.79 53.00 -1.32
C SER D 89 -7.74 53.84 -0.06
N GLN D 90 -8.63 54.82 0.10
CA GLN D 90 -8.92 55.40 1.39
C GLN D 90 -10.16 54.80 2.02
N LEU D 91 -11.06 54.24 1.22
CA LEU D 91 -12.36 53.82 1.71
C LEU D 91 -12.37 52.34 2.08
N PHE D 92 -12.15 51.46 1.11
CA PHE D 92 -11.96 50.06 1.42
C PHE D 92 -10.51 49.72 1.68
N CYS D 93 -9.61 50.67 1.45
CA CYS D 93 -8.15 50.68 1.56
C CYS D 93 -7.49 49.91 0.43
N ASN D 94 -8.23 49.24 -0.44
CA ASN D 94 -7.60 48.40 -1.46
C ASN D 94 -8.30 48.52 -2.80
N VAL D 95 -7.56 48.94 -3.82
CA VAL D 95 -7.96 48.65 -5.18
C VAL D 95 -7.72 47.17 -5.40
N ALA D 96 -8.70 46.49 -5.99
CA ALA D 96 -8.43 45.11 -6.41
C ALA D 96 -7.38 45.15 -7.50
N ALA D 97 -7.76 45.67 -8.67
CA ALA D 97 -6.92 46.16 -9.76
C ALA D 97 -7.86 46.70 -10.82
N LYS D 98 -7.27 47.16 -11.92
CA LYS D 98 -8.04 47.39 -13.13
C LYS D 98 -8.66 46.08 -13.62
N ALA D 99 -7.81 45.11 -13.96
CA ALA D 99 -8.26 43.89 -14.61
C ALA D 99 -7.89 42.63 -13.86
N ASN D 100 -7.32 42.71 -12.67
CA ASN D 100 -6.97 41.51 -11.93
C ASN D 100 -8.04 41.13 -10.91
N THR D 101 -9.30 41.39 -11.24
CA THR D 101 -10.40 40.88 -10.44
C THR D 101 -10.60 39.39 -10.71
N ASN D 102 -11.50 38.78 -9.94
CA ASN D 102 -11.76 37.36 -10.13
C ASN D 102 -12.52 37.10 -11.43
N ASP D 103 -13.55 37.93 -11.69
CA ASP D 103 -14.45 37.69 -12.82
C ASP D 103 -13.72 37.85 -14.15
N ARG D 104 -12.72 38.72 -14.19
CA ARG D 104 -11.86 38.79 -15.37
C ARG D 104 -10.91 37.58 -15.40
N LEU D 105 -10.41 37.19 -14.23
CA LEU D 105 -9.53 36.03 -14.18
C LEU D 105 -10.28 34.73 -14.40
N ASN D 106 -11.59 34.73 -14.13
CA ASN D 106 -12.40 33.55 -14.38
C ASN D 106 -12.61 33.28 -15.87
N ALA D 107 -12.35 34.26 -16.73
CA ALA D 107 -12.39 34.01 -18.17
C ALA D 107 -11.19 33.19 -18.61
N ASP D 108 -9.99 33.57 -18.18
CA ASP D 108 -8.77 32.90 -18.60
C ASP D 108 -8.35 31.81 -17.62
N LEU D 109 -9.28 30.92 -17.29
CA LEU D 109 -8.95 29.78 -16.44
C LEU D 109 -8.29 28.70 -17.28
N ASN D 110 -7.52 27.84 -16.62
CA ASN D 110 -6.61 26.83 -17.18
C ASN D 110 -5.52 27.43 -18.06
N SER D 111 -5.26 28.74 -17.97
CA SER D 111 -4.28 29.37 -18.82
C SER D 111 -2.92 29.38 -18.13
N ILE D 112 -1.89 28.90 -18.84
CA ILE D 112 -0.54 28.95 -18.34
C ILE D 112 -0.08 30.40 -18.27
N PHE D 113 0.36 30.85 -17.10
CA PHE D 113 0.57 30.03 -15.90
C PHE D 113 -0.31 30.48 -14.76
N VAL D 114 -0.06 29.97 -13.56
CA VAL D 114 -0.96 30.24 -12.43
C VAL D 114 -0.32 31.14 -11.38
N ALA D 115 1.01 31.30 -11.38
CA ALA D 115 1.71 32.00 -10.31
C ALA D 115 1.48 33.51 -10.30
N ILE D 116 0.75 34.05 -11.29
CA ILE D 116 0.39 35.48 -11.32
C ILE D 116 -0.46 35.84 -10.09
N GLU D 117 -1.15 34.86 -9.50
CA GLU D 117 -1.88 35.08 -8.25
C GLU D 117 -0.97 35.60 -7.14
N SER D 118 0.29 35.16 -7.11
CA SER D 118 1.27 35.72 -6.17
C SER D 118 1.44 37.22 -6.41
N SER D 119 1.62 37.59 -7.67
CA SER D 119 1.67 38.99 -8.05
C SER D 119 0.33 39.68 -7.80
N ALA D 120 -0.77 38.90 -7.88
CA ALA D 120 -2.08 39.45 -7.54
C ALA D 120 -2.12 39.85 -6.08
N TYR D 121 -1.44 39.09 -5.21
CA TYR D 121 -1.41 39.45 -3.81
C TYR D 121 -0.50 40.64 -3.56
N GLY D 122 0.29 41.04 -4.54
CA GLY D 122 0.99 42.30 -4.43
C GLY D 122 0.07 43.51 -4.50
N TYR D 123 -1.08 43.34 -5.17
CA TYR D 123 -1.93 44.52 -5.45
C TYR D 123 -2.65 45.08 -4.24
N PRO D 124 -3.46 44.32 -3.46
CA PRO D 124 -4.10 44.97 -2.32
C PRO D 124 -3.15 45.20 -1.17
N SER D 125 -1.99 44.55 -1.18
CA SER D 125 -0.99 44.70 -0.14
C SER D 125 -0.17 45.97 -0.28
N GLU D 126 -0.49 46.86 -1.22
CA GLU D 126 0.16 48.16 -1.24
C GLU D 126 -0.22 48.93 0.02
N ALA D 127 -1.48 49.38 0.05
CA ALA D 127 -2.28 49.76 1.22
C ALA D 127 -1.56 50.45 2.38
N ASP D 128 -0.60 51.32 2.10
CA ASP D 128 0.14 51.95 3.17
C ASP D 128 -0.55 53.19 3.70
N ILE D 129 -1.55 53.71 2.98
CA ILE D 129 -2.32 54.86 3.40
C ILE D 129 -3.78 54.45 3.33
N LYS D 130 -4.45 54.32 4.48
CA LYS D 130 -3.90 54.62 5.81
C LYS D 130 -4.38 53.59 6.83
N GLY D 131 -3.51 53.18 7.74
CA GLY D 131 -3.88 52.20 8.75
C GLY D 131 -4.05 50.83 8.14
N LEU D 132 -2.93 50.22 7.75
CA LEU D 132 -2.85 49.28 6.62
C LEU D 132 -3.79 48.09 6.71
N PHE D 133 -3.74 47.34 7.83
CA PHE D 133 -4.42 46.07 8.08
C PHE D 133 -4.06 44.98 7.06
N ALA D 134 -3.03 45.18 6.25
CA ALA D 134 -2.53 44.26 5.24
C ALA D 134 -1.49 43.32 5.85
N ASP D 135 -0.62 42.79 4.98
CA ASP D 135 0.47 41.88 5.35
C ASP D 135 -0.11 40.55 5.85
N PHE D 136 -1.04 40.04 5.10
CA PHE D 136 -1.99 39.05 5.56
C PHE D 136 -2.04 37.78 4.74
N ASP D 137 -1.94 37.87 3.42
CA ASP D 137 -2.43 36.83 2.53
C ASP D 137 -1.33 35.88 2.09
N THR D 138 -0.41 35.54 3.00
CA THR D 138 0.71 34.66 2.70
C THR D 138 0.38 33.19 2.89
N THR D 139 -0.89 32.82 2.76
CA THR D 139 -1.30 31.45 3.01
C THR D 139 -0.98 30.53 1.84
N SER D 140 -1.37 30.92 0.64
CA SER D 140 -1.30 30.05 -0.53
C SER D 140 0.14 29.99 -1.05
N ASN D 141 0.92 29.11 -0.43
CA ASN D 141 2.27 28.81 -0.91
C ASN D 141 2.21 27.72 -1.97
N ARG D 142 3.35 27.13 -2.31
CA ARG D 142 3.45 26.27 -3.48
C ARG D 142 4.06 24.90 -3.16
N LEU D 143 3.19 23.92 -2.89
CA LEU D 143 3.56 22.51 -2.88
C LEU D 143 2.36 21.61 -3.17
N GLY D 144 2.32 20.99 -4.35
CA GLY D 144 3.22 21.28 -5.45
C GLY D 144 4.48 20.44 -5.62
N ASN D 145 4.59 19.80 -6.77
CA ASN D 145 5.86 19.17 -7.17
C ASN D 145 6.30 19.48 -8.59
N THR D 146 5.39 19.74 -9.53
CA THR D 146 5.75 20.27 -10.83
C THR D 146 4.89 21.50 -11.09
N VAL D 147 5.28 22.27 -12.10
CA VAL D 147 4.55 23.50 -12.41
C VAL D 147 3.19 23.16 -13.02
N LYS D 148 3.10 22.04 -13.76
CA LYS D 148 1.85 21.67 -14.37
C LYS D 148 0.89 21.08 -13.34
N ASP D 149 1.43 20.41 -12.34
CA ASP D 149 0.67 20.02 -11.16
C ASP D 149 0.05 21.23 -10.47
N LYS D 150 0.86 22.29 -10.31
CA LYS D 150 0.38 23.52 -9.68
C LYS D 150 -0.72 24.16 -10.52
N ASN D 151 -0.50 24.23 -11.84
CA ASN D 151 -1.47 24.83 -12.76
C ASN D 151 -2.81 24.08 -12.72
N ALA D 152 -2.76 22.76 -12.88
CA ALA D 152 -3.97 21.95 -12.94
C ALA D 152 -4.70 21.95 -11.60
N ARG D 153 -3.95 21.83 -10.50
CA ARG D 153 -4.58 21.78 -9.19
C ARG D 153 -5.22 23.10 -8.81
N LEU D 154 -4.50 24.22 -8.97
CA LEU D 154 -5.05 25.51 -8.59
C LEU D 154 -6.17 25.92 -9.53
N ALA D 155 -6.09 25.53 -10.80
CA ALA D 155 -7.18 25.83 -11.72
C ALA D 155 -8.42 25.01 -11.41
N ALA D 156 -8.24 23.77 -10.96
CA ALA D 156 -9.37 22.96 -10.54
C ALA D 156 -10.01 23.51 -9.28
N VAL D 157 -9.19 24.04 -8.37
CA VAL D 157 -9.72 24.66 -7.16
C VAL D 157 -10.49 25.93 -7.50
N LEU D 158 -9.96 26.75 -8.40
CA LEU D 158 -10.66 27.96 -8.81
C LEU D 158 -11.94 27.65 -9.56
N LYS D 159 -11.94 26.58 -10.36
CA LYS D 159 -13.15 26.20 -11.08
C LYS D 159 -14.21 25.68 -10.12
N GLY D 160 -13.81 24.87 -9.14
CA GLY D 160 -14.76 24.36 -8.17
C GLY D 160 -15.29 25.43 -7.23
N VAL D 161 -14.48 26.44 -6.94
CA VAL D 161 -14.97 27.50 -6.07
C VAL D 161 -15.78 28.50 -6.87
N GLU D 162 -15.61 28.53 -8.20
CA GLU D 162 -16.41 29.45 -9.00
C GLU D 162 -17.84 28.97 -9.12
N GLY D 163 -18.04 27.65 -9.16
CA GLY D 163 -19.38 27.09 -9.28
C GLY D 163 -20.25 27.17 -8.04
N LEU D 164 -19.76 27.74 -6.96
CA LEU D 164 -20.55 27.90 -5.74
C LEU D 164 -21.59 28.98 -5.97
N LYS D 165 -22.84 28.56 -6.17
CA LYS D 165 -23.93 29.48 -6.49
C LYS D 165 -24.41 30.12 -5.19
N LEU D 166 -23.78 31.23 -4.84
CA LEU D 166 -24.14 32.00 -3.65
C LEU D 166 -24.59 33.41 -3.98
N GLY D 167 -23.80 34.16 -4.75
CA GLY D 167 -24.15 35.53 -5.09
C GLY D 167 -23.85 36.52 -3.98
N ILE D 174 -29.19 39.38 2.04
CA ILE D 174 -29.03 39.56 0.61
C ILE D 174 -27.92 38.66 0.08
N ASP D 175 -26.73 38.80 0.65
CA ASP D 175 -25.52 38.13 0.19
C ASP D 175 -24.81 37.44 1.36
N LEU D 176 -25.57 36.65 2.12
CA LEU D 176 -25.01 35.86 3.20
C LEU D 176 -24.04 34.82 2.65
N PHE D 177 -22.78 34.93 3.07
CA PHE D 177 -21.69 34.15 2.48
C PHE D 177 -20.96 33.29 3.50
N GLY D 178 -20.61 33.86 4.65
CA GLY D 178 -19.58 33.24 5.48
C GLY D 178 -20.04 32.16 6.42
N ASP D 179 -21.30 31.73 6.37
CA ASP D 179 -21.70 30.64 7.25
C ASP D 179 -21.16 29.30 6.74
N ALA D 180 -20.95 29.18 5.43
CA ALA D 180 -20.24 28.01 4.92
C ALA D 180 -18.77 28.07 5.31
N TYR D 181 -18.22 29.28 5.39
CA TYR D 181 -16.89 29.46 5.95
C TYR D 181 -16.87 29.04 7.42
N GLU D 182 -17.94 29.33 8.16
CA GLU D 182 -18.04 28.89 9.54
C GLU D 182 -18.10 27.37 9.63
N PHE D 183 -18.78 26.74 8.67
CA PHE D 183 -18.83 25.28 8.60
C PHE D 183 -17.45 24.69 8.36
N LEU D 184 -16.75 25.25 7.38
CA LEU D 184 -15.46 24.70 6.99
C LEU D 184 -14.43 24.92 8.08
N ILE D 185 -14.52 26.04 8.79
CA ILE D 185 -13.59 26.23 9.89
C ILE D 185 -14.01 25.39 11.10
N SER D 186 -15.29 25.02 11.20
CA SER D 186 -15.70 24.14 12.28
C SER D 186 -15.42 22.68 11.97
N ASN D 187 -15.08 22.37 10.73
CA ASN D 187 -14.91 20.99 10.29
C ASN D 187 -13.54 20.41 10.68
N TYR D 188 -12.76 21.11 11.48
CA TYR D 188 -11.42 20.68 11.82
C TYR D 188 -11.30 20.47 13.32
N ALA D 189 -10.05 20.30 13.78
CA ALA D 189 -9.69 19.59 15.02
C ALA D 189 -10.33 18.20 15.05
N ALA D 190 -10.32 17.55 13.89
CA ALA D 190 -11.03 16.30 13.66
C ALA D 190 -10.50 15.67 12.37
N GLU D 198 -9.33 25.24 16.32
CA GLU D 198 -9.67 24.23 17.32
C GLU D 198 -11.08 24.43 17.88
N PHE D 199 -11.23 24.03 19.13
CA PHE D 199 -12.51 24.10 19.83
C PHE D 199 -12.86 25.56 20.07
N PHE D 200 -13.92 26.06 19.45
CA PHE D 200 -14.22 27.48 19.50
C PHE D 200 -15.44 27.79 20.34
N THR D 201 -16.66 27.42 19.90
CA THR D 201 -17.95 27.58 20.58
C THR D 201 -19.01 26.91 19.72
N PRO D 202 -19.98 26.20 20.30
CA PRO D 202 -21.25 25.97 19.59
C PRO D 202 -22.07 27.25 19.62
N GLN D 203 -22.42 27.77 18.44
CA GLN D 203 -22.59 29.21 18.24
C GLN D 203 -23.79 29.79 18.99
N HIS D 204 -24.75 28.95 19.42
CA HIS D 204 -25.81 29.46 20.27
C HIS D 204 -25.31 29.77 21.68
N VAL D 205 -24.23 29.12 22.12
CA VAL D 205 -23.61 29.50 23.38
C VAL D 205 -22.95 30.87 23.25
N SER D 206 -22.41 31.16 22.07
CA SER D 206 -21.85 32.48 21.80
C SER D 206 -22.96 33.53 21.77
N LYS D 207 -24.12 33.16 21.21
CA LYS D 207 -25.26 34.06 21.23
C LYS D 207 -25.74 34.29 22.66
N LEU D 208 -25.64 33.26 23.50
CA LEU D 208 -25.98 33.38 24.91
C LEU D 208 -25.07 34.36 25.62
N ILE D 209 -23.75 34.21 25.46
CA ILE D 209 -22.84 35.09 26.18
C ILE D 209 -22.87 36.50 25.59
N ALA D 210 -23.26 36.62 24.31
CA ALA D 210 -23.58 37.92 23.75
C ALA D 210 -24.75 38.56 24.49
N GLN D 211 -25.82 37.78 24.70
CA GLN D 211 -26.93 38.27 25.50
C GLN D 211 -26.55 38.47 26.97
N LEU D 212 -25.44 37.89 27.41
CA LEU D 212 -24.92 38.27 28.72
C LEU D 212 -24.24 39.63 28.66
N ALA D 213 -23.65 39.98 27.51
CA ALA D 213 -23.05 41.32 27.39
C ALA D 213 -24.10 42.42 27.34
N MET D 214 -25.34 42.10 26.97
CA MET D 214 -26.54 42.93 27.15
C MET D 214 -26.64 43.41 28.60
N HIS D 215 -27.19 44.61 28.89
CA HIS D 215 -28.18 45.32 28.08
C HIS D 215 -28.29 46.83 28.19
N GLY D 216 -28.87 47.41 27.14
CA GLY D 216 -29.34 48.78 27.11
C GLY D 216 -28.27 49.82 27.26
N GLN D 217 -27.08 49.56 26.71
CA GLN D 217 -25.94 50.44 26.97
C GLN D 217 -25.32 50.84 25.64
N THR D 218 -25.86 51.90 25.04
CA THR D 218 -25.28 52.49 23.83
C THR D 218 -24.05 53.29 24.25
N HIS D 219 -22.96 52.58 24.50
CA HIS D 219 -21.80 53.14 25.19
C HIS D 219 -20.52 52.51 24.64
N VAL D 220 -19.76 53.34 23.91
CA VAL D 220 -18.48 52.95 23.33
C VAL D 220 -17.51 52.45 24.41
N ASN D 221 -16.95 51.25 24.21
CA ASN D 221 -17.20 50.42 23.03
C ASN D 221 -17.57 48.98 23.30
N LYS D 222 -17.55 48.23 22.20
CA LYS D 222 -17.48 46.78 22.17
C LYS D 222 -16.54 46.44 21.02
N ILE D 223 -15.77 45.35 21.12
CA ILE D 223 -15.61 44.44 22.25
C ILE D 223 -14.16 43.93 22.23
N TYR D 224 -13.51 43.92 23.39
CA TYR D 224 -12.17 43.35 23.46
C TYR D 224 -12.24 41.86 23.75
N ASP D 225 -11.26 41.11 23.25
CA ASP D 225 -11.22 39.68 23.47
C ASP D 225 -9.78 39.21 23.65
N PRO D 226 -9.46 38.67 24.82
CA PRO D 226 -8.21 37.91 24.95
C PRO D 226 -8.41 36.46 24.54
N ALA D 227 -7.46 35.96 23.74
CA ALA D 227 -7.48 34.62 23.16
C ALA D 227 -8.77 34.36 22.38
N ALA D 228 -8.96 35.14 21.31
CA ALA D 228 -10.24 35.15 20.62
C ALA D 228 -10.50 33.86 19.84
N GLY D 229 -9.46 33.23 19.33
CA GLY D 229 -9.66 32.11 18.42
C GLY D 229 -10.24 32.63 17.12
N SER D 230 -11.43 32.15 16.79
CA SER D 230 -12.15 32.71 15.66
C SER D 230 -12.85 34.00 16.06
N GLY D 231 -13.38 34.69 15.06
CA GLY D 231 -14.25 35.83 15.30
C GLY D 231 -15.70 35.47 15.44
N SER D 232 -16.00 34.20 15.71
CA SER D 232 -17.37 33.72 15.80
C SER D 232 -18.08 34.33 17.00
N LEU D 233 -17.49 34.20 18.19
CA LEU D 233 -18.06 34.81 19.38
C LEU D 233 -17.91 36.32 19.37
N LEU D 234 -17.03 36.86 18.51
CA LEU D 234 -16.87 38.29 18.34
C LEU D 234 -17.74 38.83 17.22
N LEU D 235 -18.91 38.26 17.00
CA LEU D 235 -19.70 38.64 15.85
C LEU D 235 -21.12 39.06 16.17
N GLN D 236 -21.77 38.46 17.16
CA GLN D 236 -23.23 38.36 17.18
C GLN D 236 -23.89 39.70 17.46
N ALA D 237 -23.28 40.51 18.34
CA ALA D 237 -23.93 41.72 18.83
C ALA D 237 -24.07 42.77 17.73
N LYS D 238 -22.95 43.23 17.19
CA LYS D 238 -22.99 44.27 16.17
C LYS D 238 -23.54 43.77 14.86
N LYS D 239 -23.46 42.47 14.58
CA LYS D 239 -24.16 41.93 13.42
C LYS D 239 -25.66 41.99 13.64
N GLN D 240 -26.10 41.79 14.88
CA GLN D 240 -27.49 42.05 15.24
C GLN D 240 -27.76 43.55 15.39
N PHE D 241 -26.74 44.34 15.71
CA PHE D 241 -26.90 45.75 16.02
C PHE D 241 -26.17 46.64 15.03
N ASP D 242 -26.37 46.38 13.73
CA ASP D 242 -25.62 47.05 12.66
C ASP D 242 -25.80 48.56 12.68
N ASN D 243 -27.02 49.02 12.92
CA ASN D 243 -27.26 50.41 13.24
C ASN D 243 -28.15 50.57 14.46
N HIS D 244 -28.45 49.48 15.16
CA HIS D 244 -29.15 49.58 16.43
C HIS D 244 -28.26 50.24 17.47
N ILE D 245 -27.09 49.65 17.72
CA ILE D 245 -26.10 50.26 18.57
C ILE D 245 -24.95 50.69 17.66
N ILE D 246 -24.29 51.77 18.03
CA ILE D 246 -23.20 52.35 17.25
C ILE D 246 -22.08 52.80 18.18
N GLU D 247 -21.07 51.96 18.35
CA GLU D 247 -20.01 52.28 19.29
C GLU D 247 -18.64 52.43 18.65
N GLU D 248 -18.10 51.35 18.07
CA GLU D 248 -16.74 51.29 17.52
C GLU D 248 -16.57 49.89 16.92
N GLY D 249 -15.49 49.70 16.16
CA GLY D 249 -15.08 48.37 15.75
C GLY D 249 -14.50 47.56 16.90
N PHE D 250 -14.00 46.38 16.55
CA PHE D 250 -13.64 45.36 17.53
C PHE D 250 -12.13 45.25 17.67
N PHE D 251 -11.70 44.91 18.89
CA PHE D 251 -10.29 44.75 19.23
C PHE D 251 -10.11 43.34 19.78
N GLY D 252 -8.89 42.82 19.72
CA GLY D 252 -8.63 41.54 20.34
C GLY D 252 -7.22 41.07 20.12
N GLN D 253 -6.94 39.86 20.60
CA GLN D 253 -5.60 39.29 20.57
C GLN D 253 -5.72 37.78 20.57
N GLU D 254 -4.82 37.13 19.83
CA GLU D 254 -4.91 35.68 19.67
C GLU D 254 -3.51 35.11 19.53
N ILE D 255 -3.35 33.88 20.00
CA ILE D 255 -2.05 33.23 20.16
C ILE D 255 -1.45 32.78 18.84
N ASN D 256 -2.12 31.87 18.14
CA ASN D 256 -1.52 31.16 17.01
C ASN D 256 -1.43 32.08 15.80
N HIS D 257 -0.56 31.71 14.85
CA HIS D 257 -0.36 32.50 13.65
C HIS D 257 -1.46 32.27 12.62
N THR D 258 -1.67 31.00 12.25
CA THR D 258 -2.68 30.71 11.25
C THR D 258 -4.09 30.91 11.79
N THR D 259 -4.27 30.78 13.11
CA THR D 259 -5.57 31.08 13.70
C THR D 259 -5.82 32.58 13.65
N TYR D 260 -4.76 33.38 13.84
CA TYR D 260 -4.84 34.82 13.66
C TYR D 260 -5.24 35.19 12.25
N ASN D 261 -4.66 34.48 11.27
CA ASN D 261 -4.99 34.76 9.87
C ASN D 261 -6.44 34.43 9.54
N LEU D 262 -6.89 33.23 9.95
CA LEU D 262 -8.27 32.87 9.67
C LEU D 262 -9.25 33.73 10.47
N ALA D 263 -8.82 34.23 11.64
CA ALA D 263 -9.65 35.16 12.40
C ALA D 263 -9.81 36.49 11.68
N ARG D 264 -8.71 37.00 11.09
CA ARG D 264 -8.82 38.29 10.40
C ARG D 264 -9.66 38.17 9.15
N MET D 265 -9.55 37.05 8.43
CA MET D 265 -10.40 36.92 7.26
C MET D 265 -11.83 36.61 7.65
N ASN D 266 -12.02 35.94 8.80
CA ASN D 266 -13.35 35.66 9.33
C ASN D 266 -14.07 36.95 9.66
N MET D 267 -13.39 37.85 10.36
CA MET D 267 -14.01 39.12 10.70
C MET D 267 -14.09 40.02 9.48
N PHE D 268 -13.30 39.74 8.45
CA PHE D 268 -13.36 40.59 7.28
C PHE D 268 -14.50 40.21 6.35
N LEU D 269 -14.92 38.94 6.39
CA LEU D 269 -15.97 38.47 5.47
C LEU D 269 -17.32 39.11 5.74
N HIS D 270 -17.61 39.47 6.99
CA HIS D 270 -18.98 39.76 7.38
C HIS D 270 -19.38 41.21 7.17
N ASN D 271 -18.76 41.89 6.20
CA ASN D 271 -19.14 43.21 5.72
C ASN D 271 -19.06 44.25 6.84
N ILE D 272 -17.87 44.30 7.46
CA ILE D 272 -17.64 45.13 8.63
C ILE D 272 -16.69 46.24 8.22
N ASN D 273 -16.91 47.43 8.80
CA ASN D 273 -16.19 48.62 8.41
C ASN D 273 -14.70 48.53 8.72
N TYR D 274 -13.90 49.24 7.92
CA TYR D 274 -12.46 49.24 8.02
C TYR D 274 -11.94 50.01 9.22
N ASP D 275 -12.82 50.76 9.88
CA ASP D 275 -12.55 51.91 10.74
C ASP D 275 -11.36 51.82 11.70
N LYS D 276 -11.42 50.92 12.68
CA LYS D 276 -10.28 50.56 13.51
C LYS D 276 -10.25 49.07 13.72
N PHE D 277 -11.05 48.34 12.96
CA PHE D 277 -11.48 46.99 13.23
C PHE D 277 -10.38 45.95 13.03
N ASP D 278 -9.81 45.44 14.12
CA ASP D 278 -8.60 44.61 13.98
C ASP D 278 -8.42 43.70 15.19
N ILE D 279 -7.45 42.80 15.05
CA ILE D 279 -6.84 42.03 16.15
C ILE D 279 -5.34 42.07 15.93
N LYS D 280 -4.57 42.25 17.01
CA LYS D 280 -3.13 42.10 16.95
C LYS D 280 -2.70 40.72 17.43
N LEU D 281 -1.54 40.30 16.98
CA LEU D 281 -1.00 38.99 17.32
C LEU D 281 -0.14 39.06 18.58
N GLY D 282 -0.21 38.01 19.38
CA GLY D 282 0.60 37.90 20.57
C GLY D 282 -0.11 37.09 21.64
N ASN D 283 0.39 37.22 22.87
CA ASN D 283 -0.21 36.54 24.01
C ASN D 283 -0.46 37.58 25.08
N THR D 284 -1.59 37.47 25.78
CA THR D 284 -1.94 38.48 26.77
C THR D 284 -1.07 38.36 28.00
N LEU D 285 -0.56 37.16 28.28
CA LEU D 285 0.32 36.98 29.42
C LEU D 285 1.72 37.52 29.15
N THR D 286 2.11 37.64 27.89
CA THR D 286 3.43 38.10 27.52
C THR D 286 3.43 39.49 26.91
N GLU D 287 2.48 39.79 26.03
CA GLU D 287 2.37 41.10 25.40
C GLU D 287 0.98 41.68 25.63
N PRO D 288 0.68 42.15 26.85
CA PRO D 288 -0.68 42.68 27.09
C PRO D 288 -0.88 44.04 26.44
N HIS D 289 -1.65 44.05 25.35
CA HIS D 289 -1.88 45.29 24.63
C HIS D 289 -3.28 45.21 24.02
N PHE D 290 -4.04 46.31 24.11
CA PHE D 290 -3.54 47.65 24.41
C PHE D 290 -4.02 48.26 25.71
N ARG D 291 -3.05 48.59 26.56
CA ARG D 291 -3.33 49.28 27.81
C ARG D 291 -3.87 50.68 27.55
N ASP D 292 -3.20 51.41 26.64
CA ASP D 292 -3.52 52.81 26.42
C ASP D 292 -4.84 52.97 25.68
N GLU D 293 -5.23 51.96 24.91
CA GLU D 293 -6.53 51.98 24.23
C GLU D 293 -7.22 50.65 24.46
N LYS D 294 -8.17 50.58 25.40
CA LYS D 294 -8.57 51.63 26.35
C LYS D 294 -9.05 50.82 27.54
N PRO D 295 -9.48 51.45 28.64
CA PRO D 295 -10.36 50.72 29.54
C PRO D 295 -11.68 50.39 28.86
N PHE D 296 -11.90 49.10 28.57
CA PHE D 296 -12.99 48.66 27.73
C PHE D 296 -14.30 48.66 28.47
N ASP D 297 -15.38 48.47 27.71
CA ASP D 297 -16.72 48.60 28.24
C ASP D 297 -17.50 47.29 28.21
N ALA D 298 -17.02 46.29 27.46
CA ALA D 298 -17.62 44.97 27.39
C ALA D 298 -16.60 44.02 26.78
N ILE D 299 -16.51 42.83 27.36
CA ILE D 299 -15.57 41.80 26.90
C ILE D 299 -16.24 40.44 26.97
N VAL D 300 -15.94 39.58 26.00
CA VAL D 300 -16.22 38.15 26.10
C VAL D 300 -14.95 37.42 25.69
N SER D 301 -14.87 36.13 26.02
CA SER D 301 -13.66 35.36 25.73
C SER D 301 -13.96 33.88 25.85
N ASN D 302 -13.11 33.08 25.21
CA ASN D 302 -13.04 31.64 25.44
C ASN D 302 -11.58 31.30 25.70
N PRO D 303 -11.14 31.40 26.95
CA PRO D 303 -9.76 31.02 27.27
C PRO D 303 -9.61 29.50 27.26
N PRO D 304 -8.55 28.99 26.65
CA PRO D 304 -8.29 27.54 26.73
C PRO D 304 -7.89 27.13 28.14
N TYR D 305 -8.01 25.84 28.40
CA TYR D 305 -7.91 25.31 29.75
C TYR D 305 -6.59 24.56 29.91
N SER D 306 -6.01 24.65 31.11
CA SER D 306 -4.75 23.99 31.49
C SER D 306 -3.62 24.36 30.54
N VAL D 307 -3.25 25.63 30.59
CA VAL D 307 -2.46 26.27 29.53
C VAL D 307 -1.11 26.72 30.06
N LYS D 308 -0.50 25.85 30.90
CA LYS D 308 0.69 26.10 31.71
C LYS D 308 1.78 26.91 31.02
N TRP D 309 2.32 27.88 31.73
CA TRP D 309 3.19 28.90 31.19
C TRP D 309 4.42 29.00 32.08
N ILE D 310 5.22 30.05 31.84
CA ILE D 310 6.56 30.12 32.44
C ILE D 310 6.46 30.43 33.93
N GLY D 311 7.27 29.73 34.72
CA GLY D 311 7.05 29.74 36.15
C GLY D 311 8.24 30.07 37.03
N SER D 312 8.00 30.61 38.23
CA SER D 312 6.64 31.04 38.64
C SER D 312 6.44 32.48 39.19
N ASP D 313 6.84 33.56 38.50
CA ASP D 313 7.43 33.57 37.16
C ASP D 313 8.83 34.16 37.28
N ASP D 314 9.68 33.85 36.31
CA ASP D 314 11.04 34.38 36.30
C ASP D 314 11.11 35.90 36.14
N PRO D 315 10.31 36.58 35.26
CA PRO D 315 10.27 38.05 35.38
C PRO D 315 9.43 38.53 36.54
N THR D 316 9.24 39.85 36.60
CA THR D 316 8.58 40.53 37.69
C THR D 316 7.07 40.66 37.49
N LEU D 317 6.46 39.68 36.82
CA LEU D 317 5.05 39.77 36.45
C LEU D 317 4.11 39.67 37.65
N ILE D 318 4.63 39.39 38.85
CA ILE D 318 3.87 39.68 40.05
C ILE D 318 3.62 41.18 40.15
N ASN D 319 4.64 41.99 39.86
CA ASN D 319 4.61 43.42 40.09
C ASN D 319 4.15 44.20 38.85
N ASP D 320 3.29 43.61 38.03
CA ASP D 320 2.67 44.33 36.93
C ASP D 320 1.48 45.13 37.45
N GLU D 321 0.65 45.63 36.54
CA GLU D 321 -0.48 46.44 36.94
C GLU D 321 -1.71 45.62 37.30
N ARG D 322 -1.70 44.32 37.04
CA ARG D 322 -2.92 43.52 37.16
C ARG D 322 -2.82 42.33 38.10
N PHE D 323 -1.61 41.82 38.38
CA PHE D 323 -1.51 40.64 39.23
C PHE D 323 -1.10 40.98 40.65
N ALA D 324 -0.40 42.10 40.83
CA ALA D 324 -0.17 42.67 42.16
C ALA D 324 -1.44 42.96 42.97
N PRO D 325 -2.59 43.38 42.41
CA PRO D 325 -3.78 43.46 43.25
C PRO D 325 -4.30 42.10 43.72
N ALA D 326 -3.98 41.02 43.02
CA ALA D 326 -4.41 39.71 43.47
C ALA D 326 -3.64 39.28 44.72
N GLY D 327 -2.33 39.17 44.60
CA GLY D 327 -1.50 38.78 45.73
C GLY D 327 -0.57 37.64 45.41
N VAL D 328 -0.90 36.85 44.38
CA VAL D 328 -0.11 35.71 43.97
C VAL D 328 -0.40 35.46 42.50
N LEU D 329 0.49 34.73 41.84
CA LEU D 329 0.34 34.47 40.41
C LEU D 329 -0.65 33.34 40.17
N ALA D 330 -0.73 32.92 38.91
CA ALA D 330 -1.45 31.72 38.52
C ALA D 330 -0.45 30.71 38.00
N PRO D 331 -0.02 29.74 38.82
CA PRO D 331 0.98 28.77 38.36
C PRO D 331 0.53 27.81 37.27
N LYS D 332 1.39 26.83 36.97
CA LYS D 332 1.34 26.07 35.72
C LYS D 332 0.05 25.26 35.60
N SER D 333 -0.20 24.36 36.54
CA SER D 333 -1.39 23.51 36.45
C SER D 333 -2.67 24.29 36.72
N LYS D 334 -2.57 25.50 37.24
CA LYS D 334 -3.71 26.35 37.56
C LYS D 334 -3.64 27.65 36.77
N ALA D 335 -3.38 27.53 35.47
CA ALA D 335 -3.05 28.65 34.60
C ALA D 335 -4.28 29.33 34.01
N ASP D 336 -5.41 29.27 34.72
CA ASP D 336 -6.66 29.72 34.13
C ASP D 336 -6.95 31.17 34.47
N PHE D 337 -6.89 31.53 35.76
CA PHE D 337 -7.41 32.82 36.20
C PHE D 337 -6.53 34.01 35.86
N ALA D 338 -5.35 33.77 35.27
CA ALA D 338 -4.59 34.89 34.71
C ALA D 338 -5.38 35.59 33.62
N PHE D 339 -6.14 34.81 32.84
CA PHE D 339 -6.99 35.40 31.82
C PHE D 339 -8.11 36.24 32.42
N VAL D 340 -8.71 35.79 33.53
CA VAL D 340 -9.83 36.56 34.06
C VAL D 340 -9.32 37.78 34.81
N LEU D 341 -8.10 37.73 35.34
CA LEU D 341 -7.50 38.92 35.93
C LEU D 341 -7.17 39.95 34.85
N HIS D 342 -6.59 39.46 33.74
CA HIS D 342 -6.32 40.31 32.59
C HIS D 342 -7.61 40.87 32.00
N ALA D 343 -8.70 40.11 32.13
CA ALA D 343 -10.00 40.59 31.68
C ALA D 343 -10.51 41.71 32.57
N LEU D 344 -10.47 41.52 33.89
CA LEU D 344 -11.04 42.51 34.79
C LEU D 344 -10.16 43.74 34.89
N ASN D 345 -8.91 43.66 34.43
CA ASN D 345 -8.08 44.85 34.35
C ASN D 345 -8.64 45.83 33.32
N TYR D 346 -9.04 45.34 32.15
CA TYR D 346 -9.46 46.19 31.04
C TYR D 346 -10.96 46.45 31.06
N LEU D 347 -11.45 47.10 32.11
CA LEU D 347 -12.89 47.24 32.28
C LEU D 347 -13.22 48.67 32.66
N SER D 348 -14.45 49.10 32.34
CA SER D 348 -14.90 50.47 32.54
C SER D 348 -15.29 50.69 33.99
N ALA D 349 -15.99 51.79 34.24
CA ALA D 349 -16.57 52.01 35.55
C ALA D 349 -17.92 51.34 35.71
N LYS D 350 -18.60 51.05 34.61
CA LYS D 350 -19.94 50.48 34.66
C LYS D 350 -20.11 49.19 33.86
N GLY D 351 -19.47 49.06 32.71
CA GLY D 351 -19.73 47.96 31.80
C GLY D 351 -19.38 46.56 32.30
N ARG D 352 -20.31 45.63 32.09
CA ARG D 352 -20.16 44.29 32.61
C ARG D 352 -19.22 43.47 31.73
N ALA D 353 -18.89 42.27 32.23
CA ALA D 353 -17.94 41.37 31.60
C ALA D 353 -18.47 39.95 31.73
N ALA D 354 -18.08 39.09 30.78
CA ALA D 354 -18.54 37.72 30.79
C ALA D 354 -17.47 36.81 30.20
N ILE D 355 -17.06 35.81 30.96
CA ILE D 355 -16.04 34.86 30.51
C ILE D 355 -16.56 33.45 30.75
N VAL D 356 -15.88 32.48 30.15
CA VAL D 356 -16.22 31.08 30.32
C VAL D 356 -15.08 30.39 31.06
N CYS D 357 -15.44 29.41 31.89
CA CYS D 357 -14.49 28.51 32.52
C CYS D 357 -15.15 27.15 32.63
N PHE D 358 -14.42 26.22 33.23
CA PHE D 358 -15.01 24.95 33.60
C PHE D 358 -15.05 24.86 35.11
N PRO D 359 -16.07 24.21 35.69
CA PRO D 359 -16.25 24.28 37.15
C PRO D 359 -15.23 23.51 37.96
N GLY D 360 -14.25 22.87 37.31
CA GLY D 360 -13.20 22.18 38.05
C GLY D 360 -12.25 23.15 38.74
N ILE D 361 -12.19 24.39 38.27
CA ILE D 361 -11.44 25.38 39.02
C ILE D 361 -12.36 25.86 40.16
N PHE D 362 -12.28 25.14 41.27
CA PHE D 362 -13.28 25.17 42.32
C PHE D 362 -12.73 25.79 43.59
N TYR D 363 -11.68 25.20 44.16
CA TYR D 363 -10.85 25.84 45.17
C TYR D 363 -9.38 25.72 44.85
N ARG D 364 -8.95 24.56 44.34
CA ARG D 364 -7.68 24.31 43.66
C ARG D 364 -6.46 24.73 44.48
N GLY D 365 -6.52 24.44 45.78
CA GLY D 365 -5.42 24.79 46.66
C GLY D 365 -5.44 26.27 47.05
N GLY D 366 -4.56 26.60 48.00
CA GLY D 366 -4.64 27.90 48.67
C GLY D 366 -4.29 29.08 47.78
N ALA D 367 -3.48 28.85 46.74
CA ALA D 367 -3.17 29.90 45.78
C ALA D 367 -4.43 30.35 45.05
N GLU D 368 -5.16 29.40 44.48
CA GLU D 368 -6.41 29.75 43.83
C GLU D 368 -7.47 30.17 44.83
N GLN D 369 -7.35 29.72 46.08
CA GLN D 369 -8.25 30.19 47.12
C GLN D 369 -8.07 31.68 47.40
N LYS D 370 -6.83 32.15 47.48
CA LYS D 370 -6.65 33.57 47.72
C LYS D 370 -6.89 34.39 46.46
N ILE D 371 -6.74 33.77 45.28
CA ILE D 371 -7.22 34.41 44.05
C ILE D 371 -8.73 34.62 44.12
N ARG D 372 -9.46 33.58 44.53
CA ARG D 372 -10.90 33.70 44.76
C ARG D 372 -11.22 34.71 45.85
N GLN D 373 -10.34 34.84 46.84
CA GLN D 373 -10.53 35.81 47.91
C GLN D 373 -10.48 37.23 47.38
N TYR D 374 -9.50 37.52 46.52
CA TYR D 374 -9.46 38.86 45.92
C TYR D 374 -10.58 39.03 44.90
N LEU D 375 -11.09 37.94 44.33
CA LEU D 375 -12.24 38.07 43.44
C LEU D 375 -13.50 38.42 44.23
N VAL D 376 -13.69 37.81 45.40
CA VAL D 376 -14.85 38.11 46.23
C VAL D 376 -14.59 39.26 47.19
N ASP D 377 -13.45 39.95 47.04
CA ASP D 377 -13.12 41.12 47.85
C ASP D 377 -14.18 42.21 47.72
N ASN D 378 -14.84 42.26 46.57
CA ASN D 378 -15.96 43.16 46.34
C ASN D 378 -17.06 42.37 45.63
N ASN D 379 -18.01 43.07 45.03
CA ASN D 379 -18.91 42.43 44.08
C ASN D 379 -18.35 42.49 42.65
N TYR D 380 -17.03 42.37 42.55
CA TYR D 380 -16.38 42.07 41.27
C TYR D 380 -17.03 40.88 40.60
N VAL D 381 -17.02 39.72 41.26
CA VAL D 381 -17.75 38.59 40.74
C VAL D 381 -19.24 38.76 41.04
N GLU D 382 -20.02 39.08 40.02
CA GLU D 382 -21.45 39.30 40.23
C GLU D 382 -22.22 37.99 40.21
N THR D 383 -22.26 37.32 39.06
CA THR D 383 -23.06 36.11 38.92
C THR D 383 -22.22 35.01 38.29
N VAL D 384 -22.61 33.76 38.58
CA VAL D 384 -22.06 32.58 37.93
C VAL D 384 -23.21 31.70 37.48
N ILE D 385 -23.07 31.14 36.28
CA ILE D 385 -24.12 30.29 35.71
C ILE D 385 -23.48 29.04 35.12
N SER D 386 -23.86 27.89 35.63
CA SER D 386 -23.35 26.62 35.12
C SER D 386 -24.09 26.22 33.85
N LEU D 387 -23.46 25.33 33.09
CA LEU D 387 -24.00 24.83 31.83
C LEU D 387 -23.67 23.35 31.72
N ALA D 388 -24.70 22.56 31.43
CA ALA D 388 -24.70 21.11 31.53
C ALA D 388 -23.77 20.47 30.50
N PRO D 389 -23.13 19.36 30.85
CA PRO D 389 -22.26 18.67 29.90
C PRO D 389 -23.06 17.90 28.85
N ASN D 390 -22.51 17.80 27.64
CA ASN D 390 -21.29 18.44 27.19
C ASN D 390 -21.58 19.82 26.63
N LEU D 391 -22.46 19.83 25.63
CA LEU D 391 -22.76 20.98 24.79
C LEU D 391 -21.50 21.50 24.09
N PHE D 392 -20.60 20.60 23.71
CA PHE D 392 -19.38 20.95 22.99
C PHE D 392 -19.04 19.83 22.02
N PHE D 393 -17.82 19.87 21.48
CA PHE D 393 -17.36 18.89 20.51
C PHE D 393 -16.43 17.92 21.21
N GLY D 394 -17.04 16.96 21.92
CA GLY D 394 -16.31 15.84 22.53
C GLY D 394 -15.30 16.21 23.59
N THR D 395 -15.68 17.06 24.53
CA THR D 395 -14.71 17.58 25.48
C THR D 395 -14.46 16.67 26.71
N THR D 396 -15.47 16.28 27.51
CA THR D 396 -16.92 16.14 27.31
C THR D 396 -17.60 16.85 28.49
N ILE D 397 -16.81 17.68 29.16
CA ILE D 397 -17.17 18.21 30.48
C ILE D 397 -18.19 19.34 30.42
N ALA D 398 -18.77 19.64 31.57
CA ALA D 398 -19.62 20.81 31.75
C ALA D 398 -18.79 22.07 31.76
N VAL D 399 -19.46 23.22 31.67
CA VAL D 399 -18.80 24.51 31.78
C VAL D 399 -19.60 25.41 32.70
N ASN D 400 -19.09 26.62 32.90
CA ASN D 400 -19.83 27.67 33.57
C ASN D 400 -19.33 29.00 33.06
N ILE D 401 -20.14 30.03 33.26
CA ILE D 401 -19.82 31.38 32.80
C ILE D 401 -19.84 32.30 34.00
N LEU D 402 -18.85 33.18 34.06
CA LEU D 402 -18.71 34.15 35.13
C LEU D 402 -18.99 35.53 34.57
N VAL D 403 -19.96 36.21 35.16
CA VAL D 403 -20.32 37.56 34.75
C VAL D 403 -19.94 38.50 35.86
N LEU D 404 -19.11 39.47 35.52
CA LEU D 404 -18.46 40.38 36.45
C LEU D 404 -18.92 41.79 36.18
N SER D 405 -18.92 42.63 37.21
CA SER D 405 -19.30 44.02 37.03
C SER D 405 -18.73 44.85 38.17
N LYS D 406 -18.34 46.08 37.83
CA LYS D 406 -18.19 47.13 38.84
C LYS D 406 -19.46 47.97 38.90
N HIS D 407 -20.58 47.27 39.04
CA HIS D 407 -21.92 47.85 39.01
C HIS D 407 -22.72 47.06 40.04
N LYS D 408 -22.75 47.56 41.27
CA LYS D 408 -23.02 46.73 42.43
C LYS D 408 -24.35 47.08 43.07
N THR D 409 -24.79 46.19 43.95
CA THR D 409 -26.01 46.39 44.75
C THR D 409 -25.79 46.39 46.27
N ASP D 410 -25.15 45.40 46.93
CA ASP D 410 -24.41 44.21 46.45
C ASP D 410 -24.54 42.97 47.32
N THR D 411 -24.77 41.84 46.66
CA THR D 411 -24.62 40.53 47.27
C THR D 411 -24.29 39.54 46.15
N ASN D 412 -23.66 38.43 46.51
CA ASN D 412 -23.34 37.43 45.51
C ASN D 412 -24.57 36.60 45.17
N VAL D 413 -24.64 36.15 43.93
CA VAL D 413 -25.81 35.46 43.40
C VAL D 413 -25.33 34.34 42.47
N GLN D 414 -25.41 33.10 42.94
CA GLN D 414 -24.91 31.95 42.19
C GLN D 414 -26.07 31.28 41.46
N PHE D 415 -26.48 31.89 40.35
CA PHE D 415 -27.61 31.34 39.59
C PHE D 415 -27.19 30.26 38.62
N ILE D 416 -26.62 29.16 39.12
CA ILE D 416 -26.14 28.07 38.27
C ILE D 416 -27.32 27.33 37.63
N ASP D 417 -27.05 26.60 36.54
CA ASP D 417 -28.11 25.92 35.81
C ASP D 417 -27.65 24.56 35.35
N ALA D 418 -28.44 23.54 35.67
CA ALA D 418 -28.31 22.19 35.17
C ALA D 418 -29.13 22.02 33.89
N SER D 419 -29.47 20.75 33.61
CA SER D 419 -30.41 20.29 32.59
C SER D 419 -31.68 21.16 32.48
N GLU D 420 -32.23 21.36 31.29
CA GLU D 420 -32.03 20.52 30.11
C GLU D 420 -31.56 21.19 28.83
N LEU D 421 -30.57 20.55 28.21
CA LEU D 421 -30.17 20.77 26.83
C LEU D 421 -29.71 19.44 26.27
N PHE D 422 -30.19 19.10 25.07
CA PHE D 422 -29.69 17.90 24.41
C PHE D 422 -28.31 18.20 23.86
N LYS D 423 -27.52 17.14 23.61
CA LYS D 423 -26.10 17.47 23.52
C LYS D 423 -25.34 16.87 22.34
N LYS D 424 -25.58 15.60 21.98
CA LYS D 424 -24.52 14.81 21.35
C LYS D 424 -24.70 14.49 19.87
N GLU D 425 -25.90 14.15 19.40
CA GLU D 425 -26.07 13.50 18.11
C GLU D 425 -25.73 14.38 16.90
N THR D 426 -26.49 15.45 16.70
CA THR D 426 -26.24 16.36 15.58
C THR D 426 -25.31 17.50 16.01
N ASN D 427 -25.73 18.32 16.97
CA ASN D 427 -24.82 19.32 17.51
C ASN D 427 -24.53 19.10 18.99
N ASN D 428 -25.50 18.97 19.92
CA ASN D 428 -26.93 19.35 19.99
C ASN D 428 -26.95 20.43 21.10
N ASN D 429 -28.02 21.18 21.45
CA ASN D 429 -29.48 20.95 21.28
C ASN D 429 -30.18 21.40 19.94
N ILE D 430 -30.05 22.64 19.40
CA ILE D 430 -29.24 23.77 19.86
C ILE D 430 -29.85 25.17 19.59
N LEU D 431 -30.16 25.96 20.62
CA LEU D 431 -30.53 25.53 21.97
C LEU D 431 -31.61 26.51 22.46
N THR D 432 -32.87 26.07 22.35
CA THR D 432 -33.98 26.41 23.25
C THR D 432 -34.06 27.89 23.62
N ASP D 433 -34.45 28.70 22.62
CA ASP D 433 -34.45 30.15 22.76
C ASP D 433 -35.33 30.65 23.90
N ALA D 434 -36.40 29.93 24.21
CA ALA D 434 -37.21 30.28 25.37
C ALA D 434 -36.47 29.99 26.68
N HIS D 435 -35.60 28.97 26.70
CA HIS D 435 -34.87 28.64 27.92
C HIS D 435 -33.83 29.70 28.23
N ILE D 436 -33.11 30.16 27.21
CA ILE D 436 -32.16 31.25 27.45
C ILE D 436 -32.89 32.56 27.67
N GLU D 437 -34.08 32.71 27.08
CA GLU D 437 -34.87 33.92 27.33
C GLU D 437 -35.33 33.98 28.77
N GLN D 438 -35.77 32.84 29.32
CA GLN D 438 -36.21 32.86 30.71
C GLN D 438 -35.02 32.88 31.67
N ILE D 439 -33.85 32.42 31.25
CA ILE D 439 -32.70 32.58 32.14
C ILE D 439 -32.22 34.03 32.12
N MET D 440 -32.46 34.74 31.02
CA MET D 440 -32.25 36.19 31.04
C MET D 440 -33.28 36.88 31.89
N GLN D 441 -34.51 36.35 31.92
CA GLN D 441 -35.55 36.88 32.80
C GLN D 441 -35.17 36.69 34.26
N VAL D 442 -34.56 35.55 34.59
CA VAL D 442 -34.06 35.31 35.93
C VAL D 442 -32.90 36.25 36.24
N PHE D 443 -32.00 36.44 35.26
CA PHE D 443 -30.86 37.32 35.42
C PHE D 443 -31.27 38.78 35.54
N ALA D 444 -32.47 39.14 35.07
CA ALA D 444 -32.92 40.53 35.09
C ALA D 444 -33.07 41.05 36.51
N SER D 445 -34.00 40.51 37.28
CA SER D 445 -34.20 40.94 38.66
C SER D 445 -34.28 39.71 39.57
N LYS D 446 -33.11 39.15 39.89
CA LYS D 446 -32.74 38.48 41.14
C LYS D 446 -33.82 37.67 41.85
N GLU D 447 -34.43 36.72 41.14
CA GLU D 447 -35.48 35.91 41.74
C GLU D 447 -34.87 34.82 42.61
N ASP D 448 -35.73 34.13 43.36
CA ASP D 448 -35.30 33.00 44.18
C ASP D 448 -36.20 31.82 43.81
N VAL D 449 -35.81 31.09 42.78
CA VAL D 449 -36.64 30.06 42.20
C VAL D 449 -36.03 28.71 42.59
N ALA D 450 -36.79 27.93 43.36
CA ALA D 450 -36.38 26.57 43.67
C ALA D 450 -36.54 25.67 42.46
N HIS D 451 -36.03 24.44 42.59
CA HIS D 451 -35.79 23.48 41.51
C HIS D 451 -34.88 24.10 40.43
N LEU D 452 -34.01 25.00 40.87
CA LEU D 452 -33.18 25.93 40.13
C LEU D 452 -32.40 26.66 41.20
N ALA D 453 -31.39 27.41 40.81
CA ALA D 453 -30.59 28.12 41.78
C ALA D 453 -31.29 29.41 42.23
N LYS D 454 -30.65 30.11 43.16
CA LYS D 454 -31.21 31.33 43.71
C LYS D 454 -30.09 32.23 44.21
N SER D 455 -30.46 33.30 44.90
CA SER D 455 -29.50 34.19 45.51
C SER D 455 -28.86 33.53 46.74
N VAL D 456 -27.69 34.05 47.11
CA VAL D 456 -27.04 33.76 48.37
C VAL D 456 -26.59 35.08 48.98
N ALA D 457 -25.86 34.99 50.08
CA ALA D 457 -25.36 36.17 50.79
C ALA D 457 -23.84 36.18 50.79
N PHE D 458 -23.29 37.35 51.13
CA PHE D 458 -21.85 37.43 51.39
C PHE D 458 -21.47 36.66 52.64
N GLU D 459 -22.38 36.63 53.61
CA GLU D 459 -22.19 35.80 54.79
C GLU D 459 -22.21 34.33 54.42
N THR D 460 -22.98 33.97 53.39
CA THR D 460 -23.00 32.59 52.92
C THR D 460 -21.68 32.21 52.25
N VAL D 461 -21.09 33.13 51.49
CA VAL D 461 -19.88 32.77 50.75
C VAL D 461 -18.66 32.84 51.67
N VAL D 462 -18.72 33.63 52.74
CA VAL D 462 -17.65 33.52 53.71
C VAL D 462 -17.91 32.35 54.65
N ALA D 463 -19.15 31.87 54.71
CA ALA D 463 -19.41 30.60 55.36
C ALA D 463 -18.90 29.45 54.51
N ASN D 464 -18.99 29.58 53.20
CA ASN D 464 -18.25 28.68 52.32
C ASN D 464 -16.77 28.98 52.40
N ASP D 465 -15.96 28.06 51.86
CA ASP D 465 -14.59 28.42 51.52
C ASP D 465 -14.52 28.83 50.05
N TYR D 466 -15.46 29.72 49.67
CA TYR D 466 -15.54 30.37 48.36
C TYR D 466 -15.63 29.32 47.26
N ASN D 467 -16.76 28.63 47.27
CA ASN D 467 -16.95 27.42 46.49
C ASN D 467 -17.86 27.72 45.31
N LEU D 468 -17.65 27.01 44.21
CA LEU D 468 -18.12 27.47 42.91
C LEU D 468 -18.63 26.29 42.06
N SER D 469 -19.92 25.94 42.18
CA SER D 469 -20.89 26.45 43.14
C SER D 469 -21.75 25.29 43.65
N VAL D 470 -21.54 24.90 44.90
CA VAL D 470 -22.34 23.81 45.49
C VAL D 470 -23.76 24.28 45.73
N SER D 471 -23.91 25.35 46.50
CA SER D 471 -25.17 26.05 46.61
C SER D 471 -25.61 26.56 45.25
N SER D 472 -26.91 26.46 44.94
CA SER D 472 -27.97 26.08 45.88
C SER D 472 -29.02 25.14 45.29
N TYR D 473 -28.58 24.09 44.60
CA TYR D 473 -29.55 23.14 44.06
C TYR D 473 -30.08 22.23 45.16
N VAL D 474 -31.38 21.96 45.12
CA VAL D 474 -32.11 21.39 46.24
C VAL D 474 -32.70 20.03 45.91
N GLU D 475 -33.30 19.88 44.73
CA GLU D 475 -34.18 18.75 44.43
C GLU D 475 -33.42 17.44 44.33
N ALA D 476 -33.99 16.37 44.88
CA ALA D 476 -33.32 15.08 44.95
C ALA D 476 -34.19 13.88 44.61
N LYS D 477 -35.50 14.06 44.43
CA LYS D 477 -36.50 13.06 44.04
C LYS D 477 -36.61 11.93 45.07
N ASP D 478 -36.20 12.18 46.32
CA ASP D 478 -36.40 11.19 47.37
C ASP D 478 -37.87 11.20 47.77
N ASN D 479 -38.65 10.28 47.21
CA ASN D 479 -40.10 10.32 47.30
C ASN D 479 -40.60 9.31 48.33
N ARG D 480 -41.56 9.73 49.14
CA ARG D 480 -42.07 8.87 50.19
C ARG D 480 -42.98 7.78 49.63
N GLU D 481 -43.33 6.85 50.51
CA GLU D 481 -44.24 5.76 50.20
C GLU D 481 -45.19 5.59 51.38
N ILE D 482 -45.89 4.45 51.41
CA ILE D 482 -46.82 4.12 52.48
C ILE D 482 -46.45 2.73 53.00
N ILE D 483 -46.41 2.58 54.33
CA ILE D 483 -46.11 1.30 54.95
C ILE D 483 -47.14 0.25 54.54
N ASP D 484 -48.42 0.56 54.77
CA ASP D 484 -49.48 -0.43 54.63
C ASP D 484 -49.73 -0.77 53.18
N ILE D 485 -49.71 0.24 52.30
CA ILE D 485 -49.86 0.02 50.87
C ILE D 485 -48.72 -0.83 50.31
N ALA D 486 -47.50 -0.67 50.83
CA ALA D 486 -46.43 -1.54 50.40
C ALA D 486 -46.57 -2.96 50.96
N GLU D 487 -46.96 -3.09 52.23
CA GLU D 487 -46.87 -4.40 52.85
C GLU D 487 -48.03 -5.30 52.44
N LEU D 488 -49.21 -4.74 52.16
CA LEU D 488 -50.30 -5.62 51.72
C LEU D 488 -50.08 -6.02 50.28
N ASN D 489 -49.43 -5.15 49.50
CA ASN D 489 -48.97 -5.54 48.17
C ASN D 489 -47.99 -6.69 48.25
N ALA D 490 -47.02 -6.59 49.16
CA ALA D 490 -46.06 -7.69 49.37
C ALA D 490 -46.76 -8.96 49.85
N GLU D 491 -47.84 -8.81 50.61
CA GLU D 491 -48.65 -9.95 50.98
C GLU D 491 -49.35 -10.56 49.77
N LEU D 492 -49.79 -9.73 48.82
CA LEU D 492 -50.34 -10.25 47.57
C LEU D 492 -49.28 -10.98 46.76
N LYS D 493 -48.04 -10.46 46.76
CA LYS D 493 -46.91 -11.16 46.15
C LYS D 493 -46.72 -12.53 46.75
N THR D 494 -46.82 -12.64 48.08
CA THR D 494 -46.67 -13.93 48.74
C THR D 494 -47.81 -14.87 48.40
N THR D 495 -49.05 -14.36 48.36
CA THR D 495 -50.19 -15.21 48.06
C THR D 495 -50.15 -15.72 46.63
N VAL D 496 -49.51 -14.96 45.73
CA VAL D 496 -49.20 -15.52 44.42
C VAL D 496 -48.06 -16.54 44.53
N SER D 497 -47.05 -16.22 45.32
CA SER D 497 -45.76 -16.90 45.28
C SER D 497 -45.85 -18.32 45.82
N LYS D 498 -46.50 -18.49 46.97
CA LYS D 498 -46.53 -19.80 47.61
C LYS D 498 -47.35 -20.80 46.83
N ILE D 499 -48.48 -20.37 46.25
CA ILE D 499 -49.28 -21.31 45.48
C ILE D 499 -48.60 -21.61 44.15
N ASP D 500 -47.83 -20.67 43.60
CA ASP D 500 -47.08 -21.00 42.40
C ASP D 500 -45.93 -21.95 42.69
N GLN D 501 -45.34 -21.83 43.88
CA GLN D 501 -44.33 -22.81 44.30
C GLN D 501 -44.97 -24.18 44.52
N LEU D 502 -46.19 -24.20 45.03
CA LEU D 502 -46.95 -25.44 45.15
C LEU D 502 -47.20 -26.06 43.79
N ARG D 503 -47.51 -25.24 42.79
CA ARG D 503 -47.75 -25.76 41.46
C ARG D 503 -46.47 -26.22 40.79
N LYS D 504 -45.34 -25.59 41.12
CA LYS D 504 -44.04 -26.11 40.70
C LYS D 504 -43.76 -27.47 41.32
N ASP D 505 -44.13 -27.63 42.60
CA ASP D 505 -43.97 -28.91 43.27
C ASP D 505 -44.86 -29.98 42.64
N ILE D 506 -46.04 -29.57 42.17
CA ILE D 506 -46.86 -30.44 41.34
C ILE D 506 -46.12 -30.80 40.06
N ASP D 507 -45.44 -29.82 39.47
CA ASP D 507 -44.71 -30.04 38.22
C ASP D 507 -43.38 -30.75 38.43
N ALA D 508 -43.02 -31.07 39.65
CA ALA D 508 -41.82 -31.84 39.93
C ALA D 508 -42.02 -33.34 39.69
N ILE D 509 -43.20 -33.75 39.24
CA ILE D 509 -43.45 -35.14 38.89
C ILE D 509 -42.68 -35.46 37.62
N VAL D 510 -41.59 -36.21 37.77
CA VAL D 510 -40.75 -36.57 36.64
C VAL D 510 -40.66 -38.09 36.53
N GLY E 13 -46.95 -36.48 24.47
CA GLY E 13 -46.66 -36.43 23.05
C GLY E 13 -46.45 -37.80 22.45
N VAL E 14 -47.33 -38.20 21.53
CA VAL E 14 -47.26 -39.55 20.99
C VAL E 14 -46.35 -39.59 19.76
N GLU E 15 -46.53 -38.64 18.84
CA GLU E 15 -45.72 -38.56 17.63
C GLU E 15 -44.94 -37.27 17.61
N VAL E 16 -43.62 -37.38 17.51
CA VAL E 16 -42.72 -36.24 17.58
C VAL E 16 -41.98 -36.13 16.26
N GLU E 17 -41.94 -34.93 15.69
CA GLU E 17 -41.17 -34.70 14.47
C GLU E 17 -40.42 -33.40 14.59
N TRP E 18 -39.11 -33.43 14.34
CA TRP E 18 -38.40 -32.17 14.24
C TRP E 18 -38.62 -31.56 12.86
N LEU E 19 -38.77 -30.25 12.85
CA LEU E 19 -39.11 -29.46 11.68
C LEU E 19 -38.16 -28.27 11.61
N PRO E 20 -37.84 -27.80 10.40
CA PRO E 20 -37.02 -26.60 10.28
C PRO E 20 -37.79 -25.35 10.69
N LEU E 21 -37.03 -24.32 11.06
CA LEU E 21 -37.59 -23.15 11.71
C LEU E 21 -38.29 -22.23 10.72
N GLY E 22 -37.57 -21.82 9.67
CA GLY E 22 -38.10 -20.84 8.73
C GLY E 22 -39.26 -21.32 7.88
N GLU E 23 -39.54 -22.63 7.91
CA GLU E 23 -40.73 -23.16 7.26
C GLU E 23 -42.00 -22.60 7.87
N ILE E 24 -42.03 -22.41 9.19
CA ILE E 24 -43.25 -22.05 9.89
C ILE E 24 -43.12 -20.68 10.54
N THR E 25 -42.21 -19.86 10.02
CA THR E 25 -41.83 -18.62 10.70
C THR E 25 -41.71 -17.49 9.70
N LYS E 26 -42.40 -16.39 9.97
CA LYS E 26 -42.28 -15.18 9.16
C LYS E 26 -41.28 -14.23 9.83
N TYR E 27 -40.19 -13.96 9.14
CA TYR E 27 -39.13 -13.08 9.59
C TYR E 27 -39.30 -11.73 8.90
N GLU E 28 -39.19 -10.64 9.65
CA GLU E 28 -39.23 -9.34 9.02
C GLU E 28 -38.31 -8.36 9.72
N GLN E 29 -37.74 -7.45 8.92
CA GLN E 29 -36.87 -6.39 9.36
C GLN E 29 -37.70 -5.33 10.07
N PRO E 30 -37.07 -4.43 10.86
CA PRO E 30 -37.87 -3.43 11.57
C PRO E 30 -38.42 -2.38 10.62
N THR E 31 -39.65 -1.94 10.93
CA THR E 31 -40.18 -0.73 10.33
C THR E 31 -39.32 0.45 10.72
N LYS E 32 -39.15 1.37 9.78
CA LYS E 32 -38.09 2.38 9.86
C LYS E 32 -38.35 3.36 10.99
N TYR E 33 -37.30 3.62 11.78
CA TYR E 33 -37.39 4.44 12.98
C TYR E 33 -36.50 5.68 12.83
N LEU E 34 -36.97 6.78 13.39
CA LEU E 34 -36.12 7.93 13.72
C LEU E 34 -36.57 8.35 15.11
N VAL E 35 -35.99 7.73 16.12
CA VAL E 35 -36.51 7.81 17.48
C VAL E 35 -35.40 8.43 18.33
N LYS E 36 -34.50 9.15 17.67
CA LYS E 36 -33.34 9.76 18.32
C LYS E 36 -33.56 11.24 18.63
N ALA E 37 -34.77 11.62 19.06
CA ALA E 37 -35.12 13.01 19.25
C ALA E 37 -34.44 13.61 20.50
N LYS E 38 -34.79 14.87 20.79
CA LYS E 38 -34.02 15.73 21.68
C LYS E 38 -34.26 15.48 23.15
N ASP E 39 -35.38 14.88 23.54
CA ASP E 39 -35.59 14.54 24.95
C ASP E 39 -36.58 13.39 25.03
N TYR E 40 -36.21 12.37 25.79
CA TYR E 40 -37.08 11.21 25.95
C TYR E 40 -37.11 10.80 27.42
N HIS E 41 -37.35 11.78 28.28
CA HIS E 41 -37.40 11.68 29.75
C HIS E 41 -38.52 10.76 30.23
N ASP E 42 -38.51 10.43 31.53
CA ASP E 42 -39.48 9.52 32.15
C ASP E 42 -40.89 10.09 32.12
N THR E 43 -41.03 11.41 31.91
CA THR E 43 -42.35 12.01 31.73
C THR E 43 -43.06 11.47 30.50
N TYR E 44 -42.29 11.03 29.51
CA TYR E 44 -42.83 10.37 28.33
C TYR E 44 -43.23 8.92 28.64
N THR E 45 -43.69 8.17 27.64
CA THR E 45 -44.45 6.97 27.97
C THR E 45 -44.18 5.71 27.15
N ILE E 46 -43.33 5.72 26.13
CA ILE E 46 -43.19 4.47 25.37
C ILE E 46 -42.17 3.58 26.07
N PRO E 47 -42.29 2.28 26.01
CA PRO E 47 -41.18 1.43 26.46
C PRO E 47 -40.14 1.24 25.37
N VAL E 48 -38.98 1.86 25.53
CA VAL E 48 -37.86 1.69 24.61
C VAL E 48 -37.08 0.45 25.06
N LEU E 49 -37.13 -0.61 24.26
CA LEU E 49 -36.68 -1.93 24.71
C LEU E 49 -35.53 -2.42 23.83
N THR E 50 -34.38 -2.66 24.45
CA THR E 50 -33.16 -3.02 23.75
C THR E 50 -32.66 -4.34 24.32
N ALA E 51 -31.43 -4.70 23.99
CA ALA E 51 -30.81 -5.91 24.51
C ALA E 51 -30.34 -5.69 25.95
N GLY E 52 -29.71 -6.71 26.52
CA GLY E 52 -29.26 -6.72 27.91
C GLY E 52 -30.39 -6.50 28.89
N LYS E 53 -30.45 -5.30 29.45
CA LYS E 53 -31.60 -4.84 30.19
C LYS E 53 -32.58 -4.21 29.21
N THR E 54 -33.76 -4.80 29.07
CA THR E 54 -34.67 -4.45 27.99
C THR E 54 -35.54 -3.23 28.26
N PHE E 55 -34.97 -2.16 28.76
CA PHE E 55 -35.80 -0.99 29.01
C PHE E 55 -34.94 0.27 29.04
N ILE E 56 -35.27 1.20 28.15
CA ILE E 56 -34.85 2.58 28.24
C ILE E 56 -36.13 3.38 28.44
N LEU E 57 -36.03 4.70 28.55
CA LEU E 57 -37.10 5.55 29.07
C LEU E 57 -38.23 5.76 28.08
N GLY E 58 -39.12 6.72 28.38
CA GLY E 58 -40.24 7.00 27.52
C GLY E 58 -39.84 7.65 26.21
N TYR E 59 -40.85 7.85 25.36
CA TYR E 59 -40.89 8.74 24.19
C TYR E 59 -42.36 8.83 23.80
N THR E 60 -42.72 9.89 23.07
CA THR E 60 -44.07 10.00 22.54
C THR E 60 -44.36 8.86 21.56
N ASN E 61 -45.42 8.11 21.83
CA ASN E 61 -45.54 6.73 21.36
C ASN E 61 -46.40 6.56 20.12
N GLU E 62 -46.83 7.65 19.49
CA GLU E 62 -47.77 7.52 18.39
C GLU E 62 -47.32 8.41 17.23
N THR E 63 -47.86 8.09 16.04
CA THR E 63 -47.72 8.81 14.78
C THR E 63 -46.29 8.91 14.27
N HIS E 64 -45.38 8.12 14.82
CA HIS E 64 -44.01 8.05 14.30
C HIS E 64 -43.83 6.90 13.34
N GLY E 65 -44.91 6.27 12.90
CA GLY E 65 -44.78 5.03 12.16
C GLY E 65 -44.29 3.90 13.03
N ILE E 66 -44.60 3.95 14.33
CA ILE E 66 -44.17 2.91 15.25
C ILE E 66 -44.86 1.60 14.91
N TYR E 67 -44.12 0.50 15.06
CA TYR E 67 -44.63 -0.81 14.69
C TYR E 67 -45.78 -1.25 15.58
N GLN E 68 -45.86 -0.68 16.79
CA GLN E 68 -46.86 -0.81 17.85
C GLN E 68 -46.88 -2.18 18.50
N ALA E 69 -46.15 -3.17 17.97
CA ALA E 69 -45.77 -4.40 18.67
C ALA E 69 -46.98 -5.17 19.17
N SER E 70 -47.65 -5.82 18.22
CA SER E 70 -48.98 -6.39 18.40
C SER E 70 -49.03 -7.58 19.36
N LYS E 71 -50.16 -8.28 19.36
CA LYS E 71 -50.33 -9.40 20.27
C LYS E 71 -49.41 -10.56 19.86
N ALA E 72 -48.34 -10.75 20.65
CA ALA E 72 -47.35 -11.82 20.60
C ALA E 72 -46.55 -11.93 19.30
N PRO E 73 -45.63 -11.00 19.00
CA PRO E 73 -44.44 -11.40 18.21
C PRO E 73 -43.28 -11.69 19.13
N VAL E 74 -42.15 -12.16 18.60
CA VAL E 74 -40.91 -12.24 19.35
C VAL E 74 -39.81 -11.51 18.58
N ILE E 75 -38.71 -11.28 19.28
CA ILE E 75 -37.58 -10.51 18.78
C ILE E 75 -36.32 -11.31 19.01
N ILE E 76 -35.23 -10.86 18.43
CA ILE E 76 -33.93 -11.49 18.61
C ILE E 76 -32.87 -10.40 18.70
N PHE E 77 -31.98 -10.52 19.69
CA PHE E 77 -30.84 -9.63 19.80
C PHE E 77 -29.55 -10.45 19.73
N ASP E 78 -28.66 -10.13 18.79
CA ASP E 78 -28.83 -9.41 17.50
C ASP E 78 -27.62 -9.89 16.72
N ASP E 79 -27.30 -9.18 15.65
CA ASP E 79 -25.97 -9.16 15.07
C ASP E 79 -24.90 -9.05 16.14
N PHE E 80 -23.96 -10.00 16.08
CA PHE E 80 -22.84 -10.32 16.98
C PHE E 80 -23.31 -11.05 18.23
N THR E 81 -24.62 -11.14 18.48
CA THR E 81 -25.12 -11.85 19.66
C THR E 81 -26.04 -13.01 19.31
N THR E 82 -27.18 -12.74 18.65
CA THR E 82 -28.29 -13.66 18.40
C THR E 82 -28.64 -14.59 19.55
N ALA E 83 -28.66 -14.08 20.77
CA ALA E 83 -28.93 -14.95 21.89
C ALA E 83 -30.04 -14.38 22.75
N ASN E 84 -30.11 -13.05 22.82
CA ASN E 84 -31.03 -12.42 23.75
C ASN E 84 -32.45 -12.48 23.21
N LYS E 85 -33.38 -12.83 24.08
CA LYS E 85 -34.77 -13.11 23.77
C LYS E 85 -35.66 -12.34 24.73
N TRP E 86 -36.69 -11.71 24.19
CA TRP E 86 -37.66 -11.00 25.03
C TRP E 86 -39.05 -11.17 24.44
N VAL E 87 -40.00 -11.55 25.28
CA VAL E 87 -41.40 -11.48 24.90
C VAL E 87 -41.79 -10.02 24.70
N ASP E 88 -42.36 -9.71 23.54
CA ASP E 88 -43.06 -8.46 23.36
C ASP E 88 -44.24 -8.42 24.33
N PHE E 89 -44.17 -7.50 25.30
CA PHE E 89 -45.05 -7.60 26.45
C PHE E 89 -46.48 -7.24 26.10
N ASP E 90 -46.75 -5.97 25.79
CA ASP E 90 -48.10 -5.64 25.36
C ASP E 90 -48.14 -4.95 23.99
N PHE E 91 -47.67 -3.71 23.93
CA PHE E 91 -47.68 -2.89 22.72
C PHE E 91 -46.60 -1.83 22.89
N LYS E 92 -45.45 -2.02 22.26
CA LYS E 92 -44.24 -1.29 22.62
C LYS E 92 -43.50 -0.86 21.36
N ALA E 93 -42.23 -0.46 21.54
CA ALA E 93 -41.52 0.31 20.54
C ALA E 93 -40.80 -0.57 19.53
N LYS E 94 -39.94 0.07 18.72
CA LYS E 94 -39.17 -0.55 17.64
C LYS E 94 -37.70 -0.14 17.80
N SER E 95 -37.21 -0.35 19.02
CA SER E 95 -36.10 0.41 19.60
C SER E 95 -34.74 0.04 19.00
N SER E 96 -34.47 0.63 17.84
CA SER E 96 -33.14 1.01 17.34
C SER E 96 -32.21 -0.11 16.90
N ALA E 97 -32.52 -1.36 17.22
CA ALA E 97 -31.74 -2.45 16.66
C ALA E 97 -32.54 -3.70 16.35
N MET E 98 -33.83 -3.74 16.66
CA MET E 98 -34.60 -4.96 16.82
C MET E 98 -34.91 -5.62 15.47
N LYS E 99 -35.07 -6.93 15.49
CA LYS E 99 -35.44 -7.70 14.31
C LYS E 99 -36.64 -8.58 14.65
N MET E 100 -37.70 -8.47 13.86
CA MET E 100 -39.00 -8.98 14.26
C MET E 100 -39.25 -10.39 13.75
N VAL E 101 -39.70 -11.25 14.64
CA VAL E 101 -39.99 -12.65 14.33
C VAL E 101 -41.41 -12.96 14.74
N THR E 102 -42.18 -13.51 13.82
CA THR E 102 -43.51 -13.99 14.10
C THR E 102 -43.73 -15.21 13.22
N SER E 103 -44.98 -15.61 13.03
CA SER E 103 -45.24 -16.75 12.17
C SER E 103 -46.37 -16.46 11.21
N CYS E 104 -46.35 -17.19 10.08
CA CYS E 104 -47.46 -17.13 9.14
C CYS E 104 -48.68 -17.86 9.69
N ASP E 105 -48.46 -19.08 10.19
CA ASP E 105 -49.57 -19.88 10.70
C ASP E 105 -49.94 -19.43 12.10
N ASP E 106 -51.24 -19.50 12.41
CA ASP E 106 -51.76 -19.22 13.74
C ASP E 106 -52.16 -20.48 14.49
N ASN E 107 -52.80 -21.43 13.81
CA ASN E 107 -53.40 -22.57 14.49
C ASN E 107 -52.42 -23.69 14.81
N LYS E 108 -51.12 -23.47 14.63
CA LYS E 108 -50.12 -24.42 15.07
C LYS E 108 -49.03 -23.78 15.92
N THR E 109 -48.70 -22.52 15.66
CA THR E 109 -47.44 -21.97 16.15
C THR E 109 -47.54 -21.46 17.58
N LEU E 110 -48.37 -20.43 17.79
CA LEU E 110 -48.58 -19.74 19.08
C LEU E 110 -47.24 -19.36 19.73
N LEU E 111 -46.56 -18.44 19.06
CA LEU E 111 -45.10 -18.41 19.04
C LEU E 111 -44.44 -18.03 20.37
N LYS E 112 -45.22 -17.79 21.44
CA LYS E 112 -44.59 -17.80 22.76
C LYS E 112 -44.21 -19.22 23.15
N TYR E 113 -44.89 -20.21 22.56
CA TYR E 113 -44.41 -21.58 22.54
C TYR E 113 -42.99 -21.64 22.00
N VAL E 114 -42.74 -21.00 20.86
CA VAL E 114 -41.40 -21.11 20.28
C VAL E 114 -40.46 -20.05 20.81
N TYR E 115 -40.98 -19.02 21.50
CA TYR E 115 -40.15 -18.23 22.38
C TYR E 115 -39.53 -19.12 23.45
N TYR E 116 -40.36 -19.94 24.07
CA TYR E 116 -39.86 -20.88 25.06
C TYR E 116 -38.98 -21.94 24.42
N TRP E 117 -39.30 -22.36 23.19
CA TRP E 117 -38.47 -23.35 22.51
C TRP E 117 -37.15 -22.80 22.01
N LEU E 118 -37.01 -21.48 21.86
CA LEU E 118 -35.80 -20.96 21.22
C LEU E 118 -34.64 -20.89 22.21
N ASN E 119 -34.94 -20.57 23.46
CA ASN E 119 -33.89 -20.51 24.46
C ASN E 119 -33.47 -21.91 24.94
N THR E 120 -34.06 -22.96 24.38
CA THR E 120 -33.69 -24.32 24.75
C THR E 120 -32.31 -24.69 24.22
N LEU E 121 -31.84 -23.98 23.20
CA LEU E 121 -30.65 -24.38 22.47
C LEU E 121 -29.58 -23.30 22.58
N PRO E 122 -28.75 -23.32 23.62
CA PRO E 122 -27.64 -22.36 23.69
C PRO E 122 -26.38 -22.92 23.06
N SER E 123 -26.54 -23.97 22.26
CA SER E 123 -25.44 -24.74 21.66
C SER E 123 -24.49 -23.86 20.86
N GLU E 124 -24.99 -23.24 19.80
CA GLU E 124 -24.21 -22.16 19.20
C GLU E 124 -24.31 -20.90 20.03
N PHE E 125 -25.43 -20.70 20.73
CA PHE E 125 -25.70 -19.42 21.36
C PHE E 125 -24.90 -19.18 22.63
N ALA E 126 -24.02 -20.10 23.01
CA ALA E 126 -22.95 -19.81 23.96
C ALA E 126 -21.69 -19.31 23.27
N GLU E 127 -21.78 -18.88 22.01
CA GLU E 127 -20.64 -18.37 21.25
C GLU E 127 -20.99 -17.02 20.63
N GLY E 128 -20.85 -15.95 21.41
CA GLY E 128 -20.73 -14.65 20.80
C GLY E 128 -19.25 -14.31 20.76
N ASP E 129 -18.61 -14.55 19.63
CA ASP E 129 -17.16 -14.39 19.59
C ASP E 129 -16.69 -13.63 18.37
N HIS E 130 -17.29 -13.87 17.21
CA HIS E 130 -16.81 -13.32 15.94
C HIS E 130 -17.82 -12.34 15.40
N LYS E 131 -17.32 -11.34 14.68
CA LYS E 131 -18.20 -10.37 14.05
C LYS E 131 -18.96 -11.03 12.91
N ARG E 132 -20.29 -11.02 13.01
CA ARG E 132 -21.10 -12.02 12.34
C ARG E 132 -22.59 -11.71 12.39
N GLN E 133 -23.30 -11.98 11.29
CA GLN E 133 -24.75 -12.03 11.26
C GLN E 133 -25.18 -13.49 11.18
N TRP E 134 -26.28 -13.85 11.85
CA TRP E 134 -26.70 -15.24 11.90
C TRP E 134 -28.08 -15.54 11.33
N ILE E 135 -28.69 -14.60 10.58
CA ILE E 135 -30.15 -14.60 10.33
C ILE E 135 -30.59 -15.87 9.61
N SER E 136 -29.92 -16.16 8.49
CA SER E 136 -30.21 -17.38 7.74
C SER E 136 -29.89 -18.62 8.54
N ASN E 137 -28.88 -18.56 9.42
CA ASN E 137 -28.37 -19.78 10.03
C ASN E 137 -29.33 -20.34 11.07
N TYR E 138 -29.79 -19.49 12.02
CA TYR E 138 -30.86 -19.96 12.88
C TYR E 138 -32.16 -20.06 12.10
N SER E 139 -32.32 -19.25 11.04
CA SER E 139 -33.54 -19.27 10.28
C SER E 139 -33.76 -20.57 9.52
N GLN E 140 -32.71 -21.39 9.37
CA GLN E 140 -32.90 -22.71 8.81
C GLN E 140 -33.75 -23.63 9.69
N LYS E 141 -33.20 -24.03 10.83
CA LYS E 141 -33.58 -25.29 11.48
C LYS E 141 -32.78 -25.36 12.78
N LYS E 142 -33.20 -26.19 13.75
CA LYS E 142 -34.40 -27.06 13.83
C LYS E 142 -35.25 -26.68 15.03
N ILE E 143 -36.35 -27.40 15.22
CA ILE E 143 -37.07 -27.43 16.50
C ILE E 143 -37.93 -28.69 16.49
N PRO E 144 -38.19 -29.32 17.63
CA PRO E 144 -39.18 -30.41 17.64
C PRO E 144 -40.60 -29.87 17.71
N ILE E 145 -41.51 -30.64 17.11
CA ILE E 145 -42.89 -30.25 16.81
C ILE E 145 -43.76 -31.47 17.09
N PRO E 146 -44.96 -31.31 17.66
CA PRO E 146 -45.84 -32.47 17.88
C PRO E 146 -46.55 -32.98 16.64
N CYS E 147 -46.12 -32.59 15.45
CA CYS E 147 -46.57 -33.16 14.18
C CYS E 147 -46.29 -34.67 14.18
N PRO E 148 -47.14 -35.49 13.51
CA PRO E 148 -48.32 -35.23 12.68
C PRO E 148 -49.69 -35.52 13.27
N ASP E 149 -49.97 -35.11 14.49
CA ASP E 149 -51.35 -35.16 14.96
C ASP E 149 -52.01 -33.79 14.87
N ASN E 150 -51.35 -32.84 14.19
CA ASN E 150 -51.93 -31.57 13.84
C ASN E 150 -53.10 -31.76 12.87
N PRO E 151 -54.07 -30.83 12.86
CA PRO E 151 -54.30 -29.69 13.74
C PRO E 151 -55.25 -30.03 14.87
N GLU E 152 -55.30 -31.32 15.23
CA GLU E 152 -56.30 -31.79 16.18
C GLU E 152 -55.99 -31.33 17.59
N LYS E 153 -54.87 -31.77 18.14
CA LYS E 153 -54.57 -31.53 19.54
C LYS E 153 -53.13 -31.07 19.70
N SER E 154 -52.56 -30.59 18.59
CA SER E 154 -51.15 -30.21 18.55
C SER E 154 -50.85 -29.06 19.51
N LEU E 155 -51.74 -28.08 19.57
CA LEU E 155 -51.60 -27.02 20.56
C LEU E 155 -52.22 -27.43 21.89
N ALA E 156 -53.06 -28.48 21.87
CA ALA E 156 -53.78 -28.85 23.09
C ALA E 156 -52.87 -29.55 24.08
N ILE E 157 -51.83 -30.22 23.59
CA ILE E 157 -50.83 -30.79 24.49
C ILE E 157 -49.84 -29.73 24.92
N GLN E 158 -49.78 -28.63 24.17
CA GLN E 158 -48.87 -27.56 24.52
C GLN E 158 -49.33 -26.78 25.73
N SER E 159 -50.66 -26.71 25.94
CA SER E 159 -51.24 -25.90 26.99
C SER E 159 -50.79 -26.35 28.37
N GLU E 160 -50.57 -27.65 28.53
CA GLU E 160 -49.94 -28.18 29.73
C GLU E 160 -48.57 -27.57 29.94
N ILE E 161 -47.65 -27.79 28.98
CA ILE E 161 -46.25 -27.44 29.20
C ILE E 161 -46.05 -25.93 29.13
N VAL E 162 -46.84 -25.25 28.30
CA VAL E 162 -46.72 -23.80 28.27
C VAL E 162 -47.33 -23.22 29.54
N ARG E 163 -48.28 -23.93 30.16
CA ARG E 163 -48.75 -23.51 31.47
C ARG E 163 -47.66 -23.71 32.51
N ILE E 164 -46.86 -24.76 32.37
CA ILE E 164 -45.77 -25.03 33.31
C ILE E 164 -44.74 -23.90 33.23
N LEU E 165 -44.34 -23.57 32.01
CA LEU E 165 -43.35 -22.51 31.82
C LEU E 165 -43.92 -21.14 32.16
N ASP E 166 -45.23 -20.95 31.98
CA ASP E 166 -45.82 -19.68 32.35
C ASP E 166 -45.89 -19.51 33.86
N LYS E 167 -46.20 -20.59 34.59
CA LYS E 167 -46.15 -20.51 36.05
C LYS E 167 -44.72 -20.26 36.53
N PHE E 168 -43.74 -20.82 35.82
CA PHE E 168 -42.37 -20.66 36.28
C PHE E 168 -41.85 -19.26 35.97
N THR E 169 -42.19 -18.74 34.80
CA THR E 169 -41.79 -17.39 34.44
C THR E 169 -42.51 -16.38 35.31
N ALA E 170 -43.77 -16.67 35.64
CA ALA E 170 -44.54 -15.85 36.57
C ALA E 170 -43.87 -15.83 37.93
N LEU E 171 -43.42 -17.00 38.41
CA LEU E 171 -42.63 -17.11 39.63
C LEU E 171 -41.41 -16.23 39.63
N THR E 172 -40.64 -16.29 38.55
CA THR E 172 -39.41 -15.50 38.48
C THR E 172 -39.71 -14.01 38.49
N ALA E 173 -40.73 -13.60 37.74
CA ALA E 173 -41.10 -12.19 37.68
C ALA E 173 -41.62 -11.69 39.02
N GLU E 174 -42.45 -12.48 39.71
CA GLU E 174 -42.96 -12.02 40.98
C GLU E 174 -41.88 -12.05 42.06
N LEU E 175 -40.92 -12.97 41.96
CA LEU E 175 -39.86 -12.98 42.96
C LEU E 175 -38.97 -11.77 42.82
N THR E 176 -38.67 -11.38 41.58
CA THR E 176 -37.99 -10.11 41.35
C THR E 176 -38.83 -8.94 41.86
N ALA E 177 -40.15 -9.01 41.66
CA ALA E 177 -41.03 -7.93 42.08
C ALA E 177 -41.09 -7.81 43.60
N GLU E 178 -41.20 -8.92 44.31
CA GLU E 178 -41.26 -8.85 45.76
C GLU E 178 -39.91 -8.56 46.36
N LEU E 179 -38.82 -8.91 45.68
CA LEU E 179 -37.50 -8.45 46.10
C LEU E 179 -37.39 -6.95 45.98
N ASN E 180 -37.90 -6.39 44.89
CA ASN E 180 -37.89 -4.94 44.70
C ASN E 180 -38.75 -4.25 45.74
N MET E 181 -39.97 -4.75 45.95
CA MET E 181 -40.87 -4.19 46.95
C MET E 181 -40.33 -4.40 48.35
N ARG E 182 -39.57 -5.47 48.55
CA ARG E 182 -39.03 -5.79 49.86
C ARG E 182 -37.93 -4.81 50.21
N LYS E 183 -37.03 -4.54 49.27
CA LYS E 183 -35.99 -3.54 49.49
C LYS E 183 -36.59 -2.15 49.60
N LYS E 184 -37.67 -1.89 48.86
CA LYS E 184 -38.33 -0.59 48.88
C LYS E 184 -38.97 -0.33 50.24
N GLN E 185 -39.83 -1.24 50.69
CA GLN E 185 -40.46 -1.15 52.01
C GLN E 185 -39.41 -1.20 53.12
N TYR E 186 -38.32 -1.93 52.89
CA TYR E 186 -37.31 -2.07 53.92
C TYR E 186 -36.54 -0.77 54.12
N ASN E 187 -36.18 -0.11 53.03
CA ASN E 187 -35.50 1.18 53.13
C ASN E 187 -36.46 2.24 53.66
N TYR E 188 -37.75 2.11 53.32
CA TYR E 188 -38.72 3.05 53.87
C TYR E 188 -38.97 2.82 55.36
N TYR E 189 -38.75 1.60 55.83
CA TYR E 189 -39.01 1.26 57.22
C TYR E 189 -37.78 1.41 58.10
N ARG E 190 -36.58 1.46 57.49
CA ARG E 190 -35.35 1.74 58.22
C ARG E 190 -35.40 3.07 58.96
N ASP E 191 -35.57 4.16 58.21
CA ASP E 191 -35.28 5.48 58.71
C ASP E 191 -36.51 6.23 59.19
N GLN E 192 -37.70 5.66 59.02
CA GLN E 192 -38.81 6.04 59.87
C GLN E 192 -38.49 5.72 61.32
N LEU E 193 -38.05 4.49 61.57
CA LEU E 193 -37.42 4.09 62.81
C LEU E 193 -36.01 4.64 62.89
N LEU E 194 -35.38 4.50 64.06
CA LEU E 194 -33.94 4.71 64.27
C LEU E 194 -33.47 6.17 64.10
N SER E 195 -34.35 7.07 63.71
CA SER E 195 -33.96 8.41 63.36
C SER E 195 -34.70 9.41 64.25
N PHE E 196 -34.51 10.71 63.93
CA PHE E 196 -35.02 11.89 64.67
C PHE E 196 -34.87 11.78 66.19
N LYS E 197 -33.80 11.12 66.64
CA LYS E 197 -33.78 10.41 67.92
C LYS E 197 -33.92 11.34 69.12
N GLU E 198 -34.72 10.88 70.10
CA GLU E 198 -35.07 11.70 71.25
C GLU E 198 -35.36 10.75 72.41
N GLY E 199 -35.04 11.17 73.64
CA GLY E 199 -34.35 12.41 73.94
C GLY E 199 -33.36 12.32 75.08
N GLU E 200 -32.12 12.76 74.88
CA GLU E 200 -31.64 13.19 73.56
C GLU E 200 -30.33 12.49 73.25
N VAL E 201 -30.30 11.84 72.09
CA VAL E 201 -29.18 11.00 71.74
C VAL E 201 -28.03 11.87 71.25
N GLU E 202 -26.81 11.52 71.67
CA GLU E 202 -25.64 12.36 71.48
C GLU E 202 -25.27 12.50 70.01
N TRP E 203 -25.05 13.74 69.60
CA TRP E 203 -24.64 14.05 68.23
C TRP E 203 -23.12 13.91 68.10
N LYS E 204 -22.69 12.65 68.09
CA LYS E 204 -21.27 12.36 68.01
C LYS E 204 -20.77 12.58 66.59
N THR E 205 -19.67 13.29 66.46
CA THR E 205 -19.09 13.57 65.15
C THR E 205 -18.32 12.33 64.67
N LEU E 206 -18.35 12.11 63.36
CA LEU E 206 -17.59 11.03 62.75
C LEU E 206 -16.09 11.21 63.00
N GLY E 207 -15.40 10.08 63.17
CA GLY E 207 -14.01 10.10 63.55
C GLY E 207 -13.75 10.23 65.02
N GLU E 208 -14.74 10.63 65.80
CA GLU E 208 -14.72 10.51 67.25
C GLU E 208 -15.27 9.18 67.71
N ILE E 209 -15.20 8.18 66.83
CA ILE E 209 -15.83 6.88 67.01
C ILE E 209 -14.74 5.82 66.98
N GLY E 210 -13.59 6.17 66.40
CA GLY E 210 -12.49 5.25 66.21
C GLY E 210 -11.52 5.74 65.16
N LYS E 211 -10.22 5.53 65.39
CA LYS E 211 -9.22 6.02 64.45
C LYS E 211 -9.22 5.18 63.19
N TRP E 212 -9.65 5.77 62.09
CA TRP E 212 -9.80 5.05 60.83
C TRP E 212 -8.58 5.29 59.95
N TYR E 213 -8.41 4.41 58.97
CA TYR E 213 -7.19 4.35 58.17
C TYR E 213 -7.49 4.76 56.74
N GLY E 214 -6.54 5.48 56.13
CA GLY E 214 -6.78 6.13 54.85
C GLY E 214 -6.87 5.24 53.61
N GLY E 215 -5.77 4.65 53.19
CA GLY E 215 -5.75 3.90 51.94
C GLY E 215 -4.35 3.62 51.44
N GLY E 216 -4.15 3.63 50.12
CA GLY E 216 -2.83 3.43 49.55
C GLY E 216 -2.79 2.47 48.38
N THR E 217 -1.88 2.66 47.42
CA THR E 217 -1.84 1.80 46.23
C THR E 217 -0.43 1.53 45.74
N PRO E 218 -0.01 0.27 45.71
CA PRO E 218 1.28 -0.05 45.06
C PRO E 218 1.15 0.05 43.56
N SER E 219 2.25 0.43 42.91
CA SER E 219 2.26 0.47 41.46
C SER E 219 2.33 -0.95 40.90
N LYS E 220 1.82 -1.11 39.68
CA LYS E 220 1.78 -2.40 39.02
C LYS E 220 3.05 -2.69 38.21
N ASN E 221 4.09 -1.86 38.38
CA ASN E 221 5.34 -2.08 37.65
C ASN E 221 6.11 -3.25 38.23
N LYS E 222 6.30 -3.26 39.54
CA LYS E 222 6.99 -4.35 40.21
C LYS E 222 6.10 -5.58 40.22
N ILE E 223 6.45 -6.58 39.41
CA ILE E 223 5.69 -7.82 39.36
C ILE E 223 5.89 -8.63 40.64
N GLU E 224 7.02 -8.43 41.33
CA GLU E 224 7.24 -8.99 42.66
C GLU E 224 6.15 -8.54 43.63
N PHE E 225 5.80 -7.26 43.59
CA PHE E 225 4.81 -6.71 44.50
C PHE E 225 3.38 -7.01 44.10
N TRP E 226 3.17 -7.67 42.97
CA TRP E 226 1.83 -7.74 42.39
C TRP E 226 1.37 -9.15 42.05
N GLU E 227 2.27 -10.03 41.63
CA GLU E 227 1.88 -11.26 40.95
C GLU E 227 1.27 -12.30 41.89
N ASN E 228 1.66 -12.31 43.17
CA ASN E 228 1.27 -13.37 44.08
C ASN E 228 0.87 -12.71 45.40
N GLY E 229 0.78 -13.51 46.45
CA GLY E 229 0.50 -13.00 47.77
C GLY E 229 -0.93 -13.20 48.20
N SER E 230 -1.17 -13.19 49.50
CA SER E 230 -2.48 -13.54 50.04
C SER E 230 -3.14 -12.40 50.81
N ILE E 231 -2.69 -11.16 50.65
CA ILE E 231 -3.40 -10.03 51.24
C ILE E 231 -4.56 -9.66 50.33
N PRO E 232 -5.80 -9.67 50.84
CA PRO E 232 -6.94 -9.27 50.02
C PRO E 232 -6.92 -7.79 49.65
N TRP E 233 -6.77 -7.51 48.37
CA TRP E 233 -6.89 -6.15 47.89
C TRP E 233 -8.36 -5.80 47.71
N ILE E 234 -8.69 -4.53 47.93
CA ILE E 234 -10.05 -4.05 47.74
C ILE E 234 -10.02 -2.84 46.82
N SER E 235 -10.86 -2.89 45.79
CA SER E 235 -11.01 -1.81 44.83
C SER E 235 -12.48 -1.48 44.67
N PRO E 236 -12.82 -0.22 44.42
CA PRO E 236 -14.24 0.13 44.21
C PRO E 236 -14.78 -0.32 42.87
N LYS E 237 -13.94 -0.76 41.94
CA LYS E 237 -14.47 -1.49 40.79
C LYS E 237 -14.94 -2.87 41.21
N ASP E 238 -14.37 -3.42 42.29
CA ASP E 238 -14.82 -4.68 42.84
C ASP E 238 -15.81 -4.50 43.97
N MET E 239 -16.15 -3.26 44.31
CA MET E 239 -17.20 -2.99 45.28
C MET E 239 -18.55 -3.02 44.57
N GLY E 240 -19.58 -2.55 45.25
CA GLY E 240 -20.94 -2.74 44.81
C GLY E 240 -21.62 -3.95 45.42
N ARG E 241 -20.88 -4.74 46.19
CA ARG E 241 -21.46 -5.84 46.96
C ARG E 241 -22.02 -5.33 48.28
N THR E 242 -22.32 -6.26 49.17
CA THR E 242 -22.59 -5.97 50.57
C THR E 242 -22.06 -7.15 51.36
N LEU E 243 -21.35 -6.86 52.46
CA LEU E 243 -20.65 -7.85 53.29
C LEU E 243 -19.62 -8.60 52.44
N VAL E 244 -18.59 -7.85 52.03
CA VAL E 244 -17.52 -8.41 51.24
C VAL E 244 -16.66 -9.32 52.11
N ASP E 245 -16.48 -10.56 51.65
CA ASP E 245 -15.59 -11.51 52.28
C ASP E 245 -14.27 -11.68 51.53
N SER E 246 -14.30 -11.57 50.20
CA SER E 246 -13.09 -11.66 49.39
C SER E 246 -13.33 -10.89 48.10
N SER E 247 -12.24 -10.58 47.41
CA SER E 247 -12.31 -9.81 46.18
C SER E 247 -11.54 -10.51 45.08
N GLU E 248 -11.45 -9.83 43.94
CA GLU E 248 -10.76 -10.33 42.76
C GLU E 248 -9.25 -10.35 42.93
N ASP E 249 -8.70 -9.43 43.71
CA ASP E 249 -7.25 -9.20 43.74
C ASP E 249 -6.69 -9.62 45.09
N TYR E 250 -5.64 -10.43 45.06
CA TYR E 250 -4.86 -10.82 46.22
C TYR E 250 -3.44 -10.31 45.99
N ILE E 251 -2.95 -9.46 46.88
CA ILE E 251 -1.73 -8.73 46.63
C ILE E 251 -0.61 -9.30 47.52
N THR E 252 0.62 -8.92 47.22
CA THR E 252 1.80 -9.56 47.79
C THR E 252 2.05 -9.09 49.22
N GLU E 253 2.43 -10.03 50.09
CA GLU E 253 2.76 -9.67 51.46
C GLU E 253 4.10 -8.94 51.54
N GLU E 254 4.98 -9.13 50.55
CA GLU E 254 6.20 -8.34 50.49
C GLU E 254 5.90 -6.88 50.18
N ALA E 255 4.84 -6.63 49.40
CA ALA E 255 4.52 -5.31 48.87
C ALA E 255 4.19 -4.28 49.94
N VAL E 256 4.02 -4.69 51.21
CA VAL E 256 3.83 -3.73 52.30
C VAL E 256 5.11 -3.00 52.64
N LEU E 257 6.24 -3.34 52.00
CA LEU E 257 7.43 -2.51 52.10
C LEU E 257 7.19 -1.11 51.56
N HIS E 258 6.47 -0.99 50.44
CA HIS E 258 6.13 0.32 49.90
C HIS E 258 4.69 0.39 49.38
N SER E 259 3.75 -0.28 50.05
CA SER E 259 2.36 -0.19 49.63
C SER E 259 1.74 1.16 49.95
N SER E 260 2.30 1.88 50.94
CA SER E 260 1.68 3.06 51.56
C SER E 260 0.27 2.75 52.07
N THR E 261 0.07 1.53 52.56
CA THR E 261 -1.21 1.10 53.08
C THR E 261 -1.11 0.76 54.56
N LYS E 262 -2.24 0.38 55.15
CA LYS E 262 -2.25 -0.15 56.52
C LYS E 262 -3.03 -1.45 56.50
N LEU E 263 -2.46 -2.49 57.10
CA LEU E 263 -3.22 -3.71 57.30
C LEU E 263 -4.20 -3.50 58.44
N ILE E 264 -5.47 -3.76 58.16
CA ILE E 264 -6.55 -3.41 59.08
C ILE E 264 -7.10 -4.70 59.67
N PRO E 265 -7.83 -4.67 60.80
CA PRO E 265 -8.41 -5.91 61.32
C PRO E 265 -9.59 -6.44 60.51
N ALA E 266 -10.19 -7.52 61.00
CA ALA E 266 -11.13 -8.32 60.22
C ALA E 266 -12.59 -8.06 60.58
N ASN E 267 -12.90 -6.90 61.15
CA ASN E 267 -14.27 -6.57 61.51
C ASN E 267 -14.58 -5.13 61.12
N SER E 268 -14.25 -4.77 59.89
CA SER E 268 -14.17 -3.36 59.55
C SER E 268 -15.30 -2.97 58.60
N ILE E 269 -15.42 -1.68 58.34
CA ILE E 269 -16.30 -1.18 57.29
C ILE E 269 -15.47 -0.32 56.35
N ALA E 270 -16.01 -0.08 55.17
CA ALA E 270 -15.28 0.71 54.18
C ALA E 270 -16.30 1.45 53.35
N ILE E 271 -15.84 2.49 52.66
CA ILE E 271 -16.76 3.40 51.98
C ILE E 271 -16.01 4.11 50.87
N VAL E 272 -16.68 4.28 49.73
CA VAL E 272 -16.03 4.87 48.57
C VAL E 272 -16.10 6.39 48.65
N VAL E 273 -15.18 7.04 47.96
CA VAL E 273 -15.17 8.50 47.86
C VAL E 273 -14.99 8.93 46.42
N ARG E 274 -15.15 8.00 45.46
CA ARG E 274 -14.83 8.31 44.06
C ARG E 274 -15.84 7.69 43.10
N SER E 275 -16.58 8.56 42.40
CA SER E 275 -17.13 8.42 41.06
C SER E 275 -18.38 7.54 40.92
N SER E 276 -18.86 6.87 41.96
CA SER E 276 -20.22 6.33 41.92
C SER E 276 -21.21 7.30 42.54
N ILE E 277 -20.92 7.74 43.76
CA ILE E 277 -21.28 9.07 44.22
C ILE E 277 -20.56 10.12 43.38
N LEU E 278 -21.05 11.36 43.48
CA LEU E 278 -21.15 12.47 42.53
C LEU E 278 -22.30 12.21 41.56
N ASP E 279 -22.88 11.01 41.55
CA ASP E 279 -24.08 10.73 40.79
C ASP E 279 -25.19 10.02 41.57
N LYS E 280 -24.86 9.08 42.45
CA LYS E 280 -25.78 8.02 42.84
C LYS E 280 -25.52 7.63 44.29
N VAL E 281 -25.92 6.42 44.66
CA VAL E 281 -25.73 5.94 46.02
C VAL E 281 -24.29 5.44 46.22
N LEU E 282 -23.72 5.75 47.39
CA LEU E 282 -22.39 5.30 47.75
C LEU E 282 -22.45 3.94 48.45
N PRO E 283 -21.73 2.94 47.97
CA PRO E 283 -21.76 1.63 48.62
C PRO E 283 -20.91 1.61 49.88
N SER E 284 -21.07 0.53 50.63
CA SER E 284 -20.34 0.22 51.85
C SER E 284 -20.55 -1.25 52.15
N ALA E 285 -19.61 -1.85 52.90
CA ALA E 285 -19.68 -3.28 53.12
C ALA E 285 -19.01 -3.65 54.44
N LEU E 286 -19.49 -4.73 55.04
CA LEU E 286 -18.85 -5.36 56.18
C LEU E 286 -17.66 -6.15 55.64
N ILE E 287 -16.46 -5.62 55.80
CA ILE E 287 -15.31 -6.42 55.40
C ILE E 287 -14.89 -7.27 56.59
N LYS E 288 -14.85 -8.58 56.37
CA LYS E 288 -14.75 -9.59 57.41
C LYS E 288 -13.35 -10.20 57.48
N VAL E 289 -12.46 -9.79 56.58
CA VAL E 289 -11.11 -10.32 56.55
C VAL E 289 -10.13 -9.17 56.71
N PRO E 290 -8.90 -9.39 57.17
CA PRO E 290 -7.90 -8.31 57.12
C PRO E 290 -7.50 -8.04 55.68
N ALA E 291 -7.45 -6.78 55.31
CA ALA E 291 -7.36 -6.42 53.90
C ALA E 291 -6.77 -5.01 53.79
N THR E 292 -6.59 -4.56 52.56
CA THR E 292 -6.24 -3.17 52.26
C THR E 292 -7.08 -2.71 51.09
N LEU E 293 -7.18 -1.39 50.94
CA LEU E 293 -7.89 -0.76 49.85
C LEU E 293 -7.01 0.30 49.20
N ASN E 294 -7.48 0.80 48.05
CA ASN E 294 -6.67 1.66 47.20
C ASN E 294 -6.59 3.10 47.66
N GLN E 295 -6.13 3.96 46.76
CA GLN E 295 -6.21 5.41 46.91
C GLN E 295 -7.63 5.92 47.09
N ASP E 296 -8.61 5.25 46.47
CA ASP E 296 -9.85 5.90 46.07
C ASP E 296 -11.03 5.59 47.00
N MET E 297 -10.76 5.14 48.21
CA MET E 297 -11.83 4.88 49.19
C MET E 297 -11.21 4.91 50.58
N LYS E 298 -12.03 4.64 51.59
CA LYS E 298 -11.64 4.79 52.99
C LYS E 298 -12.05 3.57 53.79
N ALA E 299 -11.19 3.16 54.72
CA ALA E 299 -11.49 2.10 55.67
C ALA E 299 -11.72 2.69 57.05
N VAL E 300 -12.73 2.18 57.75
CA VAL E 300 -13.10 2.68 59.07
C VAL E 300 -13.21 1.51 60.04
N ILE E 301 -12.50 1.64 61.16
CA ILE E 301 -12.75 0.84 62.36
C ILE E 301 -13.29 1.76 63.44
N PRO E 302 -14.29 1.34 64.18
CA PRO E 302 -14.73 2.13 65.34
C PRO E 302 -13.98 1.75 66.60
N HIS E 303 -14.31 2.36 67.74
CA HIS E 303 -13.57 2.10 68.99
C HIS E 303 -14.51 1.81 70.16
N GLU E 304 -14.92 0.55 70.27
CA GLU E 304 -15.19 -0.16 71.53
C GLU E 304 -16.39 0.34 72.35
N ASN E 305 -16.97 1.48 72.01
CA ASN E 305 -18.10 2.02 72.75
C ASN E 305 -19.42 1.67 72.10
N ILE E 306 -19.42 0.64 71.25
CA ILE E 306 -20.34 0.51 70.14
C ILE E 306 -20.69 -0.95 69.87
N LEU E 307 -21.45 -1.17 68.81
CA LEU E 307 -21.47 -2.45 68.10
C LEU E 307 -21.35 -2.10 66.62
N VAL E 308 -20.41 -2.74 65.92
CA VAL E 308 -19.92 -2.23 64.63
C VAL E 308 -20.99 -2.31 63.53
N LYS E 309 -21.88 -3.30 63.61
CA LYS E 309 -22.94 -3.44 62.63
C LYS E 309 -23.92 -2.28 62.71
N TYR E 310 -24.09 -1.72 63.91
CA TYR E 310 -24.91 -0.53 64.08
C TYR E 310 -24.33 0.66 63.35
N ILE E 311 -23.00 0.81 63.38
CA ILE E 311 -22.35 1.86 62.61
C ILE E 311 -22.57 1.64 61.13
N TYR E 312 -22.49 0.38 60.69
CA TYR E 312 -22.71 0.07 59.27
C TYR E 312 -24.10 0.45 58.82
N HIS E 313 -25.11 0.07 59.59
CA HIS E 313 -26.49 0.35 59.19
C HIS E 313 -26.79 1.84 59.34
N MET E 314 -26.13 2.51 60.28
CA MET E 314 -26.27 3.95 60.42
C MET E 314 -25.74 4.67 59.20
N ILE E 315 -24.57 4.27 58.71
CA ILE E 315 -23.98 4.92 57.55
C ILE E 315 -24.77 4.59 56.29
N GLY E 316 -25.18 3.32 56.13
CA GLY E 316 -25.97 2.95 54.97
C GLY E 316 -27.35 3.57 54.99
N SER E 317 -27.84 3.93 56.18
CA SER E 317 -29.08 4.67 56.28
C SER E 317 -28.89 6.12 55.88
N ARG E 318 -27.90 6.78 56.47
CA ARG E 318 -27.71 8.21 56.26
C ARG E 318 -26.91 8.54 55.03
N GLY E 319 -26.61 7.54 54.18
CA GLY E 319 -25.83 7.77 52.98
C GLY E 319 -26.41 8.82 52.05
N SER E 320 -27.73 8.82 51.89
CA SER E 320 -28.38 9.69 50.92
C SER E 320 -28.32 11.16 51.27
N ASP E 321 -27.94 11.49 52.51
CA ASP E 321 -27.73 12.88 52.88
C ASP E 321 -26.30 13.20 53.26
N ILE E 322 -25.49 12.21 53.65
CA ILE E 322 -24.08 12.52 53.84
C ILE E 322 -23.39 12.62 52.48
N LEU E 323 -23.99 12.06 51.44
CA LEU E 323 -23.54 12.43 50.09
C LEU E 323 -23.97 13.85 49.77
N ARG E 324 -25.13 14.26 50.27
CA ARG E 324 -25.62 15.61 50.02
C ARG E 324 -24.78 16.66 50.72
N ALA E 325 -24.13 16.29 51.83
CA ALA E 325 -23.39 17.26 52.63
C ALA E 325 -22.15 17.78 51.89
N ALA E 326 -21.51 16.93 51.11
CA ALA E 326 -20.28 17.32 50.42
C ALA E 326 -20.26 16.86 48.97
N LYS E 327 -21.35 17.13 48.23
CA LYS E 327 -21.62 16.42 46.98
C LYS E 327 -20.66 16.84 45.86
N LYS E 328 -20.66 18.13 45.52
CA LYS E 328 -20.11 18.58 44.24
C LYS E 328 -18.59 18.48 44.22
N THR E 329 -17.93 19.25 45.10
CA THR E 329 -16.47 19.30 45.25
C THR E 329 -15.75 19.60 43.94
N GLY E 330 -16.36 20.38 43.07
CA GLY E 330 -15.81 20.64 41.76
C GLY E 330 -16.50 19.84 40.67
N GLY E 331 -16.31 20.29 39.43
CA GLY E 331 -16.75 19.56 38.26
C GLY E 331 -15.81 18.46 37.82
N SER E 332 -14.86 18.09 38.67
CA SER E 332 -13.90 17.06 38.35
C SER E 332 -14.56 15.69 38.41
N VAL E 333 -13.78 14.68 38.03
CA VAL E 333 -14.26 13.31 38.03
C VAL E 333 -14.38 12.78 39.44
N ALA E 334 -13.60 13.35 40.37
CA ALA E 334 -13.60 12.93 41.77
C ALA E 334 -14.84 13.38 42.51
N SER E 335 -14.85 13.20 43.82
CA SER E 335 -16.09 13.29 44.58
C SER E 335 -15.77 13.84 45.97
N ILE E 336 -16.64 13.53 46.94
CA ILE E 336 -16.81 14.08 48.28
C ILE E 336 -15.52 14.39 49.01
N ASP E 337 -15.46 15.59 49.59
CA ASP E 337 -14.34 16.08 50.39
C ASP E 337 -14.02 15.20 51.59
N SER E 338 -12.81 15.36 52.13
CA SER E 338 -12.45 14.59 53.31
C SER E 338 -13.07 15.17 54.55
N LYS E 339 -13.04 16.50 54.68
CA LYS E 339 -13.37 17.14 55.94
C LYS E 339 -14.87 17.09 56.22
N LYS E 340 -15.69 17.45 55.23
CA LYS E 340 -17.13 17.47 55.43
C LYS E 340 -17.69 16.06 55.53
N LEU E 341 -16.99 15.08 54.94
CA LEU E 341 -17.26 13.69 55.25
C LEU E 341 -16.93 13.38 56.70
N PHE E 342 -15.79 13.86 57.17
CA PHE E 342 -15.33 13.59 58.51
C PHE E 342 -16.13 14.32 59.57
N SER E 343 -16.75 15.44 59.23
CA SER E 343 -17.30 16.34 60.24
C SER E 343 -18.82 16.27 60.27
N PHE E 344 -19.37 15.07 60.15
CA PHE E 344 -20.80 14.87 60.24
C PHE E 344 -21.14 14.27 61.60
N LYS E 345 -22.26 14.68 62.17
CA LYS E 345 -22.71 14.21 63.47
C LYS E 345 -23.85 13.21 63.31
N ILE E 346 -23.73 12.07 64.00
CA ILE E 346 -24.77 11.07 64.04
C ILE E 346 -25.25 10.88 65.47
N PRO E 347 -26.51 10.52 65.68
CA PRO E 347 -26.95 10.14 67.01
C PRO E 347 -26.41 8.78 67.44
N VAL E 348 -25.55 8.77 68.46
CA VAL E 348 -24.95 7.54 68.97
C VAL E 348 -25.55 7.20 70.32
N PRO E 349 -26.38 6.18 70.40
CA PRO E 349 -27.14 5.90 71.63
C PRO E 349 -26.39 5.01 72.60
N ASN E 350 -27.11 4.63 73.66
CA ASN E 350 -26.66 3.69 74.66
C ASN E 350 -26.65 2.28 74.08
N ILE E 351 -26.01 1.35 74.81
CA ILE E 351 -25.67 0.04 74.24
C ILE E 351 -26.90 -0.81 74.01
N ASN E 352 -27.90 -0.69 74.90
CA ASN E 352 -29.17 -1.39 74.69
C ASN E 352 -29.89 -0.87 73.46
N GLU E 353 -29.69 0.40 73.13
CA GLU E 353 -30.17 0.91 71.85
C GLU E 353 -29.16 0.73 70.74
N GLN E 354 -28.09 -0.05 70.96
CA GLN E 354 -27.34 -0.62 69.86
C GLN E 354 -27.80 -2.04 69.55
N GLN E 355 -27.66 -2.97 70.51
CA GLN E 355 -27.64 -4.39 70.16
C GLN E 355 -29.01 -4.90 69.74
N ARG E 356 -30.08 -4.38 70.36
CA ARG E 356 -31.42 -4.86 70.05
C ARG E 356 -31.85 -4.40 68.67
N ILE E 357 -31.68 -3.11 68.40
CA ILE E 357 -32.14 -2.54 67.14
C ILE E 357 -31.28 -3.05 65.99
N VAL E 358 -30.01 -3.36 66.26
CA VAL E 358 -29.19 -3.89 65.18
C VAL E 358 -29.49 -5.37 64.99
N GLU E 359 -30.00 -6.04 66.03
CA GLU E 359 -30.40 -7.42 65.87
C GLU E 359 -31.63 -7.54 64.97
N ILE E 360 -32.64 -6.70 65.24
CA ILE E 360 -33.84 -6.67 64.39
C ILE E 360 -33.48 -6.27 62.96
N LEU E 361 -32.71 -5.20 62.79
CA LEU E 361 -32.48 -4.69 61.44
C LEU E 361 -31.50 -5.57 60.68
N ASP E 362 -30.56 -6.20 61.39
CA ASP E 362 -29.66 -7.14 60.77
C ASP E 362 -30.39 -8.41 60.36
N LYS E 363 -31.32 -8.87 61.19
CA LYS E 363 -32.16 -10.02 60.83
C LYS E 363 -32.98 -9.71 59.59
N PHE E 364 -33.47 -8.48 59.48
CA PHE E 364 -34.24 -8.07 58.31
C PHE E 364 -33.41 -8.09 57.04
N ASP E 365 -32.29 -7.35 57.02
CA ASP E 365 -31.58 -7.31 55.73
C ASP E 365 -30.81 -8.60 55.47
N THR E 366 -30.56 -9.42 56.49
CA THR E 366 -29.99 -10.72 56.20
C THR E 366 -31.06 -11.67 55.72
N LEU E 367 -32.34 -11.36 55.96
CA LEU E 367 -33.39 -12.05 55.22
C LEU E 367 -33.38 -11.59 53.77
N THR E 368 -33.09 -10.30 53.54
CA THR E 368 -33.20 -9.82 52.16
C THR E 368 -32.01 -10.21 51.30
N ASN E 369 -30.81 -10.22 51.86
CA ASN E 369 -29.62 -10.11 51.02
C ASN E 369 -28.94 -11.45 50.75
N SER E 370 -27.99 -11.38 49.83
CA SER E 370 -27.19 -12.49 49.32
C SER E 370 -26.19 -12.96 50.37
N ILE E 371 -25.77 -14.23 50.30
CA ILE E 371 -26.29 -15.28 49.42
C ILE E 371 -26.97 -16.31 50.28
N THR E 372 -26.20 -16.94 51.17
CA THR E 372 -26.74 -17.92 52.09
C THR E 372 -27.72 -17.26 53.03
N GLU E 373 -28.86 -17.94 53.24
CA GLU E 373 -30.06 -17.37 53.84
C GLU E 373 -30.49 -16.09 53.11
N GLY E 374 -30.91 -16.26 51.86
CA GLY E 374 -31.33 -15.10 51.10
C GLY E 374 -32.38 -15.34 50.03
N LEU E 375 -32.99 -14.26 49.58
CA LEU E 375 -33.89 -14.29 48.43
C LEU E 375 -33.23 -14.66 47.09
N PRO E 376 -32.04 -14.16 46.71
CA PRO E 376 -31.44 -14.65 45.47
C PRO E 376 -31.07 -16.12 45.51
N ARG E 377 -30.81 -16.64 46.70
CA ARG E 377 -30.61 -18.07 46.91
C ARG E 377 -31.85 -18.86 46.54
N GLU E 378 -33.04 -18.24 46.59
CA GLU E 378 -34.21 -18.79 45.95
C GLU E 378 -34.21 -18.51 44.45
N ILE E 379 -33.78 -17.31 44.05
CA ILE E 379 -34.00 -16.83 42.67
C ILE E 379 -33.21 -17.65 41.67
N GLU E 380 -31.88 -17.69 41.82
CA GLU E 380 -31.09 -18.39 40.82
C GLU E 380 -31.25 -19.90 40.90
N LEU E 381 -31.62 -20.43 42.07
CA LEU E 381 -31.85 -21.87 42.16
C LEU E 381 -33.14 -22.25 41.44
N ARG E 382 -34.17 -21.41 41.53
CA ARG E 382 -35.36 -21.67 40.74
C ARG E 382 -35.10 -21.43 39.26
N GLN E 383 -34.18 -20.52 38.93
CA GLN E 383 -33.73 -20.35 37.55
C GLN E 383 -33.05 -21.60 37.02
N LYS E 384 -32.20 -22.21 37.85
CA LYS E 384 -31.47 -23.41 37.43
C LYS E 384 -32.40 -24.58 37.25
N GLN E 385 -33.33 -24.80 38.20
CA GLN E 385 -34.25 -25.92 38.05
C GLN E 385 -35.26 -25.66 36.95
N TYR E 386 -35.55 -24.39 36.66
CA TYR E 386 -36.33 -23.99 35.51
C TYR E 386 -35.70 -24.48 34.22
N GLU E 387 -34.44 -24.08 33.98
CA GLU E 387 -33.75 -24.50 32.76
C GLU E 387 -33.54 -26.00 32.71
N TYR E 388 -33.36 -26.63 33.88
CA TYR E 388 -33.19 -28.08 33.93
C TYR E 388 -34.45 -28.81 33.49
N TYR E 389 -35.61 -28.34 33.96
CA TYR E 389 -36.86 -28.98 33.56
C TYR E 389 -37.21 -28.67 32.12
N ARG E 390 -36.77 -27.51 31.62
CA ARG E 390 -36.91 -27.18 30.20
C ARG E 390 -36.17 -28.19 29.34
N ASP E 391 -34.88 -28.39 29.64
CA ASP E 391 -34.10 -29.38 28.89
C ASP E 391 -34.59 -30.80 29.13
N LEU E 392 -35.19 -31.03 30.31
CA LEU E 392 -35.75 -32.35 30.62
C LEU E 392 -36.98 -32.64 29.78
N LEU E 393 -37.76 -31.63 29.43
CA LEU E 393 -39.03 -31.88 28.77
C LEU E 393 -38.88 -32.11 27.27
N PHE E 394 -37.74 -31.80 26.68
CA PHE E 394 -37.72 -31.56 25.25
C PHE E 394 -36.87 -32.53 24.45
N SER E 395 -37.04 -33.82 24.68
CA SER E 395 -36.37 -34.83 23.86
C SER E 395 -37.42 -35.80 23.35
N PHE E 396 -36.96 -36.88 22.73
CA PHE E 396 -37.85 -37.94 22.28
C PHE E 396 -37.21 -39.30 22.55
N ASN F 13 11.35 22.66 -42.87
CA ASN F 13 9.92 22.44 -42.72
C ASN F 13 9.69 21.20 -41.88
N PHE F 14 10.35 20.11 -42.25
CA PHE F 14 10.21 18.82 -41.58
C PHE F 14 11.48 18.53 -40.79
N ILE F 15 11.50 17.34 -40.19
CA ILE F 15 12.69 16.83 -39.54
C ILE F 15 13.47 15.87 -40.43
N VAL F 16 12.78 14.88 -41.00
CA VAL F 16 13.42 13.97 -41.93
C VAL F 16 13.16 14.48 -43.34
N LEU F 17 14.15 15.15 -43.92
CA LEU F 17 14.00 15.72 -45.25
C LEU F 17 14.44 14.72 -46.30
N ASP F 18 13.72 14.68 -47.42
CA ASP F 18 13.98 13.68 -48.43
C ASP F 18 15.13 14.07 -49.35
N LYS F 19 14.96 15.17 -50.09
CA LYS F 19 15.90 15.55 -51.13
C LYS F 19 17.14 16.16 -50.49
N TYR F 20 18.25 15.43 -50.52
CA TYR F 20 19.49 15.89 -49.91
C TYR F 20 20.67 15.55 -50.81
N ILE F 21 21.30 16.57 -51.38
CA ILE F 21 22.57 16.38 -52.06
C ILE F 21 23.70 16.22 -51.04
N LYS F 22 24.70 15.43 -51.40
CA LYS F 22 25.72 15.01 -50.45
C LYS F 22 27.05 15.69 -50.75
N ALA F 23 27.92 15.71 -49.75
CA ALA F 23 29.24 16.32 -49.83
C ALA F 23 30.32 15.25 -49.84
N GLU F 24 31.58 15.69 -50.00
CA GLU F 24 32.69 14.75 -50.15
C GLU F 24 34.02 15.34 -49.71
N PRO F 25 34.50 15.01 -48.51
CA PRO F 25 35.91 15.28 -48.17
C PRO F 25 36.80 14.12 -48.58
N THR F 26 38.07 14.46 -48.81
CA THR F 26 39.10 13.51 -49.26
C THR F 26 40.31 13.30 -48.34
N GLY F 27 41.01 14.31 -47.77
CA GLY F 27 40.72 15.74 -47.71
C GLY F 27 41.81 16.73 -47.24
N ASP F 28 41.55 17.69 -46.32
CA ASP F 28 40.51 17.76 -45.25
C ASP F 28 40.53 16.45 -44.45
N SER F 29 41.59 16.30 -43.63
CA SER F 29 42.39 15.10 -43.41
C SER F 29 41.70 13.76 -43.51
N TYR F 30 42.34 12.86 -44.26
CA TYR F 30 41.86 11.50 -44.43
C TYR F 30 41.77 10.77 -43.09
N GLN F 31 42.81 10.86 -42.27
CA GLN F 31 42.96 10.01 -41.11
C GLN F 31 42.70 10.68 -39.77
N SER F 32 43.08 11.95 -39.60
CA SER F 32 43.20 12.50 -38.26
C SER F 32 41.84 12.85 -37.67
N GLU F 33 41.85 13.16 -36.37
CA GLU F 33 40.64 13.49 -35.63
C GLU F 33 40.47 14.98 -35.43
N SER F 34 41.57 15.69 -35.12
CA SER F 34 41.49 17.11 -34.80
C SER F 34 41.10 17.93 -36.02
N ASP F 35 41.49 17.46 -37.22
CA ASP F 35 41.07 18.16 -38.43
C ASP F 35 39.60 17.91 -38.73
N LEU F 36 39.12 16.67 -38.52
CA LEU F 36 37.69 16.38 -38.59
C LEU F 36 36.91 17.19 -37.55
N GLU F 37 37.51 17.35 -36.37
CA GLU F 37 36.94 18.19 -35.33
C GLU F 37 36.81 19.63 -35.80
N ARG F 38 37.85 20.16 -36.46
CA ARG F 38 37.79 21.52 -36.97
C ARG F 38 36.82 21.64 -38.14
N GLU F 39 36.68 20.58 -38.93
CA GLU F 39 35.68 20.52 -39.99
C GLU F 39 34.28 20.68 -39.44
N LEU F 40 33.95 19.88 -38.43
CA LEU F 40 32.60 19.95 -37.88
C LEU F 40 32.38 21.25 -37.10
N ILE F 41 33.44 21.82 -36.52
CA ILE F 41 33.35 23.16 -35.94
C ILE F 41 33.00 24.19 -37.01
N GLN F 42 33.69 24.12 -38.15
CA GLN F 42 33.41 25.01 -39.27
C GLN F 42 31.99 24.82 -39.80
N ASP F 43 31.54 23.57 -39.84
CA ASP F 43 30.21 23.26 -40.37
C ASP F 43 29.11 23.76 -39.45
N LEU F 44 29.29 23.63 -38.15
CA LEU F 44 28.26 24.09 -37.23
C LEU F 44 28.28 25.62 -37.12
N ARG F 45 29.44 26.23 -37.30
CA ARG F 45 29.48 27.68 -37.39
C ARG F 45 28.84 28.17 -38.68
N ASN F 46 28.89 27.35 -39.74
CA ASN F 46 28.14 27.67 -40.96
C ASN F 46 26.64 27.53 -40.71
N GLN F 47 26.24 26.50 -39.98
CA GLN F 47 24.82 26.27 -39.71
C GLN F 47 24.24 27.24 -38.70
N GLY F 48 25.08 27.87 -37.88
CA GLY F 48 24.58 28.83 -36.93
C GLY F 48 24.74 28.37 -35.49
N TYR F 49 25.80 27.63 -35.21
CA TYR F 49 26.13 27.23 -33.85
C TYR F 49 27.36 28.04 -33.43
N GLU F 50 27.29 28.64 -32.26
CA GLU F 50 28.33 29.56 -31.81
C GLU F 50 29.46 28.81 -31.14
N PHE F 51 30.68 28.98 -31.64
CA PHE F 51 31.86 28.35 -31.05
C PHE F 51 32.57 29.35 -30.15
N ILE F 52 32.37 29.20 -28.84
CA ILE F 52 33.10 29.99 -27.87
C ILE F 52 34.06 29.05 -27.14
N SER F 53 34.91 29.61 -26.29
CA SER F 53 35.92 28.84 -25.59
C SER F 53 35.80 29.07 -24.10
N VAL F 54 35.36 28.02 -23.40
CA VAL F 54 35.30 28.02 -21.94
C VAL F 54 36.22 26.91 -21.47
N LYS F 55 37.01 27.19 -20.44
CA LYS F 55 37.97 26.21 -19.96
C LYS F 55 37.83 25.81 -18.50
N SER F 56 37.01 26.49 -17.70
CA SER F 56 36.93 26.19 -16.29
C SER F 56 35.51 25.83 -15.89
N GLN F 57 35.38 25.33 -14.66
CA GLN F 57 34.08 24.93 -14.14
C GLN F 57 33.20 26.14 -13.84
N SER F 58 33.80 27.20 -13.31
CA SER F 58 33.02 28.36 -12.92
C SER F 58 32.60 29.20 -14.13
N ALA F 59 33.41 29.19 -15.18
CA ALA F 59 33.05 29.96 -16.37
C ALA F 59 31.89 29.30 -17.11
N MET F 60 31.70 27.98 -16.90
CA MET F 60 30.46 27.34 -17.33
C MET F 60 29.25 27.98 -16.66
N LEU F 61 29.33 28.18 -15.35
CA LEU F 61 28.24 28.81 -14.61
C LEU F 61 28.06 30.27 -15.02
N ALA F 62 29.16 30.94 -15.36
CA ALA F 62 29.08 32.30 -15.88
C ALA F 62 28.36 32.32 -17.22
N ASN F 63 28.61 31.31 -18.06
CA ASN F 63 27.94 31.22 -19.34
C ASN F 63 26.46 30.91 -19.15
N VAL F 64 26.14 30.08 -18.14
CA VAL F 64 24.75 29.75 -17.85
C VAL F 64 24.00 30.98 -17.34
N ARG F 65 24.68 31.80 -16.53
CA ARG F 65 24.08 33.05 -16.07
C ARG F 65 23.92 34.02 -17.23
N GLU F 66 24.84 33.97 -18.20
CA GLU F 66 24.71 34.79 -19.39
C GLU F 66 23.51 34.35 -20.23
N GLN F 67 23.23 33.05 -20.27
CA GLN F 67 22.19 32.58 -21.17
C GLN F 67 20.79 32.60 -20.55
N LEU F 68 20.65 32.26 -19.27
CA LEU F 68 19.32 32.17 -18.69
C LEU F 68 18.71 33.54 -18.46
N GLN F 69 19.54 34.56 -18.27
CA GLN F 69 19.03 35.92 -18.20
C GLN F 69 18.56 36.38 -19.57
N ASN F 70 19.19 35.89 -20.64
CA ASN F 70 18.70 36.16 -21.97
C ASN F 70 17.38 35.44 -22.21
N LEU F 71 17.25 34.25 -21.64
CA LEU F 71 16.07 33.43 -21.90
C LEU F 71 14.86 33.95 -21.15
N ASN F 72 14.93 33.97 -19.82
CA ASN F 72 13.77 34.40 -19.03
C ASN F 72 13.60 35.91 -19.02
N GLY F 73 14.59 36.68 -19.46
CA GLY F 73 14.47 38.12 -19.50
C GLY F 73 14.48 38.76 -18.13
N VAL F 74 15.24 38.17 -17.21
CA VAL F 74 15.32 38.63 -15.83
C VAL F 74 16.78 38.88 -15.48
N VAL F 75 17.01 39.42 -14.28
CA VAL F 75 18.35 39.77 -13.82
C VAL F 75 18.55 39.18 -12.44
N PHE F 76 19.59 38.35 -12.29
CA PHE F 76 19.95 37.80 -11.00
C PHE F 76 20.86 38.77 -10.23
N ASN F 77 21.12 38.43 -8.98
CA ASN F 77 22.24 38.96 -8.23
C ASN F 77 23.20 37.82 -7.97
N ASP F 78 24.38 38.16 -7.46
CA ASP F 78 25.41 37.15 -7.22
C ASP F 78 24.99 36.21 -6.10
N SER F 79 24.44 36.77 -5.02
CA SER F 79 23.83 35.93 -3.99
C SER F 79 22.61 35.20 -4.52
N GLU F 80 21.84 35.85 -5.41
CA GLU F 80 20.66 35.21 -5.97
C GLU F 80 21.05 34.10 -6.94
N TRP F 81 22.08 34.33 -7.77
CA TRP F 81 22.54 33.29 -8.67
C TRP F 81 23.16 32.13 -7.89
N ARG F 82 23.81 32.43 -6.78
CA ARG F 82 24.35 31.39 -5.91
C ARG F 82 23.22 30.58 -5.28
N ARG F 83 22.15 31.26 -4.87
CA ARG F 83 21.03 30.57 -4.26
C ARG F 83 20.29 29.71 -5.28
N PHE F 84 20.24 30.15 -6.54
CA PHE F 84 19.63 29.34 -7.58
C PHE F 84 20.50 28.13 -7.92
N THR F 85 21.82 28.32 -7.90
CA THR F 85 22.73 27.21 -8.14
C THR F 85 22.64 26.17 -7.03
N GLU F 86 22.49 26.62 -5.79
CA GLU F 86 22.43 25.70 -4.66
C GLU F 86 21.08 25.01 -4.56
N GLN F 87 19.99 25.77 -4.56
CA GLN F 87 18.70 25.23 -4.14
C GLN F 87 18.06 24.38 -5.23
N TYR F 88 18.22 24.74 -6.49
CA TYR F 88 17.53 24.02 -7.56
C TYR F 88 18.46 23.38 -8.56
N LEU F 89 19.45 24.13 -9.07
CA LEU F 89 20.14 23.71 -10.27
C LEU F 89 21.17 22.62 -9.99
N ASP F 90 21.97 22.79 -8.94
CA ASP F 90 23.13 21.94 -8.72
C ASP F 90 23.21 21.50 -7.26
N ASN F 91 22.12 20.93 -6.75
CA ASN F 91 22.22 20.17 -5.51
C ASN F 91 23.14 18.98 -5.74
N PRO F 92 24.23 18.85 -4.98
CA PRO F 92 25.18 17.76 -5.25
C PRO F 92 24.67 16.39 -4.84
N SER F 93 23.54 16.32 -4.13
CA SER F 93 22.98 15.07 -3.64
C SER F 93 22.07 14.39 -4.65
N ASP F 94 22.24 14.67 -5.94
CA ASP F 94 21.34 14.18 -6.97
C ASP F 94 22.11 13.52 -8.09
N GLY F 95 21.48 12.54 -8.73
CA GLY F 95 22.11 11.77 -9.78
C GLY F 95 21.71 12.24 -11.17
N ILE F 96 22.10 11.41 -12.15
CA ILE F 96 21.83 11.70 -13.56
C ILE F 96 20.34 11.63 -13.84
N LEU F 97 19.64 10.71 -13.16
CA LEU F 97 18.24 10.48 -13.41
C LEU F 97 17.39 11.65 -12.95
N ASP F 98 17.84 12.33 -11.88
CA ASP F 98 17.15 13.53 -11.42
C ASP F 98 17.23 14.64 -12.46
N LYS F 99 18.40 14.82 -13.04
CA LYS F 99 18.56 15.89 -14.03
C LYS F 99 17.89 15.54 -15.34
N THR F 100 17.80 14.24 -15.65
CA THR F 100 17.02 13.81 -16.80
C THR F 100 15.54 14.10 -16.59
N ARG F 101 15.06 13.86 -15.37
CA ARG F 101 13.69 14.22 -15.00
C ARG F 101 13.48 15.72 -15.09
N LYS F 102 14.50 16.50 -14.76
CA LYS F 102 14.38 17.95 -14.84
C LYS F 102 14.33 18.42 -16.29
N ILE F 103 15.19 17.87 -17.15
CA ILE F 103 15.22 18.38 -18.52
C ILE F 103 14.07 17.81 -19.34
N HIS F 104 13.40 16.78 -18.85
CA HIS F 104 12.24 16.29 -19.59
C HIS F 104 10.91 16.61 -18.93
N ILE F 105 10.87 16.83 -17.62
CA ILE F 105 9.61 17.18 -16.97
C ILE F 105 9.75 18.47 -16.20
N ASP F 106 10.71 18.52 -15.27
CA ASP F 106 10.77 19.63 -14.33
C ASP F 106 11.53 20.83 -14.89
N TYR F 107 11.16 21.29 -16.07
CA TYR F 107 11.95 22.32 -16.73
C TYR F 107 11.62 23.72 -16.24
N ILE F 108 10.70 23.88 -15.29
CA ILE F 108 10.38 25.18 -14.72
C ILE F 108 10.61 25.13 -13.23
N CYS F 109 11.44 26.03 -12.74
CA CYS F 109 11.55 26.29 -11.32
C CYS F 109 10.83 27.59 -10.99
N ASP F 110 10.76 27.88 -9.70
CA ASP F 110 10.17 29.09 -9.18
C ASP F 110 11.16 29.76 -8.25
N PHE F 111 11.46 31.03 -8.50
CA PHE F 111 12.57 31.69 -7.83
C PHE F 111 12.09 32.98 -7.18
N ILE F 112 12.62 33.21 -5.96
CA ILE F 112 12.30 34.40 -5.19
C ILE F 112 13.22 35.52 -5.64
N PHE F 113 12.65 36.52 -6.29
CA PHE F 113 13.37 37.76 -6.52
C PHE F 113 13.37 38.62 -5.26
N ASP F 114 14.50 39.29 -5.05
CA ASP F 114 14.86 39.93 -3.78
C ASP F 114 14.04 41.17 -3.49
N ASP F 115 13.18 41.60 -4.42
CA ASP F 115 12.15 42.59 -4.13
C ASP F 115 10.88 41.90 -3.65
N GLU F 116 11.03 40.70 -3.08
CA GLU F 116 9.98 39.89 -2.48
C GLU F 116 8.92 39.51 -3.50
N ARG F 117 9.33 38.78 -4.52
CA ARG F 117 8.36 38.18 -5.42
C ARG F 117 8.86 36.83 -5.87
N LEU F 118 8.05 36.15 -6.68
CA LEU F 118 8.30 34.76 -7.06
C LEU F 118 7.91 34.57 -8.52
N GLU F 119 8.89 34.32 -9.37
CA GLU F 119 8.62 34.21 -10.80
C GLU F 119 9.25 32.96 -11.37
N ASN F 120 8.92 32.67 -12.62
CA ASN F 120 9.27 31.39 -13.22
C ASN F 120 10.67 31.42 -13.80
N ILE F 121 11.29 30.24 -13.82
CA ILE F 121 12.57 30.03 -14.47
C ILE F 121 12.42 28.86 -15.42
N TYR F 122 12.65 29.11 -16.70
CA TYR F 122 12.63 28.06 -17.70
C TYR F 122 14.01 27.43 -17.80
N LEU F 123 14.06 26.30 -18.50
CA LEU F 123 15.32 25.73 -18.93
C LEU F 123 15.43 25.60 -20.43
N ILE F 124 14.44 25.00 -21.08
CA ILE F 124 14.37 24.87 -22.53
C ILE F 124 13.01 25.41 -22.95
N ASP F 125 12.99 26.16 -24.05
CA ASP F 125 11.73 26.63 -24.61
C ASP F 125 11.02 25.43 -25.23
N LYS F 126 10.14 24.82 -24.43
CA LYS F 126 9.49 23.58 -24.85
C LYS F 126 8.41 23.80 -25.90
N LYS F 127 8.01 25.04 -26.15
CA LYS F 127 6.96 25.29 -27.14
C LYS F 127 7.37 26.27 -28.24
N ASN F 128 8.51 26.94 -28.12
CA ASN F 128 9.00 27.83 -29.18
C ASN F 128 10.50 27.58 -29.32
N LEU F 129 10.85 26.60 -30.15
CA LEU F 129 12.20 26.05 -30.14
C LEU F 129 13.22 27.02 -30.72
N MET F 130 12.78 27.91 -31.61
CA MET F 130 13.71 28.81 -32.25
C MET F 130 14.17 29.91 -31.31
N ARG F 131 13.46 30.11 -30.20
CA ARG F 131 13.88 31.12 -29.23
C ARG F 131 15.05 30.63 -28.37
N ASN F 132 15.37 29.34 -28.46
CA ASN F 132 16.52 28.81 -27.73
C ASN F 132 17.81 29.30 -28.36
N LYS F 133 18.90 29.17 -27.61
CA LYS F 133 20.22 29.58 -28.05
C LYS F 133 21.16 28.39 -27.96
N VAL F 134 22.04 28.26 -28.94
CA VAL F 134 22.91 27.10 -29.06
C VAL F 134 24.36 27.54 -29.05
N GLN F 135 25.22 26.68 -28.50
CA GLN F 135 26.64 26.92 -28.42
C GLN F 135 27.37 25.62 -28.66
N ILE F 136 28.64 25.70 -29.05
CA ILE F 136 29.49 24.52 -29.20
C ILE F 136 30.85 24.80 -28.59
N ILE F 137 31.40 23.82 -27.86
CA ILE F 137 32.69 23.93 -27.20
C ILE F 137 33.46 22.63 -27.41
N GLN F 138 34.67 22.58 -26.87
CA GLN F 138 35.63 21.52 -27.12
C GLN F 138 36.07 20.86 -25.80
N GLN F 139 37.11 20.04 -25.88
CA GLN F 139 37.37 19.01 -24.89
C GLN F 139 38.06 19.55 -23.63
N PHE F 140 37.55 19.11 -22.47
CA PHE F 140 38.26 18.89 -21.22
C PHE F 140 37.27 18.24 -20.24
N GLU F 141 37.71 17.27 -19.43
CA GLU F 141 39.04 16.66 -19.50
C GLU F 141 38.93 15.15 -19.36
N ASN F 148 41.44 11.52 -21.70
CA ASN F 148 41.79 10.22 -22.24
C ASN F 148 41.28 10.05 -23.67
N ARG F 149 40.68 11.10 -24.20
CA ARG F 149 39.99 11.04 -25.49
C ARG F 149 39.83 12.46 -26.03
N TYR F 150 39.04 12.59 -27.09
CA TYR F 150 38.67 13.87 -27.67
C TYR F 150 37.18 14.08 -27.49
N ASP F 151 36.79 15.31 -27.14
CA ASP F 151 35.41 15.63 -26.84
C ASP F 151 34.98 16.87 -27.60
N VAL F 152 33.77 16.83 -28.15
CA VAL F 152 33.11 18.02 -28.73
C VAL F 152 31.71 18.10 -28.15
N THR F 153 31.41 19.20 -27.47
CA THR F 153 30.20 19.28 -26.67
C THR F 153 29.31 20.39 -27.20
N ILE F 154 28.00 20.12 -27.22
CA ILE F 154 27.02 21.12 -27.62
C ILE F 154 26.27 21.61 -26.39
N LEU F 155 26.21 22.92 -26.24
CA LEU F 155 25.54 23.59 -25.14
C LEU F 155 24.17 24.05 -25.63
N VAL F 156 23.12 23.58 -24.98
CA VAL F 156 21.75 23.93 -25.34
C VAL F 156 21.26 24.91 -24.29
N ASN F 157 21.21 26.20 -24.67
CA ASN F 157 21.07 27.32 -23.75
C ASN F 157 22.10 27.21 -22.62
N GLY F 158 23.34 26.93 -23.02
CA GLY F 158 24.42 26.74 -22.09
C GLY F 158 24.34 25.45 -21.30
N LEU F 159 23.73 24.43 -21.87
CA LEU F 159 23.68 23.18 -21.13
C LEU F 159 24.25 22.03 -21.93
N PRO F 160 25.22 21.32 -21.40
CA PRO F 160 25.85 20.21 -22.15
C PRO F 160 24.94 19.00 -22.28
N LEU F 161 24.44 18.78 -23.46
CA LEU F 161 23.51 17.68 -23.67
C LEU F 161 24.00 16.70 -24.73
N VAL F 162 24.74 17.18 -25.73
CA VAL F 162 25.14 16.36 -26.86
C VAL F 162 26.67 16.30 -26.85
N GLN F 163 27.19 15.10 -26.65
CA GLN F 163 28.64 14.86 -26.62
C GLN F 163 29.04 14.00 -27.80
N ILE F 164 30.12 14.39 -28.47
CA ILE F 164 30.62 13.67 -29.64
C ILE F 164 32.08 13.33 -29.39
N GLU F 165 32.41 12.04 -29.48
CA GLU F 165 33.78 11.59 -29.38
C GLU F 165 34.32 11.34 -30.79
N LEU F 166 35.58 10.93 -30.88
CA LEU F 166 36.23 10.68 -32.16
C LEU F 166 37.09 9.44 -32.03
N LYS F 167 37.30 8.77 -33.16
CA LYS F 167 38.15 7.58 -33.23
C LYS F 167 39.01 7.66 -34.48
N LYS F 168 39.88 6.66 -34.65
CA LYS F 168 40.60 6.51 -35.90
C LYS F 168 39.68 5.89 -36.96
N ARG F 169 40.21 5.73 -38.16
CA ARG F 169 39.40 5.23 -39.27
C ARG F 169 39.08 3.76 -39.10
N GLY F 170 40.10 2.94 -38.89
CA GLY F 170 39.90 1.52 -38.75
C GLY F 170 39.45 1.04 -37.39
N VAL F 171 39.02 1.95 -36.50
CA VAL F 171 38.54 1.54 -35.19
C VAL F 171 37.21 0.81 -35.35
N ALA F 172 37.13 -0.38 -34.77
CA ALA F 172 35.91 -1.16 -34.78
C ALA F 172 34.83 -0.47 -33.94
N ILE F 173 33.58 -0.69 -34.33
CA ILE F 173 32.47 -0.02 -33.67
C ILE F 173 32.22 -0.62 -32.30
N ARG F 174 32.73 -1.83 -32.06
CA ARG F 174 32.62 -2.44 -30.75
C ARG F 174 33.59 -1.79 -29.77
N GLU F 175 34.81 -1.50 -30.22
CA GLU F 175 35.81 -0.81 -29.41
C GLU F 175 35.42 0.64 -29.12
N ALA F 176 34.43 1.18 -29.83
CA ALA F 176 34.01 2.57 -29.65
C ALA F 176 33.39 2.83 -28.28
N PHE F 177 32.97 1.79 -27.56
CA PHE F 177 32.42 1.99 -26.22
C PHE F 177 33.44 1.77 -25.10
N ASN F 178 34.57 1.12 -25.38
CA ASN F 178 35.42 0.57 -24.34
C ASN F 178 36.34 1.59 -23.64
N GLN F 179 36.04 2.89 -23.69
CA GLN F 179 36.78 3.87 -22.93
C GLN F 179 36.14 4.22 -21.59
N ILE F 180 35.17 3.42 -21.14
CA ILE F 180 34.54 3.64 -19.85
C ILE F 180 34.56 2.34 -19.04
N GLU F 191 31.84 13.89 -11.15
CA GLU F 191 33.22 13.95 -11.61
C GLU F 191 33.26 14.04 -13.15
N ASN F 192 33.12 15.24 -13.74
CA ASN F 192 32.95 16.51 -13.03
C ASN F 192 31.50 16.77 -12.62
N SER F 193 31.23 18.01 -12.20
CA SER F 193 29.94 18.34 -11.62
C SER F 193 28.85 18.41 -12.69
N LEU F 194 29.00 19.31 -13.66
CA LEU F 194 27.94 19.58 -14.61
C LEU F 194 28.14 18.89 -15.94
N PHE F 195 28.69 17.68 -15.93
CA PHE F 195 28.59 16.78 -17.07
C PHE F 195 27.57 15.68 -16.82
N LYS F 196 26.73 15.84 -15.80
CA LYS F 196 25.65 14.93 -15.50
C LYS F 196 24.34 15.37 -16.14
N TYR F 197 24.40 16.01 -17.29
CA TYR F 197 23.23 16.37 -18.06
C TYR F 197 23.14 15.65 -19.39
N LEU F 198 24.21 15.00 -19.85
CA LEU F 198 24.33 14.53 -21.22
C LEU F 198 23.31 13.44 -21.54
N GLN F 199 22.83 13.45 -22.77
CA GLN F 199 21.85 12.46 -23.19
C GLN F 199 22.26 11.69 -24.43
N LEU F 200 22.87 12.36 -25.41
CA LEU F 200 23.15 11.76 -26.71
C LEU F 200 24.65 11.54 -26.83
N PHE F 201 25.07 10.28 -26.68
CA PHE F 201 26.48 9.92 -26.83
C PHE F 201 26.75 9.54 -28.28
N VAL F 202 26.88 10.58 -29.11
CA VAL F 202 27.15 10.36 -30.52
C VAL F 202 28.59 9.91 -30.70
N ILE F 203 28.77 8.81 -31.42
CA ILE F 203 30.07 8.18 -31.62
C ILE F 203 30.26 7.97 -33.11
N SER F 204 31.50 8.12 -33.56
CA SER F 204 31.78 8.00 -34.98
C SER F 204 33.23 7.62 -35.21
N ASN F 205 33.47 6.98 -36.36
CA ASN F 205 34.81 6.78 -36.88
C ASN F 205 35.08 7.65 -38.10
N GLY F 206 34.19 8.59 -38.41
CA GLY F 206 34.28 9.37 -39.63
C GLY F 206 33.61 8.75 -40.84
N THR F 207 33.23 7.47 -40.76
CA THR F 207 32.59 6.79 -41.88
C THR F 207 31.22 6.29 -41.46
N ASP F 208 31.14 5.74 -40.25
CA ASP F 208 29.89 5.38 -39.62
C ASP F 208 29.67 6.28 -38.42
N THR F 209 28.41 6.50 -38.07
CA THR F 209 28.09 7.36 -36.93
C THR F 209 26.80 6.87 -36.29
N ARG F 210 26.84 6.67 -34.97
CA ARG F 210 25.66 6.26 -34.22
C ARG F 210 25.55 7.14 -32.98
N TYR F 211 24.56 6.84 -32.14
CA TYR F 211 24.28 7.68 -30.98
C TYR F 211 23.62 6.84 -29.91
N PHE F 212 24.01 7.06 -28.66
CA PHE F 212 23.52 6.27 -27.54
C PHE F 212 22.46 7.06 -26.77
N ALA F 213 22.06 6.53 -25.63
CA ALA F 213 21.37 7.22 -24.55
C ALA F 213 21.63 6.43 -23.28
N ASN F 214 21.54 7.10 -22.13
CA ASN F 214 21.43 6.51 -20.79
C ASN F 214 22.70 5.77 -20.33
N THR F 215 23.76 5.71 -21.15
CA THR F 215 24.95 4.83 -21.03
C THR F 215 24.61 3.45 -20.44
N THR F 216 23.72 2.76 -21.16
CA THR F 216 22.94 1.62 -20.68
C THR F 216 23.75 0.45 -20.15
N LYS F 217 24.48 -0.25 -21.02
CA LYS F 217 25.12 -1.50 -20.66
C LYS F 217 26.63 -1.41 -20.88
N ARG F 218 27.29 -2.55 -20.77
CA ARG F 218 28.69 -2.71 -21.16
C ARG F 218 28.70 -2.97 -22.68
N ASP F 219 29.88 -3.20 -23.26
CA ASP F 219 30.10 -3.48 -24.67
C ASP F 219 29.39 -4.74 -25.17
N LYS F 220 28.98 -5.64 -24.26
CA LYS F 220 28.29 -6.86 -24.67
C LYS F 220 26.87 -6.57 -25.14
N ASN F 221 26.23 -5.54 -24.60
CA ASN F 221 24.83 -5.27 -24.90
C ASN F 221 24.63 -3.80 -25.21
N SER F 222 25.51 -3.23 -26.03
CA SER F 222 25.33 -1.87 -26.51
C SER F 222 24.66 -1.86 -27.88
N PHE F 223 24.92 -2.90 -28.69
CA PHE F 223 24.49 -2.94 -30.08
C PHE F 223 22.99 -3.03 -30.24
N ASP F 224 22.25 -3.36 -29.18
CA ASP F 224 20.79 -3.28 -29.22
C ASP F 224 20.32 -1.85 -29.38
N PHE F 225 21.06 -0.88 -28.85
CA PHE F 225 20.62 0.51 -28.74
C PHE F 225 21.48 1.41 -29.61
N THR F 226 21.88 0.92 -30.76
CA THR F 226 22.72 1.64 -31.71
C THR F 226 21.87 1.98 -32.93
N MET F 227 21.57 3.26 -33.11
CA MET F 227 20.63 3.68 -34.13
C MET F 227 21.33 4.49 -35.21
N ASN F 228 20.61 4.73 -36.30
CA ASN F 228 21.18 5.43 -37.45
C ASN F 228 20.16 6.42 -37.98
N TRP F 229 20.61 7.64 -38.22
CA TRP F 229 19.80 8.61 -38.94
C TRP F 229 19.78 8.24 -40.42
N ALA F 230 18.65 8.46 -41.07
CA ALA F 230 18.48 8.07 -42.46
C ALA F 230 17.45 8.99 -43.11
N LYS F 231 17.25 8.80 -44.41
CA LYS F 231 16.16 9.47 -45.10
C LYS F 231 14.86 8.71 -44.88
N SER F 232 13.76 9.31 -45.33
CA SER F 232 12.44 8.74 -45.05
C SER F 232 12.14 7.51 -45.90
N ASP F 233 12.92 7.26 -46.95
CA ASP F 233 12.81 6.00 -47.67
C ASP F 233 13.64 4.88 -47.02
N ASN F 234 14.13 5.10 -45.80
CA ASN F 234 14.87 4.22 -44.92
C ASN F 234 16.28 3.94 -45.43
N THR F 235 16.71 4.55 -46.52
CA THR F 235 18.08 4.38 -46.99
C THR F 235 19.03 5.09 -46.05
N LEU F 236 20.06 4.37 -45.61
CA LEU F 236 20.86 4.78 -44.47
C LEU F 236 21.74 5.97 -44.80
N ILE F 237 22.07 6.72 -43.75
CA ILE F 237 23.02 7.82 -43.81
C ILE F 237 24.06 7.56 -42.74
N LYS F 238 25.31 7.38 -43.14
CA LYS F 238 26.36 6.97 -42.22
C LYS F 238 27.54 7.93 -42.15
N ASP F 239 27.85 8.63 -43.24
CA ASP F 239 28.99 9.55 -43.28
C ASP F 239 28.81 10.72 -42.32
N LEU F 240 29.82 10.93 -41.48
CA LEU F 240 29.73 11.85 -40.35
C LEU F 240 29.53 13.29 -40.79
N LYS F 241 30.09 13.65 -41.96
CA LYS F 241 29.92 14.99 -42.52
C LYS F 241 28.46 15.27 -42.85
N ASP F 242 27.83 14.39 -43.63
CA ASP F 242 26.44 14.62 -43.99
C ASP F 242 25.48 14.25 -42.87
N PHE F 243 25.89 13.37 -41.95
CA PHE F 243 25.17 13.17 -40.70
C PHE F 243 25.06 14.48 -39.93
N THR F 244 26.16 15.22 -39.84
CA THR F 244 26.16 16.52 -39.20
C THR F 244 25.36 17.53 -40.01
N ALA F 245 25.50 17.49 -41.34
CA ALA F 245 24.85 18.48 -42.19
C ALA F 245 23.34 18.31 -42.21
N THR F 246 22.84 17.09 -42.02
CA THR F 246 21.41 16.86 -41.98
C THR F 246 20.85 16.89 -40.57
N CYS F 247 21.32 15.98 -39.72
CA CYS F 247 20.68 15.71 -38.45
C CYS F 247 20.92 16.80 -37.41
N PHE F 248 21.94 17.65 -37.61
CA PHE F 248 22.32 18.61 -36.60
C PHE F 248 21.90 20.03 -36.96
N GLN F 249 20.81 20.18 -37.70
CA GLN F 249 20.17 21.49 -37.79
C GLN F 249 19.55 21.82 -36.45
N LYS F 250 19.49 23.12 -36.14
CA LYS F 250 18.96 23.57 -34.85
C LYS F 250 17.50 23.22 -34.70
N HIS F 251 16.71 23.51 -35.73
CA HIS F 251 15.30 23.14 -35.73
C HIS F 251 15.12 21.63 -35.77
N THR F 252 16.11 20.90 -36.30
CA THR F 252 16.05 19.45 -36.25
C THR F 252 16.41 18.94 -34.86
N LEU F 253 17.58 19.33 -34.36
CA LEU F 253 18.13 18.73 -33.15
C LEU F 253 17.33 19.10 -31.92
N LEU F 254 16.86 20.35 -31.83
CA LEU F 254 16.05 20.75 -30.68
C LEU F 254 14.74 20.00 -30.66
N ASN F 255 14.15 19.80 -31.84
CA ASN F 255 12.87 19.10 -31.91
C ASN F 255 13.03 17.63 -31.57
N VAL F 256 14.17 17.05 -31.96
CA VAL F 256 14.49 15.67 -31.59
C VAL F 256 14.69 15.56 -30.08
N LEU F 257 15.55 16.40 -29.53
CA LEU F 257 15.95 16.31 -28.13
C LEU F 257 14.84 16.68 -27.17
N VAL F 258 13.89 17.51 -27.59
CA VAL F 258 12.76 17.85 -26.73
C VAL F 258 11.55 16.98 -26.98
N ASN F 259 11.10 16.84 -28.22
CA ASN F 259 9.80 16.26 -28.49
C ASN F 259 9.82 14.74 -28.57
N TYR F 260 10.95 14.13 -28.90
CA TYR F 260 10.97 12.71 -29.21
C TYR F 260 11.95 11.99 -28.32
N SER F 261 11.86 12.26 -27.03
CA SER F 261 12.72 11.61 -26.04
C SER F 261 11.85 11.34 -24.81
N VAL F 262 11.34 10.13 -24.71
CA VAL F 262 10.35 9.78 -23.71
C VAL F 262 11.05 9.22 -22.48
N PHE F 263 10.89 9.90 -21.36
CA PHE F 263 11.40 9.41 -20.08
C PHE F 263 10.33 8.50 -19.48
N ASP F 264 10.36 7.24 -19.90
CA ASP F 264 9.43 6.25 -19.38
C ASP F 264 9.72 5.96 -17.92
N SER F 265 8.73 6.24 -17.07
CA SER F 265 8.85 6.11 -15.62
C SER F 265 9.04 4.67 -15.20
N SER F 266 10.17 4.35 -14.57
CA SER F 266 11.28 5.29 -14.37
C SER F 266 12.52 4.73 -15.03
N GLN F 267 13.66 5.38 -14.79
CA GLN F 267 15.02 4.94 -15.06
C GLN F 267 15.37 4.90 -16.56
N THR F 268 14.39 5.05 -17.44
CA THR F 268 14.59 4.81 -18.86
C THR F 268 14.27 6.05 -19.68
N LEU F 269 15.08 6.28 -20.69
CA LEU F 269 14.87 7.33 -21.68
C LEU F 269 14.72 6.66 -23.04
N LEU F 270 13.50 6.55 -23.52
CA LEU F 270 13.28 5.94 -24.82
C LEU F 270 13.33 6.98 -25.91
N VAL F 271 14.31 6.83 -26.80
CA VAL F 271 14.52 7.75 -27.93
C VAL F 271 14.40 6.93 -29.20
N MET F 272 13.64 7.44 -30.17
CA MET F 272 13.18 6.65 -31.29
C MET F 272 14.24 6.48 -32.36
N ARG F 273 13.83 5.77 -33.40
CA ARG F 273 14.45 5.60 -34.71
C ARG F 273 13.72 6.48 -35.73
N PRO F 274 14.45 7.01 -36.75
CA PRO F 274 13.97 8.22 -37.43
C PRO F 274 12.70 8.07 -38.24
N TYR F 275 12.37 6.87 -38.70
CA TYR F 275 11.17 6.66 -39.50
C TYR F 275 9.90 6.90 -38.69
N GLN F 276 9.97 6.69 -37.38
CA GLN F 276 8.82 6.93 -36.53
C GLN F 276 8.53 8.41 -36.38
N ILE F 277 9.59 9.20 -36.17
CA ILE F 277 9.46 10.66 -36.10
C ILE F 277 8.96 11.19 -37.43
N ALA F 278 9.47 10.62 -38.53
CA ALA F 278 9.03 11.03 -39.86
C ALA F 278 7.56 10.76 -40.07
N ALA F 279 7.10 9.57 -39.66
CA ALA F 279 5.69 9.23 -39.80
C ALA F 279 4.81 10.14 -38.95
N THR F 280 5.29 10.49 -37.76
CA THR F 280 4.52 11.36 -36.88
C THR F 280 4.39 12.77 -37.47
N GLU F 281 5.48 13.29 -38.05
CA GLU F 281 5.39 14.62 -38.63
C GLU F 281 4.58 14.61 -39.92
N ARG F 282 4.57 13.50 -40.65
CA ARG F 282 3.67 13.40 -41.81
C ARG F 282 2.22 13.42 -41.36
N ILE F 283 1.91 12.72 -40.27
CA ILE F 283 0.57 12.70 -39.70
C ILE F 283 0.13 14.10 -39.33
N LEU F 284 0.96 14.82 -38.59
CA LEU F 284 0.52 16.13 -38.13
C LEU F 284 0.54 17.16 -39.24
N TRP F 285 1.41 17.00 -40.23
CA TRP F 285 1.39 17.88 -41.39
C TRP F 285 0.12 17.71 -42.18
N LYS F 286 -0.33 16.46 -42.35
CA LYS F 286 -1.59 16.20 -43.04
C LYS F 286 -2.77 16.72 -42.25
N ILE F 287 -2.72 16.61 -40.92
CA ILE F 287 -3.80 17.14 -40.08
C ILE F 287 -3.91 18.65 -40.20
N LYS F 288 -2.77 19.34 -40.12
CA LYS F 288 -2.77 20.79 -40.16
C LYS F 288 -3.18 21.29 -41.54
N SER F 289 -2.72 20.61 -42.60
CA SER F 289 -3.12 21.00 -43.96
C SER F 289 -4.60 20.71 -44.20
N SER F 290 -5.12 19.62 -43.63
CA SER F 290 -6.52 19.28 -43.84
C SER F 290 -7.43 20.24 -43.08
N PHE F 291 -6.96 20.77 -41.95
CA PHE F 291 -7.79 21.73 -41.23
C PHE F 291 -7.70 23.11 -41.87
N THR F 292 -6.53 23.48 -42.39
CA THR F 292 -6.41 24.75 -43.08
C THR F 292 -7.23 24.75 -44.36
N ALA F 293 -7.26 23.60 -45.06
CA ALA F 293 -8.16 23.47 -46.20
C ALA F 293 -9.60 23.22 -45.78
N LYS F 294 -9.82 22.94 -44.48
CA LYS F 294 -11.13 22.63 -43.90
C LYS F 294 -11.78 21.43 -44.60
N ASN F 295 -10.97 20.44 -44.96
CA ASN F 295 -11.36 19.36 -45.85
C ASN F 295 -11.59 18.07 -45.08
N TRP F 296 -12.21 18.16 -43.90
CA TRP F 296 -12.26 17.05 -42.97
C TRP F 296 -13.19 15.93 -43.47
N SER F 297 -13.13 14.81 -42.74
CA SER F 297 -14.05 13.67 -42.87
C SER F 297 -13.99 13.03 -44.25
N LYS F 298 -12.81 13.09 -44.87
CA LYS F 298 -12.66 12.65 -46.24
C LYS F 298 -11.35 11.88 -46.36
N PRO F 299 -11.23 10.99 -47.34
CA PRO F 299 -9.94 10.30 -47.55
C PRO F 299 -8.82 11.21 -48.01
N GLU F 300 -9.14 12.40 -48.53
CA GLU F 300 -8.14 13.43 -48.74
C GLU F 300 -7.54 13.87 -47.41
N SER F 301 -8.39 14.03 -46.40
CA SER F 301 -7.96 14.32 -45.04
C SER F 301 -7.43 13.08 -44.32
N GLY F 302 -7.70 11.89 -44.84
CA GLY F 302 -7.29 10.69 -44.16
C GLY F 302 -5.85 10.31 -44.49
N GLY F 303 -5.66 9.07 -44.92
CA GLY F 303 -4.35 8.53 -45.16
C GLY F 303 -4.01 7.47 -44.12
N TYR F 304 -2.88 6.80 -44.35
CA TYR F 304 -2.57 5.67 -43.51
C TYR F 304 -1.06 5.50 -43.41
N ILE F 305 -0.64 4.88 -42.32
CA ILE F 305 0.75 4.52 -42.08
C ILE F 305 0.85 3.01 -42.11
N TRP F 306 1.67 2.49 -43.01
CA TRP F 306 1.90 1.05 -43.15
C TRP F 306 3.34 0.77 -42.81
N HIS F 307 3.60 0.47 -41.54
CA HIS F 307 4.91 0.03 -41.10
C HIS F 307 4.89 -1.46 -40.85
N THR F 308 6.02 -2.13 -41.11
CA THR F 308 6.09 -3.56 -40.93
C THR F 308 6.07 -3.91 -39.44
N THR F 309 5.68 -5.14 -39.13
CA THR F 309 5.59 -5.55 -37.75
C THR F 309 6.98 -5.91 -37.23
N GLY F 310 7.26 -5.47 -36.00
CA GLY F 310 8.58 -5.55 -35.44
C GLY F 310 9.29 -4.23 -35.38
N SER F 311 8.63 -3.16 -35.83
CA SER F 311 9.21 -1.83 -35.85
C SER F 311 8.86 -1.03 -34.59
N GLY F 312 8.15 -1.64 -33.64
CA GLY F 312 7.76 -0.96 -32.42
C GLY F 312 6.73 0.12 -32.65
N LYS F 313 5.57 -0.28 -33.16
CA LYS F 313 4.58 0.71 -33.59
C LYS F 313 3.83 1.32 -32.41
N THR F 314 3.91 0.69 -31.23
CA THR F 314 3.13 1.13 -30.09
C THR F 314 3.61 2.46 -29.56
N LEU F 315 4.94 2.62 -29.48
CA LEU F 315 5.51 3.87 -28.99
C LEU F 315 5.25 5.00 -29.97
N THR F 316 5.22 4.68 -31.26
CA THR F 316 4.91 5.67 -32.28
C THR F 316 3.45 6.11 -32.17
N SER F 317 2.55 5.15 -31.92
CA SER F 317 1.15 5.46 -31.71
C SER F 317 0.96 6.35 -30.51
N PHE F 318 1.71 6.09 -29.44
CA PHE F 318 1.59 6.92 -28.25
C PHE F 318 2.11 8.32 -28.49
N LYS F 319 3.18 8.44 -29.27
CA LYS F 319 3.71 9.77 -29.55
C LYS F 319 2.73 10.57 -30.40
N ALA F 320 2.09 9.91 -31.37
CA ALA F 320 1.06 10.58 -32.17
C ALA F 320 -0.12 10.99 -31.32
N ALA F 321 -0.49 10.14 -30.36
CA ALA F 321 -1.58 10.47 -29.46
C ALA F 321 -1.24 11.64 -28.56
N ARG F 322 -0.01 11.67 -28.04
CA ARG F 322 0.39 12.75 -27.14
C ARG F 322 0.52 14.06 -27.88
N LEU F 323 0.92 14.00 -29.15
CA LEU F 323 1.03 15.24 -29.89
C LEU F 323 -0.33 15.71 -30.38
N ALA F 324 -1.25 14.78 -30.62
CA ALA F 324 -2.62 15.19 -30.90
C ALA F 324 -3.27 15.79 -29.66
N THR F 325 -2.90 15.28 -28.48
CA THR F 325 -3.25 15.91 -27.22
C THR F 325 -2.71 17.34 -27.15
N GLU F 326 -1.45 17.51 -27.54
CA GLU F 326 -0.80 18.81 -27.48
C GLU F 326 -1.31 19.79 -28.54
N LEU F 327 -2.07 19.32 -29.52
CA LEU F 327 -2.61 20.18 -30.56
C LEU F 327 -3.60 21.20 -30.00
N ASP F 328 -3.85 22.22 -30.81
CA ASP F 328 -4.54 23.42 -30.37
C ASP F 328 -6.05 23.20 -30.29
N PHE F 329 -6.67 22.83 -31.40
CA PHE F 329 -8.10 22.90 -31.59
C PHE F 329 -8.77 21.54 -31.49
N ILE F 330 -8.03 20.52 -31.09
CA ILE F 330 -8.53 19.16 -31.11
C ILE F 330 -9.29 18.87 -29.83
N ASP F 331 -10.52 18.39 -29.97
CA ASP F 331 -11.35 18.05 -28.82
C ASP F 331 -11.05 16.65 -28.30
N LYS F 332 -11.25 15.63 -29.13
CA LYS F 332 -11.17 14.25 -28.66
C LYS F 332 -10.29 13.43 -29.59
N VAL F 333 -9.52 12.53 -28.99
CA VAL F 333 -8.59 11.66 -29.71
C VAL F 333 -8.90 10.22 -29.31
N PHE F 334 -8.91 9.31 -30.29
CA PHE F 334 -9.24 7.92 -30.02
C PHE F 334 -8.25 6.98 -30.70
N PHE F 335 -8.01 5.86 -30.03
CA PHE F 335 -7.08 4.85 -30.51
C PHE F 335 -7.74 3.49 -30.33
N VAL F 336 -7.92 2.75 -31.42
CA VAL F 336 -8.76 1.56 -31.43
C VAL F 336 -7.97 0.39 -31.99
N VAL F 337 -8.01 -0.74 -31.27
CA VAL F 337 -7.40 -1.99 -31.70
C VAL F 337 -8.43 -3.12 -31.60
N ASP F 338 -7.98 -4.33 -31.87
CA ASP F 338 -8.81 -5.52 -31.77
C ASP F 338 -8.75 -6.09 -30.36
N ARG F 339 -9.77 -6.87 -29.99
CA ARG F 339 -9.84 -7.48 -28.67
C ARG F 339 -9.01 -8.77 -28.62
N LYS F 340 -8.37 -9.04 -27.47
CA LYS F 340 -8.35 -8.20 -26.26
C LYS F 340 -6.90 -7.75 -26.10
N ASP F 341 -6.36 -7.27 -27.23
CA ASP F 341 -5.09 -6.56 -27.19
C ASP F 341 -5.18 -5.28 -26.37
N LEU F 342 -6.38 -4.66 -26.29
CA LEU F 342 -6.61 -3.32 -25.79
C LEU F 342 -6.11 -3.03 -24.39
N ASP F 343 -6.58 -3.76 -23.39
CA ASP F 343 -6.28 -3.34 -22.03
C ASP F 343 -4.85 -3.71 -21.65
N TYR F 344 -4.30 -4.74 -22.31
CA TYR F 344 -2.90 -5.11 -22.17
C TYR F 344 -1.98 -3.98 -22.62
N GLN F 345 -2.17 -3.49 -23.84
CA GLN F 345 -1.36 -2.37 -24.28
C GLN F 345 -1.74 -1.09 -23.56
N THR F 346 -2.97 -1.00 -23.04
CA THR F 346 -3.42 0.16 -22.27
C THR F 346 -2.60 0.31 -20.99
N MET F 347 -2.32 -0.81 -20.32
CA MET F 347 -1.36 -0.72 -19.22
C MET F 347 0.07 -0.69 -19.73
N LYS F 348 0.31 -1.06 -21.00
CA LYS F 348 1.62 -0.80 -21.58
C LYS F 348 1.77 0.64 -22.08
N GLU F 349 0.72 1.46 -22.00
CA GLU F 349 0.83 2.86 -22.40
C GLU F 349 1.33 3.74 -21.29
N TYR F 350 2.08 3.23 -20.33
CA TYR F 350 2.44 4.03 -19.17
C TYR F 350 3.74 4.80 -19.37
N GLN F 351 4.05 5.16 -20.60
CA GLN F 351 5.11 6.12 -20.91
C GLN F 351 4.88 7.42 -20.16
N ARG F 352 3.75 8.06 -20.42
CA ARG F 352 3.29 9.14 -19.56
C ARG F 352 2.84 8.55 -18.23
N PHE F 353 2.90 9.36 -17.19
CA PHE F 353 2.63 8.91 -15.83
C PHE F 353 1.97 10.10 -15.10
N SER F 354 0.64 10.13 -15.06
CA SER F 354 -0.27 9.11 -15.58
C SER F 354 -0.72 9.42 -17.01
N PRO F 355 -0.93 8.39 -17.82
CA PRO F 355 -1.24 8.62 -19.24
C PRO F 355 -2.71 8.70 -19.59
N ASP F 356 -3.61 8.74 -18.60
CA ASP F 356 -5.08 8.90 -18.78
C ASP F 356 -5.66 7.82 -19.68
N SER F 357 -5.09 6.61 -19.58
CA SER F 357 -5.49 5.48 -20.41
C SER F 357 -6.80 4.87 -19.92
N VAL F 358 -7.90 5.56 -20.23
CA VAL F 358 -9.19 5.29 -19.61
C VAL F 358 -9.98 4.29 -20.46
N ASN F 359 -10.81 3.49 -19.78
CA ASN F 359 -11.74 2.56 -20.41
C ASN F 359 -13.10 2.64 -19.71
N GLY F 360 -14.15 2.27 -20.43
CA GLY F 360 -15.43 2.04 -19.77
C GLY F 360 -15.59 0.58 -19.35
N SER F 361 -15.44 -0.33 -20.31
CA SER F 361 -15.33 -1.78 -20.12
C SER F 361 -16.49 -2.44 -19.37
N GLU F 362 -17.69 -2.50 -19.98
CA GLU F 362 -18.05 -1.95 -21.29
C GLU F 362 -19.15 -0.91 -21.04
N ASN F 363 -18.72 0.27 -20.65
CA ASN F 363 -19.61 1.29 -20.08
C ASN F 363 -19.77 2.38 -21.12
N THR F 364 -20.82 2.26 -21.94
CA THR F 364 -21.16 3.35 -22.86
C THR F 364 -21.62 4.58 -22.09
N ALA F 365 -22.27 4.37 -20.94
CA ALA F 365 -22.52 5.48 -20.02
C ALA F 365 -21.21 5.97 -19.43
N GLY F 366 -20.29 5.06 -19.12
CA GLY F 366 -18.98 5.47 -18.67
C GLY F 366 -18.14 6.10 -19.76
N LEU F 367 -18.32 5.64 -21.00
CA LEU F 367 -17.57 6.23 -22.11
C LEU F 367 -18.10 7.62 -22.43
N LYS F 368 -19.42 7.82 -22.38
CA LYS F 368 -19.94 9.16 -22.56
C LYS F 368 -19.67 10.04 -21.35
N ARG F 369 -19.46 9.44 -20.17
CA ARG F 369 -19.00 10.20 -19.02
C ARG F 369 -17.57 10.66 -19.23
N ASN F 370 -16.74 9.80 -19.82
CA ASN F 370 -15.37 10.17 -20.16
C ASN F 370 -15.35 11.22 -21.26
N LEU F 371 -16.35 11.18 -22.14
CA LEU F 371 -16.58 12.29 -23.07
C LEU F 371 -16.93 13.55 -22.30
N ASP F 372 -17.74 13.42 -21.26
CA ASP F 372 -18.12 14.57 -20.46
C ASP F 372 -17.00 14.97 -19.51
N LYS F 373 -16.22 14.01 -19.06
CA LYS F 373 -15.05 14.32 -18.24
C LYS F 373 -13.97 14.96 -19.12
N ASP F 374 -13.23 15.91 -18.54
CA ASP F 374 -12.26 16.67 -19.29
C ASP F 374 -10.85 16.22 -18.93
N ASP F 375 -9.94 16.40 -19.88
CA ASP F 375 -8.48 16.24 -19.79
C ASP F 375 -8.00 14.81 -19.58
N ASN F 376 -8.85 13.80 -19.80
CA ASN F 376 -8.36 12.46 -20.17
C ASN F 376 -8.18 12.44 -21.68
N LYS F 377 -7.15 13.17 -22.13
CA LYS F 377 -7.08 13.59 -23.52
C LYS F 377 -6.68 12.48 -24.48
N ILE F 378 -6.47 11.27 -24.01
CA ILE F 378 -6.46 10.11 -24.87
C ILE F 378 -7.47 9.10 -24.33
N ILE F 379 -8.23 8.50 -25.26
CA ILE F 379 -9.22 7.50 -24.92
C ILE F 379 -8.97 6.28 -25.81
N VAL F 380 -8.85 5.12 -25.20
CA VAL F 380 -8.68 3.88 -25.93
C VAL F 380 -9.97 3.08 -25.81
N THR F 381 -10.45 2.57 -26.94
CA THR F 381 -11.73 1.87 -26.99
C THR F 381 -11.70 0.86 -28.12
N THR F 382 -12.58 -0.13 -28.05
CA THR F 382 -12.65 -1.11 -29.12
C THR F 382 -13.54 -0.60 -30.24
N ILE F 383 -13.49 -1.34 -31.36
CA ILE F 383 -14.45 -1.10 -32.42
C ILE F 383 -15.84 -1.56 -31.98
N GLN F 384 -15.89 -2.56 -31.10
CA GLN F 384 -17.18 -3.06 -30.63
C GLN F 384 -17.79 -2.10 -29.62
N LYS F 385 -16.98 -1.52 -28.74
CA LYS F 385 -17.49 -0.52 -27.80
C LYS F 385 -17.96 0.73 -28.53
N LEU F 386 -17.20 1.14 -29.56
CA LEU F 386 -17.59 2.30 -30.35
C LEU F 386 -18.87 2.03 -31.11
N ASN F 387 -19.02 0.81 -31.63
CA ASN F 387 -20.23 0.47 -32.38
C ASN F 387 -21.44 0.37 -31.45
N ASN F 388 -21.22 -0.16 -30.23
CA ASN F 388 -22.28 -0.21 -29.24
C ASN F 388 -22.69 1.19 -28.80
N LEU F 389 -21.72 2.09 -28.71
CA LEU F 389 -22.01 3.48 -28.37
C LEU F 389 -22.80 4.17 -29.47
N MET F 390 -22.46 3.87 -30.74
CA MET F 390 -23.13 4.55 -31.84
C MET F 390 -24.53 4.00 -32.06
N LYS F 391 -24.69 2.68 -31.99
CA LYS F 391 -26.02 2.11 -32.23
C LYS F 391 -26.91 2.29 -31.01
N ALA F 392 -26.33 2.37 -29.83
CA ALA F 392 -27.13 2.60 -28.63
C ALA F 392 -27.41 4.07 -28.39
N GLU F 393 -26.50 4.97 -28.78
CA GLU F 393 -26.67 6.39 -28.50
C GLU F 393 -26.39 7.18 -29.77
N SER F 394 -27.28 8.10 -30.11
CA SER F 394 -27.13 8.86 -31.34
C SER F 394 -27.31 10.35 -31.10
N ASP F 395 -27.11 10.81 -29.85
CA ASP F 395 -27.28 12.22 -29.54
C ASP F 395 -26.10 12.80 -28.77
N LEU F 396 -24.88 12.37 -29.09
CA LEU F 396 -23.72 12.82 -28.32
C LEU F 396 -23.31 14.22 -28.72
N PRO F 397 -22.72 15.00 -27.81
CA PRO F 397 -22.18 16.32 -28.20
C PRO F 397 -20.93 16.24 -29.05
N VAL F 398 -20.34 15.05 -29.19
CA VAL F 398 -19.06 14.91 -29.89
C VAL F 398 -19.26 14.96 -31.40
N TYR F 399 -20.51 14.92 -31.86
CA TYR F 399 -20.79 14.73 -33.27
C TYR F 399 -20.47 15.96 -34.12
N ASN F 400 -20.21 17.10 -33.49
CA ASN F 400 -19.81 18.31 -34.21
C ASN F 400 -18.52 18.87 -33.62
N GLN F 401 -17.58 17.97 -33.33
CA GLN F 401 -16.37 18.34 -32.62
C GLN F 401 -15.15 17.81 -33.37
N GLN F 402 -13.98 18.39 -33.07
CA GLN F 402 -12.74 18.01 -33.72
C GLN F 402 -12.24 16.69 -33.18
N VAL F 403 -12.37 15.62 -33.96
CA VAL F 403 -12.11 14.27 -33.47
C VAL F 403 -11.07 13.60 -34.34
N VAL F 404 -10.08 12.98 -33.68
CA VAL F 404 -9.02 12.24 -34.35
C VAL F 404 -9.21 10.76 -34.03
N PHE F 405 -9.04 9.90 -35.04
CA PHE F 405 -9.12 8.46 -34.87
C PHE F 405 -7.85 7.80 -35.39
N ILE F 406 -7.37 6.80 -34.66
CA ILE F 406 -6.28 5.94 -35.11
C ILE F 406 -6.71 4.50 -34.90
N PHE F 407 -6.54 3.67 -35.92
CA PHE F 407 -6.97 2.28 -35.87
C PHE F 407 -5.79 1.34 -36.06
N ASP F 408 -5.96 0.10 -35.60
CA ASP F 408 -4.95 -0.93 -35.75
C ASP F 408 -5.61 -2.30 -35.65
N GLU F 409 -5.01 -3.28 -36.35
CA GLU F 409 -5.38 -4.70 -36.31
C GLU F 409 -6.85 -4.90 -36.74
N CYS F 410 -7.09 -4.62 -38.01
CA CYS F 410 -8.43 -4.67 -38.57
C CYS F 410 -8.75 -6.07 -39.07
N HIS F 411 -9.68 -6.74 -38.40
CA HIS F 411 -10.30 -7.93 -38.94
C HIS F 411 -11.52 -7.51 -39.74
N ARG F 412 -12.37 -8.46 -40.13
CA ARG F 412 -13.39 -8.21 -41.15
C ARG F 412 -14.81 -8.36 -40.63
N SER F 413 -15.04 -8.16 -39.34
CA SER F 413 -16.41 -8.18 -38.82
C SER F 413 -17.08 -6.82 -39.02
N GLN F 414 -16.54 -5.78 -38.39
CA GLN F 414 -17.04 -4.42 -38.51
C GLN F 414 -16.11 -3.55 -39.32
N PHE F 415 -15.43 -4.12 -40.30
CA PHE F 415 -14.44 -3.37 -41.07
C PHE F 415 -15.09 -2.35 -41.98
N GLY F 416 -16.33 -2.58 -42.39
CA GLY F 416 -17.03 -1.60 -43.20
C GLY F 416 -18.25 -1.05 -42.49
N GLU F 417 -18.90 -1.88 -41.68
CA GLU F 417 -20.17 -1.50 -41.07
C GLU F 417 -19.98 -0.45 -39.98
N ALA F 418 -18.98 -0.64 -39.12
CA ALA F 418 -18.65 0.38 -38.14
C ALA F 418 -18.10 1.62 -38.83
N GLN F 419 -17.46 1.45 -39.98
CA GLN F 419 -17.07 2.60 -40.77
C GLN F 419 -18.27 3.27 -41.41
N LYS F 420 -19.34 2.51 -41.71
CA LYS F 420 -20.56 3.15 -42.19
C LYS F 420 -21.25 3.93 -41.08
N ASN F 421 -21.17 3.43 -39.84
CA ASN F 421 -21.66 4.21 -38.71
C ASN F 421 -20.78 5.42 -38.45
N LEU F 422 -19.49 5.29 -38.73
CA LEU F 422 -18.55 6.40 -38.61
C LEU F 422 -18.89 7.49 -39.63
N LYS F 423 -19.25 7.08 -40.84
CA LYS F 423 -19.70 8.04 -41.86
C LYS F 423 -21.04 8.64 -41.47
N LYS F 424 -21.92 7.84 -40.89
CA LYS F 424 -23.29 8.28 -40.67
C LYS F 424 -23.39 9.21 -39.46
N LYS F 425 -22.85 8.78 -38.32
CA LYS F 425 -23.11 9.42 -37.04
C LYS F 425 -21.94 10.29 -36.58
N PHE F 426 -21.25 10.92 -37.52
CA PHE F 426 -20.18 11.85 -37.19
C PHE F 426 -20.14 12.95 -38.24
N LYS F 427 -19.44 14.02 -37.92
CA LYS F 427 -19.24 15.06 -38.92
C LYS F 427 -17.78 15.40 -39.16
N ARG F 428 -16.96 15.45 -38.12
CA ARG F 428 -15.58 15.92 -38.24
C ARG F 428 -14.65 14.86 -37.68
N TYR F 429 -14.08 14.03 -38.55
CA TYR F 429 -13.13 13.01 -38.12
C TYR F 429 -11.88 13.06 -38.98
N TYR F 430 -10.75 12.74 -38.35
CA TYR F 430 -9.49 12.49 -39.05
C TYR F 430 -9.10 11.05 -38.77
N GLN F 431 -9.40 10.13 -39.69
CA GLN F 431 -9.17 8.71 -39.44
C GLN F 431 -7.86 8.26 -40.08
N PHE F 432 -7.00 7.63 -39.27
CA PHE F 432 -5.70 7.15 -39.67
C PHE F 432 -5.57 5.69 -39.30
N GLY F 433 -4.68 4.99 -39.99
CA GLY F 433 -4.51 3.56 -39.79
C GLY F 433 -3.06 3.15 -39.63
N PHE F 434 -2.83 2.22 -38.69
CA PHE F 434 -1.59 1.48 -38.59
C PHE F 434 -1.92 0.02 -38.90
N THR F 435 -1.14 -0.59 -39.78
CA THR F 435 -1.39 -1.99 -40.14
C THR F 435 -0.12 -2.58 -40.72
N GLY F 436 -0.16 -3.90 -40.91
CA GLY F 436 0.79 -4.61 -41.73
C GLY F 436 0.07 -5.28 -42.87
N THR F 437 -1.18 -4.89 -43.08
CA THR F 437 -2.09 -5.57 -44.01
C THR F 437 -2.58 -4.59 -45.07
N PRO F 438 -1.85 -4.46 -46.19
CA PRO F 438 -2.39 -3.72 -47.32
C PRO F 438 -3.52 -4.50 -47.97
N ILE F 439 -4.39 -3.77 -48.67
CA ILE F 439 -5.60 -4.40 -49.19
C ILE F 439 -5.65 -4.24 -50.72
N PHE F 440 -5.03 -3.19 -51.23
CA PHE F 440 -5.39 -2.63 -52.54
C PHE F 440 -5.24 -3.56 -53.76
N PRO F 441 -4.04 -4.10 -54.12
CA PRO F 441 -3.96 -4.76 -55.44
C PRO F 441 -4.64 -6.14 -55.54
N GLU F 442 -4.31 -7.11 -54.67
CA GLU F 442 -4.87 -8.45 -54.81
C GLU F 442 -5.22 -9.10 -53.48
N ASN F 443 -5.41 -8.32 -52.42
CA ASN F 443 -5.55 -8.91 -51.09
C ASN F 443 -6.98 -9.41 -50.87
N ALA F 444 -7.96 -8.51 -50.95
CA ALA F 444 -9.33 -8.84 -50.57
C ALA F 444 -10.25 -9.08 -51.74
N LEU F 445 -10.14 -8.26 -52.80
CA LEU F 445 -10.83 -8.34 -54.09
C LEU F 445 -12.33 -8.04 -54.00
N GLY F 446 -12.89 -7.89 -52.80
CA GLY F 446 -14.31 -7.63 -52.67
C GLY F 446 -14.65 -6.59 -51.63
N SER F 447 -13.68 -5.76 -51.25
CA SER F 447 -13.87 -4.79 -50.18
C SER F 447 -13.32 -3.43 -50.56
N GLU F 448 -13.58 -2.46 -49.69
CA GLU F 448 -13.02 -1.13 -49.83
C GLU F 448 -11.56 -1.17 -49.37
N THR F 449 -10.65 -0.82 -50.27
CA THR F 449 -9.23 -1.00 -50.01
C THR F 449 -8.71 0.06 -49.05
N THR F 450 -7.48 -0.15 -48.59
CA THR F 450 -6.83 0.72 -47.61
C THR F 450 -6.71 2.15 -48.11
N ALA F 451 -6.26 2.31 -49.36
CA ALA F 451 -6.14 3.63 -49.95
C ALA F 451 -7.52 4.24 -50.22
N SER F 452 -8.55 3.39 -50.33
CA SER F 452 -9.90 3.91 -50.48
C SER F 452 -10.59 4.03 -49.13
N VAL F 453 -10.17 3.24 -48.14
CA VAL F 453 -10.64 3.51 -46.78
C VAL F 453 -9.96 4.76 -46.23
N PHE F 454 -8.63 4.79 -46.25
CA PHE F 454 -7.89 5.84 -45.57
C PHE F 454 -7.41 6.95 -46.49
N GLY F 455 -6.64 6.64 -47.52
CA GLY F 455 -6.16 7.67 -48.41
C GLY F 455 -4.72 7.49 -48.85
N ARG F 456 -3.90 8.50 -48.61
CA ARG F 456 -2.51 8.48 -49.05
C ARG F 456 -1.70 7.51 -48.19
N GLU F 457 -0.75 6.83 -48.83
CA GLU F 457 0.26 6.10 -48.08
C GLU F 457 1.21 7.15 -47.53
N LEU F 458 0.91 7.60 -46.30
CA LEU F 458 1.55 8.80 -45.76
C LEU F 458 3.03 8.57 -45.49
N HIS F 459 3.37 7.42 -44.93
CA HIS F 459 4.74 6.99 -44.75
C HIS F 459 4.74 5.49 -44.51
N SER F 460 5.76 4.82 -45.02
CA SER F 460 5.86 3.38 -44.89
C SER F 460 7.26 3.01 -44.41
N TYR F 461 7.31 1.87 -43.73
CA TYR F 461 8.56 1.27 -43.24
C TYR F 461 8.45 -0.20 -43.61
N VAL F 462 9.00 -0.56 -44.76
CA VAL F 462 8.90 -1.94 -45.24
C VAL F 462 9.80 -2.85 -44.43
N ILE F 463 9.63 -4.16 -44.64
CA ILE F 463 10.38 -5.14 -43.88
C ILE F 463 11.84 -5.17 -44.29
N THR F 464 12.15 -4.71 -45.51
CA THR F 464 13.42 -4.96 -46.19
C THR F 464 14.60 -4.30 -45.48
N ASP F 465 14.53 -2.98 -45.32
CA ASP F 465 15.62 -2.29 -44.67
C ASP F 465 15.62 -2.52 -43.17
N ALA F 466 14.50 -2.98 -42.61
CA ALA F 466 14.50 -3.44 -41.22
C ALA F 466 15.32 -4.71 -41.07
N ILE F 467 15.20 -5.62 -42.04
CA ILE F 467 16.08 -6.79 -42.11
C ILE F 467 17.52 -6.35 -42.29
N ARG F 468 17.73 -5.34 -43.13
CA ARG F 468 19.06 -4.78 -43.34
C ARG F 468 19.63 -4.15 -42.06
N ASP F 469 18.78 -3.65 -41.18
CA ASP F 469 19.23 -2.98 -39.97
C ASP F 469 19.08 -3.88 -38.75
N GLU F 470 19.20 -5.19 -38.97
CA GLU F 470 19.39 -6.22 -37.95
C GLU F 470 18.27 -6.30 -36.93
N LYS F 471 17.06 -5.86 -37.28
CA LYS F 471 15.95 -5.98 -36.34
C LYS F 471 15.29 -7.35 -36.39
N VAL F 472 15.17 -7.96 -37.57
CA VAL F 472 14.70 -9.32 -37.72
C VAL F 472 15.64 -10.04 -38.67
N LEU F 473 15.45 -11.36 -38.81
CA LEU F 473 16.39 -12.19 -39.54
C LEU F 473 15.80 -12.66 -40.86
N LYS F 474 16.61 -13.43 -41.58
CA LYS F 474 16.34 -13.78 -42.96
C LYS F 474 15.54 -15.08 -43.06
N PHE F 475 15.26 -15.52 -44.28
CA PHE F 475 14.40 -16.67 -44.53
C PHE F 475 15.18 -17.73 -45.29
N LYS F 476 14.85 -19.00 -45.06
CA LYS F 476 15.24 -20.06 -45.98
C LYS F 476 14.02 -20.97 -46.15
N VAL F 477 13.28 -20.76 -47.23
CA VAL F 477 12.00 -21.40 -47.46
C VAL F 477 12.21 -22.53 -48.46
N ASP F 478 12.04 -23.76 -48.00
CA ASP F 478 12.26 -24.91 -48.86
C ASP F 478 11.10 -25.89 -48.77
N TYR F 479 10.70 -26.39 -49.93
CA TYR F 479 9.70 -27.44 -50.00
C TYR F 479 10.39 -28.80 -49.98
N ASN F 480 9.72 -29.77 -49.38
CA ASN F 480 10.32 -31.09 -49.16
C ASN F 480 9.85 -32.06 -50.24
N ASP F 481 10.46 -31.93 -51.42
CA ASP F 481 10.22 -32.85 -52.52
C ASP F 481 10.92 -34.17 -52.19
N VAL F 482 10.24 -35.04 -51.47
CA VAL F 482 10.89 -36.18 -50.85
C VAL F 482 10.10 -37.45 -51.09
N ARG F 483 8.85 -37.30 -51.53
CA ARG F 483 7.96 -38.44 -51.71
C ARG F 483 7.46 -38.50 -53.14
N PRO F 484 8.00 -39.41 -53.96
CA PRO F 484 7.54 -39.51 -55.35
C PRO F 484 6.13 -40.06 -55.50
N GLN F 485 5.58 -40.67 -54.45
CA GLN F 485 4.20 -41.10 -54.45
C GLN F 485 3.25 -39.91 -54.57
N PHE F 486 3.29 -39.02 -53.60
CA PHE F 486 2.44 -37.85 -53.59
C PHE F 486 3.13 -36.62 -54.16
N LYS F 487 4.11 -36.82 -55.05
CA LYS F 487 4.86 -35.71 -55.60
C LYS F 487 3.98 -34.80 -56.46
N SER F 488 3.09 -35.40 -57.26
CA SER F 488 2.16 -34.63 -58.06
C SER F 488 1.16 -33.89 -57.20
N LEU F 489 0.73 -34.51 -56.09
CA LEU F 489 -0.28 -33.89 -55.24
C LEU F 489 0.33 -32.82 -54.35
N GLU F 490 1.58 -32.99 -53.94
CA GLU F 490 2.28 -31.92 -53.23
C GLU F 490 2.57 -30.76 -54.15
N THR F 491 3.04 -31.06 -55.37
CA THR F 491 3.32 -30.00 -56.33
C THR F 491 2.07 -29.52 -57.07
N GLU F 492 0.88 -30.03 -56.72
CA GLU F 492 -0.34 -29.57 -57.35
C GLU F 492 -0.63 -28.15 -56.92
N THR F 493 -1.08 -27.33 -57.87
CA THR F 493 -1.38 -25.92 -57.61
C THR F 493 -2.82 -25.57 -57.95
N ASP F 494 -3.64 -26.58 -58.25
CA ASP F 494 -5.05 -26.35 -58.53
C ASP F 494 -5.77 -26.01 -57.23
N GLU F 495 -6.02 -24.71 -57.03
CA GLU F 495 -6.57 -24.22 -55.77
C GLU F 495 -7.99 -24.73 -55.53
N LYS F 496 -8.73 -24.99 -56.62
CA LYS F 496 -10.07 -25.56 -56.50
C LYS F 496 -10.03 -26.97 -55.93
N LYS F 497 -9.13 -27.81 -56.45
CA LYS F 497 -9.05 -29.18 -55.98
C LYS F 497 -8.31 -29.28 -54.66
N LEU F 498 -7.33 -28.39 -54.42
CA LEU F 498 -6.67 -28.37 -53.13
C LEU F 498 -7.61 -27.87 -52.03
N SER F 499 -8.57 -27.02 -52.39
CA SER F 499 -9.59 -26.61 -51.45
C SER F 499 -10.61 -27.71 -51.23
N ALA F 500 -11.11 -28.29 -52.33
CA ALA F 500 -12.22 -29.22 -52.28
C ALA F 500 -11.79 -30.66 -52.04
N ALA F 501 -10.91 -31.20 -52.89
CA ALA F 501 -10.55 -32.61 -52.81
C ALA F 501 -9.53 -32.92 -51.73
N GLU F 502 -9.21 -31.95 -50.86
CA GLU F 502 -8.47 -32.23 -49.65
C GLU F 502 -9.24 -33.20 -48.77
N ASN F 503 -8.61 -34.33 -48.45
CA ASN F 503 -9.26 -35.41 -47.72
C ASN F 503 -8.29 -35.97 -46.70
N GLN F 504 -8.62 -37.14 -46.18
CA GLN F 504 -7.77 -37.83 -45.23
C GLN F 504 -6.91 -38.91 -45.87
N GLN F 505 -7.03 -39.14 -47.18
CA GLN F 505 -6.25 -40.21 -47.79
C GLN F 505 -5.40 -39.75 -48.96
N ALA F 506 -5.92 -38.86 -49.81
CA ALA F 506 -5.09 -38.38 -50.91
C ALA F 506 -4.17 -37.27 -50.46
N PHE F 507 -4.37 -36.72 -49.27
CA PHE F 507 -3.48 -35.69 -48.76
C PHE F 507 -3.09 -35.89 -47.30
N LEU F 508 -3.74 -36.82 -46.59
CA LEU F 508 -3.37 -37.10 -45.21
C LEU F 508 -3.13 -38.59 -45.01
N HIS F 509 -2.43 -39.22 -45.95
CA HIS F 509 -2.29 -40.66 -45.97
C HIS F 509 -1.37 -41.12 -44.84
N PRO F 510 -1.66 -42.26 -44.21
CA PRO F 510 -0.84 -42.70 -43.05
C PRO F 510 0.62 -42.98 -43.38
N MET F 511 0.90 -43.47 -44.59
CA MET F 511 2.28 -43.56 -45.03
C MET F 511 2.88 -42.16 -45.25
N ARG F 512 2.08 -41.25 -45.80
CA ARG F 512 2.54 -39.89 -46.04
C ARG F 512 2.84 -39.16 -44.74
N ILE F 513 1.89 -39.22 -43.80
CA ILE F 513 2.06 -38.63 -42.47
C ILE F 513 3.22 -39.31 -41.74
N GLN F 514 3.38 -40.62 -41.94
CA GLN F 514 4.45 -41.37 -41.31
C GLN F 514 5.82 -40.92 -41.82
N GLU F 515 5.92 -40.64 -43.12
CA GLU F 515 7.21 -40.23 -43.67
C GLU F 515 7.51 -38.76 -43.36
N ILE F 516 6.46 -37.93 -43.25
CA ILE F 516 6.62 -36.59 -42.70
C ILE F 516 7.20 -36.65 -41.29
N THR F 517 6.61 -37.52 -40.46
CA THR F 517 7.05 -37.70 -39.09
C THR F 517 8.49 -38.20 -39.02
N GLN F 518 8.84 -39.14 -39.90
CA GLN F 518 10.19 -39.68 -39.91
C GLN F 518 11.20 -38.64 -40.34
N TYR F 519 10.84 -37.80 -41.32
CA TYR F 519 11.68 -36.70 -41.75
C TYR F 519 11.94 -35.72 -40.61
N ILE F 520 10.87 -35.31 -39.93
CA ILE F 520 11.02 -34.25 -38.93
C ILE F 520 11.72 -34.80 -37.68
N LEU F 521 11.53 -36.08 -37.37
CA LEU F 521 12.21 -36.64 -36.22
C LEU F 521 13.66 -36.96 -36.53
N ASN F 522 13.99 -37.18 -37.80
CA ASN F 522 15.39 -37.30 -38.16
C ASN F 522 16.09 -35.95 -38.15
N ASN F 523 15.40 -34.89 -38.55
CA ASN F 523 16.05 -33.61 -38.76
C ASN F 523 15.85 -32.62 -37.64
N PHE F 524 15.15 -33.00 -36.57
CA PHE F 524 14.88 -32.09 -35.46
C PHE F 524 16.17 -31.64 -34.78
N ARG F 525 16.93 -32.59 -34.23
CA ARG F 525 18.11 -32.24 -33.45
C ARG F 525 19.23 -31.69 -34.31
N GLN F 526 19.15 -31.87 -35.63
CA GLN F 526 20.05 -31.14 -36.52
C GLN F 526 19.62 -29.70 -36.66
N LYS F 527 18.34 -29.47 -36.95
CA LYS F 527 17.89 -28.11 -37.24
C LYS F 527 17.69 -27.28 -35.99
N THR F 528 17.54 -27.91 -34.83
CA THR F 528 17.48 -27.16 -33.59
C THR F 528 18.85 -27.00 -32.94
N HIS F 529 19.92 -27.30 -33.68
CA HIS F 529 21.31 -27.21 -33.23
C HIS F 529 21.59 -28.06 -32.00
N ARG F 530 20.89 -29.19 -31.89
CA ARG F 530 21.06 -30.12 -30.78
C ARG F 530 21.95 -31.30 -31.15
N THR F 531 22.97 -31.07 -31.98
CA THR F 531 23.85 -32.15 -32.40
C THR F 531 24.75 -32.63 -31.28
N PHE F 532 24.92 -31.83 -30.23
CA PHE F 532 25.76 -32.17 -29.11
C PHE F 532 24.92 -32.26 -27.84
N PRO F 533 25.35 -33.05 -26.85
CA PRO F 533 24.55 -33.16 -25.61
C PRO F 533 24.48 -31.87 -24.80
N GLY F 534 25.60 -31.18 -24.64
CA GLY F 534 25.61 -29.91 -23.94
C GLY F 534 25.24 -28.70 -24.76
N SER F 535 24.64 -28.91 -25.93
CA SER F 535 24.21 -27.81 -26.77
C SER F 535 23.01 -27.08 -26.16
N LYS F 536 22.73 -25.90 -26.69
CA LYS F 536 21.66 -25.07 -26.14
C LYS F 536 20.29 -25.55 -26.60
N GLY F 537 20.04 -25.50 -27.91
CA GLY F 537 18.82 -26.01 -28.48
C GLY F 537 17.80 -24.92 -28.76
N PHE F 538 16.80 -25.29 -29.56
CA PHE F 538 15.69 -24.40 -29.89
C PHE F 538 14.43 -25.24 -30.03
N ASN F 539 13.27 -24.62 -29.84
CA ASN F 539 12.02 -25.35 -30.03
C ASN F 539 11.45 -25.07 -31.42
N ALA F 540 10.48 -25.90 -31.82
CA ALA F 540 9.95 -25.84 -33.17
C ALA F 540 8.44 -26.01 -33.15
N MET F 541 7.83 -25.54 -34.23
CA MET F 541 6.39 -25.58 -34.42
C MET F 541 6.05 -26.31 -35.72
N LEU F 542 4.85 -26.87 -35.75
CA LEU F 542 4.35 -27.57 -36.92
C LEU F 542 2.87 -27.24 -37.08
N ALA F 543 2.54 -26.44 -38.09
CA ALA F 543 1.19 -25.97 -38.28
C ALA F 543 0.60 -26.54 -39.56
N VAL F 544 -0.68 -26.87 -39.50
CA VAL F 544 -1.43 -27.46 -40.60
C VAL F 544 -2.76 -26.75 -40.73
N SER F 545 -3.60 -27.26 -41.64
CA SER F 545 -4.84 -26.62 -42.02
C SER F 545 -6.09 -27.38 -41.62
N SER F 546 -5.98 -28.51 -40.93
CA SER F 546 -7.15 -29.31 -40.63
C SER F 546 -6.97 -30.03 -39.30
N VAL F 547 -8.07 -30.14 -38.56
CA VAL F 547 -8.02 -30.63 -37.18
C VAL F 547 -7.80 -32.14 -37.15
N ASP F 548 -8.43 -32.85 -38.08
CA ASP F 548 -8.32 -34.31 -38.14
C ASP F 548 -6.91 -34.76 -38.46
N ALA F 549 -6.17 -33.92 -39.21
CA ALA F 549 -4.73 -34.12 -39.37
C ALA F 549 -4.02 -34.13 -38.03
N ALA F 550 -4.33 -33.15 -37.18
CA ALA F 550 -3.66 -33.04 -35.89
C ALA F 550 -4.06 -34.18 -34.96
N LYS F 551 -5.31 -34.62 -35.05
CA LYS F 551 -5.75 -35.77 -34.27
C LYS F 551 -5.04 -37.04 -34.73
N ALA F 552 -4.70 -37.11 -36.01
CA ALA F 552 -3.83 -38.19 -36.46
C ALA F 552 -2.40 -37.98 -35.96
N TYR F 553 -1.94 -36.72 -35.93
CA TYR F 553 -0.54 -36.43 -35.71
C TYR F 553 -0.11 -36.76 -34.28
N TYR F 554 -0.96 -36.46 -33.30
CA TYR F 554 -0.55 -36.64 -31.91
C TYR F 554 -0.29 -38.11 -31.59
N ALA F 555 -1.24 -38.97 -31.96
CA ALA F 555 -1.04 -40.40 -31.82
C ALA F 555 0.07 -40.91 -32.74
N THR F 556 0.25 -40.27 -33.91
CA THR F 556 1.29 -40.69 -34.84
C THR F 556 2.69 -40.46 -34.26
N PHE F 557 2.94 -39.24 -33.79
CA PHE F 557 4.21 -38.92 -33.15
C PHE F 557 4.42 -39.74 -31.89
N LYS F 558 3.37 -39.96 -31.10
CA LYS F 558 3.50 -40.73 -29.87
C LYS F 558 3.89 -42.17 -30.16
N ARG F 559 3.19 -42.82 -31.09
CA ARG F 559 3.46 -44.22 -31.41
C ARG F 559 4.81 -44.39 -32.10
N LEU F 560 5.19 -43.45 -32.97
CA LEU F 560 6.45 -43.59 -33.66
C LEU F 560 7.63 -43.27 -32.75
N GLN F 561 7.42 -42.42 -31.74
CA GLN F 561 8.45 -42.27 -30.73
C GLN F 561 8.55 -43.48 -29.82
N GLU F 562 7.41 -44.15 -29.56
CA GLU F 562 7.45 -45.42 -28.83
C GLU F 562 8.24 -46.46 -29.58
N GLU F 563 8.02 -46.55 -30.90
CA GLU F 563 8.77 -47.51 -31.72
C GLU F 563 10.25 -47.13 -31.81
N ALA F 564 10.56 -45.83 -31.88
CA ALA F 564 11.95 -45.41 -31.96
C ALA F 564 12.68 -45.66 -30.65
N ALA F 565 11.96 -45.53 -29.52
CA ALA F 565 12.57 -45.88 -28.24
C ALA F 565 12.70 -47.39 -28.08
N ASN F 566 11.82 -48.16 -28.73
CA ASN F 566 11.91 -49.61 -28.64
C ASN F 566 12.88 -50.21 -29.65
N LYS F 567 13.38 -49.42 -30.60
CA LYS F 567 14.37 -49.94 -31.54
C LYS F 567 15.66 -50.35 -30.85
N SER F 568 16.22 -49.48 -30.00
CA SER F 568 17.52 -49.79 -29.41
C SER F 568 17.65 -49.40 -27.95
N ALA F 569 16.56 -48.95 -27.30
CA ALA F 569 16.54 -48.47 -25.91
C ALA F 569 17.55 -47.37 -25.66
N THR F 570 17.74 -46.49 -26.65
CA THR F 570 18.71 -45.42 -26.58
C THR F 570 18.13 -44.09 -27.03
N TYR F 571 17.06 -44.10 -27.82
CA TYR F 571 16.53 -42.89 -28.46
C TYR F 571 15.92 -41.95 -27.44
N LYS F 572 16.43 -40.74 -27.39
CA LYS F 572 15.84 -39.69 -26.59
C LYS F 572 14.55 -39.23 -27.24
N PRO F 573 13.41 -39.31 -26.56
CA PRO F 573 12.15 -38.87 -27.15
C PRO F 573 12.01 -37.35 -27.07
N LEU F 574 10.87 -36.86 -27.57
CA LEU F 574 10.60 -35.42 -27.59
C LEU F 574 9.22 -35.18 -27.02
N ARG F 575 9.15 -34.31 -26.02
CA ARG F 575 7.87 -33.89 -25.48
C ARG F 575 7.14 -33.02 -26.49
N ILE F 576 6.03 -33.53 -27.03
CA ILE F 576 5.29 -32.86 -28.07
C ILE F 576 3.92 -32.48 -27.53
N ALA F 577 3.58 -31.20 -27.63
CA ALA F 577 2.28 -30.74 -27.16
C ALA F 577 1.49 -30.15 -28.33
N THR F 578 0.21 -29.91 -28.10
CA THR F 578 -0.64 -29.31 -29.11
C THR F 578 -1.82 -28.61 -28.43
N ILE F 579 -2.42 -27.66 -29.15
CA ILE F 579 -3.58 -26.92 -28.65
C ILE F 579 -4.35 -26.33 -29.84
N PHE F 580 -5.67 -26.23 -29.68
CA PHE F 580 -6.65 -25.66 -30.62
C PHE F 580 -7.99 -25.68 -29.91
N SER F 581 -8.93 -24.79 -30.25
CA SER F 581 -10.31 -25.06 -29.87
C SER F 581 -11.27 -25.12 -31.06
N PHE F 582 -11.56 -23.99 -31.69
CA PHE F 582 -12.67 -23.84 -32.63
C PHE F 582 -12.64 -22.40 -33.13
N ALA F 583 -12.75 -22.10 -34.42
CA ALA F 583 -12.56 -22.95 -35.60
C ALA F 583 -12.04 -22.02 -36.67
N ALA F 584 -12.17 -22.45 -37.93
CA ALA F 584 -12.26 -21.51 -39.05
C ALA F 584 -13.71 -21.07 -39.15
N ASN F 585 -14.09 -20.16 -38.26
CA ASN F 585 -15.51 -19.92 -37.98
C ASN F 585 -16.18 -19.10 -39.09
N GLU F 586 -15.50 -18.07 -39.59
CA GLU F 586 -16.07 -17.18 -40.59
C GLU F 586 -15.03 -17.01 -41.70
N GLU F 587 -15.25 -16.03 -42.58
CA GLU F 587 -14.20 -15.65 -43.50
C GLU F 587 -13.12 -14.84 -42.77
N GLN F 588 -13.52 -13.77 -42.08
CA GLN F 588 -12.77 -13.03 -41.07
C GLN F 588 -11.56 -12.26 -41.63
N ASN F 589 -11.20 -12.48 -42.90
CA ASN F 589 -9.94 -11.95 -43.40
C ASN F 589 -10.02 -11.81 -44.92
N ALA F 590 -8.95 -11.30 -45.48
CA ALA F 590 -8.79 -11.22 -46.93
C ALA F 590 -8.09 -12.49 -47.41
N ILE F 591 -7.57 -12.47 -48.63
CA ILE F 591 -6.80 -13.58 -49.16
C ILE F 591 -5.33 -13.25 -48.99
N GLY F 592 -4.63 -13.95 -48.09
CA GLY F 592 -5.20 -15.00 -47.25
C GLY F 592 -4.49 -15.12 -45.91
N GLU F 593 -5.27 -15.25 -44.84
CA GLU F 593 -4.74 -15.26 -43.48
C GLU F 593 -5.34 -16.45 -42.74
N ILE F 594 -5.13 -16.47 -41.43
CA ILE F 594 -5.72 -17.44 -40.55
C ILE F 594 -7.07 -16.92 -40.06
N SER F 595 -8.11 -17.74 -40.18
CA SER F 595 -9.38 -17.46 -39.53
C SER F 595 -9.20 -17.69 -38.03
N ASP F 596 -9.59 -16.71 -37.23
CA ASP F 596 -9.29 -16.75 -35.81
C ASP F 596 -10.16 -17.77 -35.08
N GLU F 597 -9.56 -18.49 -34.16
CA GLU F 597 -10.31 -19.43 -33.34
C GLU F 597 -11.00 -18.71 -32.20
N THR F 598 -12.27 -19.05 -31.97
CA THR F 598 -13.02 -18.50 -30.85
C THR F 598 -12.74 -19.35 -29.61
N PHE F 599 -13.40 -19.02 -28.50
CA PHE F 599 -13.10 -19.63 -27.22
C PHE F 599 -14.17 -20.62 -26.77
N ASP F 600 -15.04 -21.06 -27.68
CA ASP F 600 -15.99 -22.11 -27.39
C ASP F 600 -15.22 -23.42 -27.28
N THR F 601 -15.35 -24.09 -26.13
CA THR F 601 -14.51 -25.23 -25.84
C THR F 601 -14.95 -26.46 -26.63
N SER F 602 -16.18 -26.92 -26.39
CA SER F 602 -16.68 -28.17 -26.95
C SER F 602 -17.62 -27.96 -28.12
N ALA F 603 -17.35 -26.96 -28.97
CA ALA F 603 -18.18 -26.74 -30.14
C ALA F 603 -17.98 -27.87 -31.17
N MET F 604 -16.77 -28.41 -31.23
CA MET F 604 -16.54 -29.60 -32.04
C MET F 604 -17.02 -30.84 -31.29
N ASP F 605 -16.89 -31.99 -31.94
CA ASP F 605 -17.24 -33.24 -31.31
C ASP F 605 -16.19 -33.62 -30.26
N SER F 606 -16.58 -34.54 -29.37
CA SER F 606 -15.66 -35.04 -28.36
C SER F 606 -14.60 -35.96 -28.97
N SER F 607 -14.81 -36.40 -30.21
CA SER F 607 -13.73 -37.04 -30.97
C SER F 607 -12.59 -36.06 -31.23
N ALA F 608 -12.88 -34.76 -31.25
CA ALA F 608 -11.87 -33.73 -31.17
C ALA F 608 -11.73 -33.16 -29.76
N LYS F 609 -12.84 -32.96 -29.06
CA LYS F 609 -12.81 -32.24 -27.79
C LYS F 609 -12.27 -33.11 -26.66
N GLU F 610 -12.83 -34.30 -26.47
CA GLU F 610 -12.32 -35.19 -25.43
C GLU F 610 -10.97 -35.78 -25.80
N PHE F 611 -10.64 -35.83 -27.09
CA PHE F 611 -9.28 -36.14 -27.53
C PHE F 611 -8.29 -35.11 -26.99
N LEU F 612 -8.63 -33.83 -27.18
CA LEU F 612 -7.85 -32.73 -26.60
C LEU F 612 -7.81 -32.83 -25.08
N ASP F 613 -8.93 -33.21 -24.47
CA ASP F 613 -9.01 -33.33 -23.02
C ASP F 613 -8.09 -34.43 -22.51
N ALA F 614 -8.03 -35.56 -23.22
CA ALA F 614 -7.16 -36.66 -22.81
C ALA F 614 -5.69 -36.30 -23.03
N ALA F 615 -5.41 -35.54 -24.09
CA ALA F 615 -4.05 -35.03 -24.28
C ALA F 615 -3.65 -34.09 -23.15
N ILE F 616 -4.60 -33.26 -22.69
CA ILE F 616 -4.33 -32.36 -21.57
C ILE F 616 -4.24 -33.15 -20.25
N ARG F 617 -4.92 -34.28 -20.15
CA ARG F 617 -4.77 -35.13 -18.97
C ARG F 617 -3.40 -35.79 -18.94
N GLU F 618 -2.89 -36.20 -20.10
CA GLU F 618 -1.53 -36.70 -20.18
C GLU F 618 -0.52 -35.58 -19.90
N TYR F 619 -0.84 -34.37 -20.33
CA TYR F 619 -0.03 -33.19 -20.03
C TYR F 619 0.00 -32.92 -18.53
N ASN F 620 -1.13 -33.10 -17.86
CA ASN F 620 -1.21 -32.94 -16.41
C ASN F 620 -0.45 -34.05 -15.71
N SER F 621 -0.50 -35.26 -16.28
CA SER F 621 0.17 -36.40 -15.68
C SER F 621 1.68 -36.27 -15.78
N HIS F 622 2.16 -35.60 -16.82
CA HIS F 622 3.58 -35.41 -16.95
C HIS F 622 4.08 -34.13 -16.27
N PHE F 623 3.26 -33.08 -16.24
CA PHE F 623 3.73 -31.78 -15.79
C PHE F 623 3.12 -31.29 -14.48
N LYS F 624 2.16 -32.03 -13.90
CA LYS F 624 1.52 -31.70 -12.62
C LYS F 624 0.83 -30.33 -12.68
N THR F 625 -0.14 -30.23 -13.58
CA THR F 625 -0.91 -29.00 -13.73
C THR F 625 -2.39 -29.29 -13.48
N ASN F 626 -3.17 -28.22 -13.42
CA ASN F 626 -4.52 -28.26 -12.88
C ASN F 626 -5.59 -27.81 -13.86
N PHE F 627 -5.21 -27.33 -15.04
CA PHE F 627 -6.18 -26.71 -15.94
C PHE F 627 -7.09 -27.77 -16.57
N SER F 628 -8.38 -27.65 -16.31
CA SER F 628 -9.36 -28.44 -17.04
C SER F 628 -9.71 -27.72 -18.34
N THR F 629 -10.57 -28.35 -19.12
CA THR F 629 -10.96 -27.82 -20.42
C THR F 629 -12.28 -27.08 -20.39
N ASP F 630 -12.61 -26.43 -19.28
CA ASP F 630 -13.84 -25.67 -19.17
C ASP F 630 -13.66 -24.29 -19.81
N SER F 631 -14.61 -23.40 -19.55
CA SER F 631 -14.55 -22.04 -20.07
C SER F 631 -13.55 -21.16 -19.33
N ASN F 632 -12.92 -21.66 -18.28
CA ASN F 632 -11.94 -20.89 -17.52
C ASN F 632 -10.54 -21.49 -17.64
N GLY F 633 -10.39 -22.79 -17.38
CA GLY F 633 -9.07 -23.40 -17.38
C GLY F 633 -8.47 -23.56 -18.76
N PHE F 634 -9.28 -23.50 -19.82
CA PHE F 634 -8.75 -23.66 -21.16
C PHE F 634 -8.00 -22.42 -21.61
N GLN F 635 -8.53 -21.23 -21.30
CA GLN F 635 -7.91 -20.00 -21.75
C GLN F 635 -6.59 -19.74 -21.02
N ASN F 636 -6.61 -19.90 -19.70
CA ASN F 636 -5.37 -19.77 -18.95
C ASN F 636 -4.48 -20.99 -19.15
N TYR F 637 -5.03 -22.12 -19.60
CA TYR F 637 -4.22 -23.23 -20.06
C TYR F 637 -3.43 -22.84 -21.30
N TYR F 638 -4.10 -22.16 -22.23
CA TYR F 638 -3.45 -21.62 -23.42
C TYR F 638 -2.34 -20.65 -23.05
N ARG F 639 -2.62 -19.79 -22.06
CA ARG F 639 -1.61 -18.83 -21.62
C ARG F 639 -0.43 -19.52 -20.94
N ASP F 640 -0.71 -20.57 -20.15
CA ASP F 640 0.35 -21.28 -19.45
C ASP F 640 1.21 -22.08 -20.42
N LEU F 641 0.57 -22.70 -21.43
CA LEU F 641 1.32 -23.40 -22.47
C LEU F 641 2.14 -22.42 -23.29
N ALA F 642 1.61 -21.22 -23.54
CA ALA F 642 2.34 -20.18 -24.24
C ALA F 642 3.57 -19.74 -23.46
N GLN F 643 3.44 -19.67 -22.14
CA GLN F 643 4.58 -19.25 -21.34
C GLN F 643 5.63 -20.34 -21.26
N ARG F 644 5.21 -21.60 -21.09
CA ARG F 644 6.19 -22.66 -20.96
C ARG F 644 6.60 -23.29 -22.28
N VAL F 645 6.19 -22.74 -23.41
CA VAL F 645 6.77 -23.17 -24.68
C VAL F 645 7.91 -22.22 -24.99
N LYS F 646 7.92 -21.07 -24.31
CA LYS F 646 8.90 -20.04 -24.58
C LYS F 646 10.26 -20.37 -23.98
N ASN F 647 10.29 -21.09 -22.87
CA ASN F 647 11.53 -21.34 -22.14
C ASN F 647 12.27 -22.58 -22.60
N GLN F 648 11.97 -23.08 -23.80
CA GLN F 648 12.58 -24.29 -24.38
C GLN F 648 12.41 -25.51 -23.48
N ASP F 649 11.27 -25.59 -22.81
CA ASP F 649 10.93 -26.77 -22.02
C ASP F 649 9.88 -27.61 -22.72
N ILE F 650 9.41 -27.20 -23.89
CA ILE F 650 8.56 -27.98 -24.76
C ILE F 650 9.28 -28.14 -26.09
N ASP F 651 9.47 -29.40 -26.51
CA ASP F 651 10.30 -29.66 -27.67
C ASP F 651 9.60 -29.28 -28.97
N LEU F 652 8.35 -29.72 -29.13
CA LEU F 652 7.64 -29.52 -30.38
C LEU F 652 6.20 -29.11 -30.11
N LEU F 653 5.71 -28.15 -30.88
CA LEU F 653 4.35 -27.63 -30.74
C LEU F 653 3.58 -27.87 -32.02
N ILE F 654 2.59 -28.76 -31.98
CA ILE F 654 1.67 -28.93 -33.08
C ILE F 654 0.58 -27.87 -32.98
N VAL F 655 0.27 -27.24 -34.10
CA VAL F 655 -0.55 -26.03 -34.15
C VAL F 655 -1.63 -26.21 -35.21
N VAL F 656 -2.88 -25.88 -34.85
CA VAL F 656 -3.91 -25.78 -35.86
C VAL F 656 -4.04 -24.34 -36.34
N GLY F 657 -4.39 -23.43 -35.45
CA GLY F 657 -4.63 -22.06 -35.87
C GLY F 657 -4.19 -20.97 -34.91
N MET F 658 -3.64 -21.33 -33.77
CA MET F 658 -3.19 -20.33 -32.81
C MET F 658 -1.69 -20.08 -32.99
N PHE F 659 -1.14 -19.18 -32.17
CA PHE F 659 0.29 -18.86 -32.11
C PHE F 659 0.84 -18.37 -33.45
N LEU F 660 0.04 -17.61 -34.17
CA LEU F 660 0.54 -17.23 -35.48
C LEU F 660 0.62 -15.73 -35.71
N THR F 661 -0.16 -14.94 -34.98
CA THR F 661 -0.16 -13.49 -35.20
C THR F 661 0.45 -12.75 -34.02
N GLY F 662 -0.08 -12.92 -32.82
CA GLY F 662 0.35 -12.10 -31.71
C GLY F 662 1.41 -12.70 -30.82
N PHE F 663 1.74 -13.98 -31.03
CA PHE F 663 2.70 -14.66 -30.18
C PHE F 663 4.11 -14.40 -30.66
N ASP F 664 5.02 -14.19 -29.72
CA ASP F 664 6.42 -13.99 -30.00
C ASP F 664 7.24 -15.09 -29.33
N ALA F 665 8.32 -15.50 -29.99
CA ALA F 665 9.21 -16.54 -29.47
C ALA F 665 10.63 -16.21 -29.90
N PRO F 666 11.42 -15.62 -29.00
CA PRO F 666 12.80 -15.28 -29.35
C PRO F 666 13.73 -16.48 -29.46
N THR F 667 13.28 -17.65 -29.00
CA THR F 667 14.13 -18.82 -29.01
C THR F 667 13.60 -19.89 -29.95
N LEU F 668 13.03 -19.51 -31.08
CA LEU F 668 12.38 -20.43 -32.00
C LEU F 668 12.87 -20.15 -33.42
N ASN F 669 13.63 -21.08 -33.98
CA ASN F 669 14.34 -20.84 -35.23
C ASN F 669 13.75 -21.54 -36.44
N THR F 670 12.87 -22.52 -36.24
CA THR F 670 12.56 -23.43 -37.34
C THR F 670 11.07 -23.72 -37.36
N LEU F 671 10.44 -23.50 -38.50
CA LEU F 671 9.01 -23.71 -38.65
C LEU F 671 8.75 -24.72 -39.76
N PHE F 672 7.78 -25.59 -39.51
CA PHE F 672 7.39 -26.66 -40.42
C PHE F 672 5.93 -26.50 -40.81
N VAL F 673 5.67 -26.56 -42.12
CA VAL F 673 4.36 -26.25 -42.66
C VAL F 673 3.87 -27.42 -43.51
N ASP F 674 2.62 -27.85 -43.27
CA ASP F 674 1.87 -28.68 -44.20
C ASP F 674 0.53 -27.97 -44.39
N LYS F 675 0.52 -27.00 -45.30
CA LYS F 675 -0.57 -26.05 -45.48
C LYS F 675 -0.23 -25.23 -46.71
N ASN F 676 -1.25 -24.66 -47.35
CA ASN F 676 -1.05 -23.75 -48.46
C ASN F 676 -1.51 -22.35 -48.06
N LEU F 677 -0.63 -21.37 -48.29
CA LEU F 677 -0.86 -20.02 -47.79
C LEU F 677 -0.71 -19.02 -48.93
N ARG F 678 -0.80 -17.74 -48.58
CA ARG F 678 -1.12 -16.66 -49.50
C ARG F 678 -0.23 -15.46 -49.18
N TYR F 679 -0.71 -14.26 -49.53
CA TYR F 679 0.11 -13.06 -49.62
C TYR F 679 0.84 -12.73 -48.31
N HIS F 680 0.11 -12.31 -47.28
CA HIS F 680 0.81 -11.87 -46.07
C HIS F 680 0.30 -12.46 -44.77
N GLY F 681 -0.72 -13.32 -44.79
CA GLY F 681 -0.91 -14.21 -43.66
C GLY F 681 0.26 -15.15 -43.52
N LEU F 682 0.81 -15.57 -44.66
CA LEU F 682 2.05 -16.32 -44.68
C LEU F 682 3.23 -15.50 -44.16
N MET F 683 3.20 -14.18 -44.40
CA MET F 683 4.22 -13.31 -43.80
C MET F 683 4.07 -13.25 -42.30
N GLN F 684 2.83 -13.26 -41.81
CA GLN F 684 2.59 -13.32 -40.37
C GLN F 684 3.03 -14.66 -39.79
N ALA F 685 2.94 -15.72 -40.58
CA ALA F 685 3.46 -17.00 -40.14
C ALA F 685 4.98 -16.99 -40.10
N PHE F 686 5.60 -16.36 -41.10
CA PHE F 686 7.06 -16.33 -41.16
C PHE F 686 7.64 -15.39 -40.13
N SER F 687 6.82 -14.45 -39.64
CA SER F 687 7.26 -13.58 -38.56
C SER F 687 7.43 -14.32 -37.25
N ARG F 688 6.90 -15.53 -37.14
CA ARG F 688 7.04 -16.28 -35.91
C ARG F 688 8.40 -16.94 -35.76
N THR F 689 9.39 -16.67 -36.59
CA THR F 689 10.74 -17.20 -36.36
C THR F 689 11.76 -16.08 -36.35
N ASN F 690 11.61 -15.10 -37.24
CA ASN F 690 12.70 -14.22 -37.68
C ASN F 690 13.21 -13.24 -36.62
N ARG F 691 12.70 -13.26 -35.39
CA ARG F 691 13.16 -12.29 -34.38
C ARG F 691 14.56 -12.63 -33.91
N ILE F 692 15.37 -11.60 -33.67
CA ILE F 692 16.78 -11.78 -33.38
C ILE F 692 16.97 -12.25 -31.94
N TYR F 693 17.92 -13.15 -31.75
CA TYR F 693 18.26 -13.63 -30.41
C TYR F 693 19.73 -13.40 -30.05
N ASP F 694 20.65 -13.92 -30.84
CA ASP F 694 22.09 -13.73 -30.64
C ASP F 694 22.80 -14.02 -31.96
N ALA F 695 24.11 -14.23 -31.89
CA ALA F 695 24.87 -14.50 -33.10
C ALA F 695 24.74 -15.95 -33.56
N THR F 696 24.18 -16.84 -32.74
CA THR F 696 23.95 -18.20 -33.19
C THR F 696 22.82 -18.25 -34.19
N LYS F 697 21.67 -17.71 -33.80
CA LYS F 697 20.52 -17.69 -34.69
C LYS F 697 20.75 -16.69 -35.82
N THR F 698 20.59 -17.17 -37.05
CA THR F 698 20.94 -16.34 -38.21
C THR F 698 19.76 -16.14 -39.14
N PHE F 699 18.96 -17.18 -39.37
CA PHE F 699 17.80 -17.07 -40.23
C PHE F 699 16.81 -18.16 -39.88
N GLY F 700 15.56 -17.98 -40.31
CA GLY F 700 14.52 -18.93 -40.01
C GLY F 700 14.47 -20.02 -41.06
N ASN F 701 14.57 -21.27 -40.62
CA ASN F 701 14.40 -22.43 -41.49
C ASN F 701 12.91 -22.67 -41.69
N ILE F 702 12.40 -22.30 -42.84
CA ILE F 702 11.05 -22.67 -43.23
C ILE F 702 11.11 -23.95 -44.04
N VAL F 703 10.49 -25.00 -43.51
CA VAL F 703 10.43 -26.28 -44.19
C VAL F 703 8.96 -26.57 -44.43
N THR F 704 8.54 -26.49 -45.68
CA THR F 704 7.17 -26.77 -46.07
C THR F 704 7.11 -28.14 -46.70
N PHE F 705 6.01 -28.84 -46.49
CA PHE F 705 5.77 -30.11 -47.14
C PHE F 705 4.90 -29.96 -48.37
N ARG F 706 4.46 -28.73 -48.67
CA ARG F 706 3.79 -28.43 -49.92
C ARG F 706 4.45 -27.17 -50.46
N ASP F 707 4.68 -27.13 -51.77
CA ASP F 707 5.50 -26.07 -52.35
C ASP F 707 4.74 -24.73 -52.33
N LEU F 708 5.39 -23.71 -51.78
CA LEU F 708 4.78 -22.38 -51.67
C LEU F 708 5.76 -21.25 -52.00
N GLU F 709 6.84 -21.53 -52.73
CA GLU F 709 7.86 -20.52 -52.95
C GLU F 709 7.37 -19.43 -53.90
N ARG F 710 6.46 -19.78 -54.81
CA ARG F 710 5.90 -18.78 -55.71
C ARG F 710 5.01 -17.80 -54.95
N SER F 711 4.34 -18.26 -53.89
CA SER F 711 3.58 -17.37 -53.03
C SER F 711 4.52 -16.40 -52.30
N THR F 712 5.71 -16.86 -51.95
CA THR F 712 6.71 -16.00 -51.33
C THR F 712 7.19 -14.95 -52.31
N ILE F 713 7.39 -15.36 -53.57
CA ILE F 713 7.75 -14.42 -54.63
C ILE F 713 6.64 -13.40 -54.84
N ASP F 714 5.39 -13.84 -54.74
CA ASP F 714 4.23 -12.96 -54.83
C ASP F 714 4.24 -11.92 -53.72
N ALA F 715 4.51 -12.36 -52.49
CA ALA F 715 4.52 -11.45 -51.34
C ALA F 715 5.64 -10.43 -51.44
N ILE F 716 6.80 -10.86 -51.94
CA ILE F 716 7.95 -9.96 -51.93
C ILE F 716 7.90 -9.01 -53.12
N THR F 717 7.40 -9.49 -54.27
CA THR F 717 7.16 -8.59 -55.38
C THR F 717 6.01 -7.63 -55.07
N LEU F 718 5.07 -8.07 -54.23
CA LEU F 718 4.11 -7.15 -53.63
C LEU F 718 4.82 -6.14 -52.73
N PHE F 719 5.90 -6.54 -52.07
CA PHE F 719 6.55 -5.68 -51.09
C PHE F 719 7.87 -5.10 -51.57
N GLY F 720 8.24 -5.32 -52.83
CA GLY F 720 9.48 -4.78 -53.35
C GLY F 720 9.75 -5.25 -54.76
N ASP F 721 11.01 -5.09 -55.18
CA ASP F 721 11.43 -5.44 -56.53
C ASP F 721 11.98 -6.87 -56.58
N LYS F 722 12.67 -7.21 -57.67
CA LYS F 722 13.32 -8.51 -57.76
C LYS F 722 14.62 -8.55 -56.98
N ASN F 723 15.21 -7.38 -56.71
CA ASN F 723 16.36 -7.31 -55.82
C ASN F 723 15.95 -7.61 -54.38
N THR F 724 14.67 -7.37 -54.07
CA THR F 724 14.19 -7.43 -52.70
C THR F 724 14.26 -8.85 -52.14
N LYS F 725 13.91 -9.85 -52.96
CA LYS F 725 13.91 -11.22 -52.47
C LYS F 725 15.34 -11.73 -52.26
N ASN F 726 16.29 -11.25 -53.06
CA ASN F 726 17.68 -11.62 -52.85
C ASN F 726 18.26 -10.91 -51.64
N VAL F 727 17.73 -9.72 -51.33
CA VAL F 727 18.05 -9.10 -50.05
C VAL F 727 17.46 -9.91 -48.91
N VAL F 728 16.24 -10.42 -49.06
CA VAL F 728 15.52 -11.06 -47.97
C VAL F 728 16.08 -12.45 -47.67
N LEU F 729 16.00 -13.37 -48.62
CA LEU F 729 16.03 -14.77 -48.20
C LEU F 729 17.44 -15.31 -47.99
N GLU F 730 18.15 -15.59 -49.07
CA GLU F 730 19.00 -16.76 -49.05
C GLU F 730 19.70 -16.86 -50.40
N LYS F 731 20.81 -17.58 -50.42
CA LYS F 731 21.41 -18.05 -51.65
C LYS F 731 21.44 -19.58 -51.61
N SER F 732 21.78 -20.20 -52.74
CA SER F 732 21.64 -21.65 -52.82
C SER F 732 22.79 -22.34 -52.08
N TYR F 733 22.73 -23.67 -52.08
CA TYR F 733 23.64 -24.49 -51.27
C TYR F 733 25.08 -24.35 -51.72
N THR F 734 25.34 -24.58 -53.01
CA THR F 734 26.69 -24.46 -53.55
C THR F 734 27.18 -23.01 -53.50
N GLU F 735 26.26 -22.05 -53.54
CA GLU F 735 26.63 -20.65 -53.42
C GLU F 735 27.07 -20.28 -52.01
N TYR F 736 26.90 -21.18 -51.04
CA TYR F 736 27.58 -21.04 -49.77
C TYR F 736 28.69 -22.08 -49.57
N MET F 737 28.69 -23.16 -50.36
CA MET F 737 29.77 -24.14 -50.26
C MET F 737 31.10 -23.55 -50.70
N GLU F 738 31.17 -23.13 -51.96
CA GLU F 738 32.32 -22.41 -52.47
C GLU F 738 32.17 -20.92 -52.33
N GLY F 739 31.21 -20.47 -51.53
CA GLY F 739 30.96 -19.07 -51.34
C GLY F 739 30.44 -18.42 -52.61
N PHE F 740 30.60 -17.11 -52.66
CA PHE F 740 30.11 -16.29 -53.76
C PHE F 740 30.81 -14.94 -53.68
N THR F 741 30.69 -14.15 -54.73
CA THR F 741 30.94 -12.72 -54.67
C THR F 741 29.58 -12.04 -54.81
N ASP F 742 29.23 -11.23 -53.82
CA ASP F 742 27.95 -10.53 -53.82
C ASP F 742 27.89 -9.56 -54.99
N ALA F 743 26.78 -9.64 -55.75
CA ALA F 743 26.65 -8.83 -56.95
C ALA F 743 26.50 -7.35 -56.64
N ALA F 744 26.03 -7.02 -55.44
CA ALA F 744 25.86 -5.62 -55.06
C ALA F 744 27.17 -5.02 -54.57
N THR F 745 27.73 -5.57 -53.50
CA THR F 745 28.86 -4.95 -52.83
C THR F 745 30.22 -5.50 -53.24
N GLY F 746 30.26 -6.65 -53.94
CA GLY F 746 31.53 -7.19 -54.38
C GLY F 746 32.40 -7.75 -53.27
N GLU F 747 31.79 -8.27 -52.21
CA GLU F 747 32.55 -8.83 -51.10
C GLU F 747 33.03 -10.23 -51.44
N ALA F 748 34.13 -10.63 -50.78
CA ALA F 748 34.76 -11.93 -51.05
C ALA F 748 34.32 -12.92 -50.00
N LYS F 749 33.09 -13.42 -50.14
CA LYS F 749 32.64 -14.56 -49.33
C LYS F 749 33.33 -15.78 -49.92
N ARG F 750 34.44 -16.17 -49.29
CA ARG F 750 35.40 -17.07 -49.93
C ARG F 750 34.85 -18.48 -50.09
N GLY F 751 34.25 -19.03 -49.03
CA GLY F 751 33.64 -20.33 -49.16
C GLY F 751 34.23 -21.36 -48.24
N PHE F 752 33.45 -22.40 -47.96
CA PHE F 752 33.80 -23.43 -46.97
C PHE F 752 35.06 -24.18 -47.35
N MET F 753 35.02 -24.89 -48.48
CA MET F 753 36.19 -25.64 -48.95
C MET F 753 37.34 -24.72 -49.32
N THR F 754 37.02 -23.49 -49.74
CA THR F 754 38.04 -22.49 -50.04
C THR F 754 38.87 -22.16 -48.81
N VAL F 755 38.18 -21.79 -47.72
CA VAL F 755 38.85 -21.46 -46.46
C VAL F 755 39.52 -22.69 -45.85
N VAL F 756 38.95 -23.88 -46.08
CA VAL F 756 39.59 -25.14 -45.66
C VAL F 756 40.95 -25.31 -46.34
N SER F 757 40.98 -25.13 -47.66
CA SER F 757 42.25 -25.22 -48.38
C SER F 757 43.21 -24.11 -47.97
N GLU F 758 42.67 -22.93 -47.63
CA GLU F 758 43.50 -21.83 -47.16
C GLU F 758 44.19 -22.16 -45.84
N LEU F 759 43.44 -22.70 -44.88
CA LEU F 759 44.03 -23.00 -43.57
C LEU F 759 44.93 -24.23 -43.65
N GLU F 760 44.68 -25.13 -44.60
CA GLU F 760 45.59 -26.26 -44.76
C GLU F 760 46.91 -25.83 -45.38
N GLN F 761 46.84 -25.04 -46.46
CA GLN F 761 48.06 -24.73 -47.21
C GLN F 761 48.87 -23.64 -46.53
N ARG F 762 48.20 -22.60 -46.02
CA ARG F 762 48.92 -21.44 -45.50
C ARG F 762 49.59 -21.74 -44.18
N PHE F 763 48.90 -22.47 -43.31
CA PHE F 763 49.42 -22.70 -41.97
C PHE F 763 49.94 -24.12 -41.85
N PRO F 764 51.23 -24.33 -41.58
CA PRO F 764 51.74 -25.68 -41.31
C PRO F 764 51.31 -26.17 -39.94
N ASP F 765 50.10 -26.69 -39.87
CA ASP F 765 49.32 -27.03 -38.70
C ASP F 765 49.99 -28.08 -37.82
N PRO F 766 49.65 -28.20 -36.52
CA PRO F 766 48.71 -27.42 -35.71
C PRO F 766 49.20 -26.15 -35.02
N THR F 767 50.41 -26.14 -34.48
CA THR F 767 50.86 -25.09 -33.56
C THR F 767 52.22 -24.55 -33.96
N SER F 768 52.42 -24.33 -35.26
CA SER F 768 53.66 -23.75 -35.75
C SER F 768 53.53 -22.26 -36.03
N ILE F 769 52.72 -21.55 -35.26
CA ILE F 769 52.49 -20.13 -35.44
C ILE F 769 52.98 -19.42 -34.19
N GLU F 770 54.02 -18.60 -34.35
CA GLU F 770 54.65 -17.96 -33.21
C GLU F 770 54.76 -16.46 -33.41
N SER F 771 54.76 -16.01 -34.67
CA SER F 771 54.69 -14.59 -34.94
C SER F 771 53.29 -14.08 -34.64
N GLU F 772 53.21 -12.93 -33.95
CA GLU F 772 51.96 -12.48 -33.37
C GLU F 772 50.97 -12.01 -34.43
N LYS F 773 51.47 -11.43 -35.52
CA LYS F 773 50.57 -11.00 -36.59
C LYS F 773 49.95 -12.21 -37.29
N GLU F 774 50.71 -13.29 -37.43
CA GLU F 774 50.12 -14.50 -38.00
C GLU F 774 49.28 -15.25 -37.00
N LYS F 775 49.53 -15.08 -35.70
CA LYS F 775 48.56 -15.52 -34.69
C LYS F 775 47.22 -14.84 -34.90
N LYS F 776 47.26 -13.51 -35.07
CA LYS F 776 46.04 -12.73 -35.27
C LYS F 776 45.34 -13.10 -36.58
N ASP F 777 46.11 -13.32 -37.64
CA ASP F 777 45.53 -13.69 -38.92
C ASP F 777 44.94 -15.10 -38.88
N PHE F 778 45.59 -16.00 -38.14
CA PHE F 778 45.05 -17.35 -37.95
C PHE F 778 43.75 -17.30 -37.17
N VAL F 779 43.69 -16.44 -36.16
CA VAL F 779 42.45 -16.23 -35.39
C VAL F 779 41.34 -15.72 -36.29
N LYS F 780 41.68 -14.76 -37.16
CA LYS F 780 40.70 -14.18 -38.08
C LYS F 780 40.17 -15.23 -39.06
N LEU F 781 41.09 -16.06 -39.59
CA LEU F 781 40.70 -17.09 -40.54
C LEU F 781 39.84 -18.16 -39.89
N PHE F 782 40.21 -18.59 -38.68
CA PHE F 782 39.45 -19.61 -37.97
C PHE F 782 38.08 -19.10 -37.55
N GLY F 783 38.00 -17.81 -37.20
CA GLY F 783 36.72 -17.22 -36.86
C GLY F 783 35.79 -17.12 -38.04
N GLU F 784 36.33 -16.74 -39.20
CA GLU F 784 35.55 -16.73 -40.44
C GLU F 784 35.11 -18.14 -40.80
N TYR F 785 35.96 -19.14 -40.52
CA TYR F 785 35.62 -20.53 -40.77
C TYR F 785 34.44 -20.98 -39.94
N LEU F 786 34.47 -20.69 -38.63
CA LEU F 786 33.36 -21.10 -37.78
C LEU F 786 32.09 -20.30 -38.07
N ARG F 787 32.23 -19.06 -38.53
CA ARG F 787 31.07 -18.30 -38.95
C ARG F 787 30.39 -18.95 -40.14
N ALA F 788 31.17 -19.32 -41.16
CA ALA F 788 30.63 -20.03 -42.30
C ALA F 788 30.11 -21.41 -41.92
N GLU F 789 30.73 -22.03 -40.92
CA GLU F 789 30.27 -23.31 -40.40
C GLU F 789 28.87 -23.21 -39.83
N ASN F 790 28.65 -22.23 -38.95
CA ASN F 790 27.35 -22.04 -38.31
C ASN F 790 26.30 -21.64 -39.34
N ILE F 791 26.70 -20.92 -40.39
CA ILE F 791 25.76 -20.64 -41.47
C ILE F 791 25.38 -21.92 -42.20
N LEU F 792 26.35 -22.81 -42.43
CA LEU F 792 26.06 -24.03 -43.16
C LEU F 792 25.31 -25.06 -42.33
N GLN F 793 25.29 -24.90 -41.00
CA GLN F 793 24.73 -25.92 -40.10
C GLN F 793 23.25 -26.19 -40.35
N ASN F 794 22.52 -25.26 -40.95
CA ASN F 794 21.10 -25.42 -41.18
C ASN F 794 20.79 -26.03 -42.55
N TYR F 795 21.77 -26.64 -43.20
CA TYR F 795 21.60 -27.10 -44.57
C TYR F 795 21.61 -28.62 -44.56
N ASP F 796 20.66 -29.22 -45.29
CA ASP F 796 20.44 -30.66 -45.20
C ASP F 796 21.53 -31.44 -45.90
N GLU F 797 21.99 -30.96 -47.05
CA GLU F 797 23.06 -31.63 -47.76
C GLU F 797 24.37 -31.52 -47.00
N PHE F 798 24.56 -30.40 -46.30
CA PHE F 798 25.76 -30.25 -45.49
C PHE F 798 25.72 -31.16 -44.27
N ALA F 799 24.51 -31.38 -43.73
CA ALA F 799 24.36 -32.33 -42.62
C ALA F 799 24.61 -33.75 -43.10
N THR F 800 24.14 -34.08 -44.30
CA THR F 800 24.38 -35.39 -44.87
C THR F 800 25.86 -35.58 -45.15
N LEU F 801 26.54 -34.52 -45.59
CA LEU F 801 27.96 -34.61 -45.87
C LEU F 801 28.78 -34.77 -44.61
N LYS F 802 28.38 -34.09 -43.52
CA LYS F 802 29.05 -34.26 -42.25
C LYS F 802 28.81 -35.65 -41.68
N ALA F 803 27.59 -36.17 -41.86
CA ALA F 803 27.29 -37.49 -41.33
C ALA F 803 27.84 -38.60 -42.24
N LEU F 804 28.31 -38.24 -43.44
CA LEU F 804 29.01 -39.18 -44.29
C LEU F 804 30.39 -39.56 -43.71
N GLN F 805 30.88 -38.80 -42.73
CA GLN F 805 32.17 -39.10 -42.10
C GLN F 805 32.12 -40.31 -41.15
N GLN F 806 31.04 -41.08 -41.16
CA GLN F 806 30.91 -42.30 -40.37
C GLN F 806 30.71 -43.48 -41.29
N ILE F 807 31.60 -43.60 -42.30
CA ILE F 807 31.50 -44.64 -43.34
C ILE F 807 31.54 -46.04 -42.75
N ASP F 808 30.92 -46.97 -43.46
CA ASP F 808 31.02 -48.40 -43.18
C ASP F 808 31.59 -49.07 -44.41
N LEU F 809 32.51 -50.01 -44.20
CA LEU F 809 33.07 -50.82 -45.28
C LEU F 809 32.95 -52.29 -44.86
N SER F 810 31.96 -52.99 -45.43
CA SER F 810 30.95 -52.41 -46.31
C SER F 810 29.70 -52.06 -45.52
N ASP F 811 29.15 -53.10 -44.90
CA ASP F 811 27.86 -53.05 -44.20
C ASP F 811 26.78 -52.41 -45.07
N PRO F 812 26.36 -53.04 -46.16
CA PRO F 812 25.58 -52.33 -47.18
C PRO F 812 24.17 -52.02 -46.73
N VAL F 813 23.64 -52.82 -45.80
CA VAL F 813 22.30 -52.56 -45.26
C VAL F 813 22.28 -51.25 -44.49
N ALA F 814 23.29 -51.04 -43.64
CA ALA F 814 23.35 -49.82 -42.85
C ALA F 814 23.64 -48.60 -43.73
N VAL F 815 24.48 -48.77 -44.74
CA VAL F 815 24.82 -47.66 -45.63
C VAL F 815 23.62 -47.27 -46.47
N GLU F 816 22.91 -48.26 -47.01
CA GLU F 816 21.72 -47.97 -47.80
C GLU F 816 20.58 -47.44 -46.94
N LYS F 817 20.48 -47.90 -45.68
CA LYS F 817 19.48 -47.36 -44.78
C LYS F 817 19.80 -45.93 -44.40
N PHE F 818 21.09 -45.60 -44.26
CA PHE F 818 21.52 -44.23 -44.03
C PHE F 818 21.18 -43.34 -45.22
N LYS F 819 21.45 -43.84 -46.43
CA LYS F 819 21.15 -43.09 -47.64
C LYS F 819 19.64 -42.96 -47.84
N ALA F 820 18.87 -43.92 -47.32
CA ALA F 820 17.42 -43.82 -47.38
C ALA F 820 16.90 -42.84 -46.35
N GLU F 821 17.58 -42.71 -45.22
CA GLU F 821 17.26 -41.66 -44.25
C GLU F 821 17.49 -40.29 -44.86
N HIS F 822 18.60 -40.11 -45.54
CA HIS F 822 18.91 -38.82 -46.12
C HIS F 822 18.51 -38.72 -47.59
N TYR F 823 17.81 -39.73 -48.11
CA TYR F 823 17.18 -39.72 -49.45
C TYR F 823 18.23 -39.52 -50.53
N VAL F 824 19.32 -40.29 -50.43
CA VAL F 824 20.49 -40.13 -51.26
C VAL F 824 20.57 -41.26 -52.28
N ASP F 825 20.36 -40.92 -53.56
CA ASP F 825 20.65 -41.87 -54.62
C ASP F 825 22.15 -42.06 -54.76
N ASP F 826 22.55 -43.20 -55.34
CA ASP F 826 23.97 -43.50 -55.48
C ASP F 826 24.65 -42.62 -56.52
N GLU F 827 23.87 -42.03 -57.43
CA GLU F 827 24.35 -41.05 -58.40
C GLU F 827 24.98 -39.85 -57.72
N LYS F 828 24.21 -39.18 -56.84
CA LYS F 828 24.77 -38.09 -56.06
C LYS F 828 25.78 -38.59 -55.04
N PHE F 829 25.58 -39.82 -54.53
CA PHE F 829 26.48 -40.37 -53.52
C PHE F 829 27.88 -40.63 -54.07
N ALA F 830 28.00 -40.78 -55.40
CA ALA F 830 29.32 -40.84 -56.03
C ALA F 830 30.10 -39.56 -55.79
N GLU F 831 29.48 -38.41 -56.07
CA GLU F 831 30.16 -37.13 -55.83
C GLU F 831 30.29 -36.85 -54.33
N LEU F 832 29.34 -37.31 -53.53
CA LEU F 832 29.42 -37.11 -52.09
C LEU F 832 30.58 -37.90 -51.49
N GLN F 833 30.84 -39.09 -52.03
CA GLN F 833 32.04 -39.82 -51.67
C GLN F 833 33.28 -39.14 -52.25
N THR F 834 33.13 -38.46 -53.39
CA THR F 834 34.25 -37.78 -54.02
C THR F 834 34.65 -36.55 -53.24
N ILE F 835 33.67 -35.73 -52.83
CA ILE F 835 33.96 -34.52 -52.10
C ILE F 835 34.42 -34.87 -50.68
N ARG F 836 35.57 -34.34 -50.31
CA ARG F 836 36.25 -34.69 -49.07
C ARG F 836 36.22 -33.54 -48.08
N LEU F 837 35.96 -33.86 -46.82
CA LEU F 837 35.92 -32.91 -45.72
C LEU F 837 37.25 -32.90 -44.98
N PRO F 838 37.59 -31.80 -44.30
CA PRO F 838 38.79 -31.80 -43.44
C PRO F 838 38.67 -32.73 -42.24
N ALA F 839 39.80 -33.10 -41.67
CA ALA F 839 39.84 -34.09 -40.60
C ALA F 839 39.38 -33.48 -39.28
N ASP F 840 38.58 -34.25 -38.53
CA ASP F 840 37.95 -33.70 -37.33
C ASP F 840 38.95 -33.53 -36.20
N ARG F 841 39.97 -34.40 -36.14
CA ARG F 841 41.02 -34.25 -35.13
C ARG F 841 41.82 -32.98 -35.37
N LYS F 842 42.02 -32.61 -36.64
CA LYS F 842 42.62 -31.32 -36.97
C LYS F 842 41.77 -30.17 -36.45
N ILE F 843 40.45 -30.28 -36.58
CA ILE F 843 39.54 -29.24 -36.10
C ILE F 843 39.56 -29.15 -34.59
N GLN F 844 39.68 -30.29 -33.91
CA GLN F 844 39.92 -30.31 -32.47
C GLN F 844 41.18 -29.54 -32.11
N ASP F 845 42.24 -29.77 -32.89
CA ASP F 845 43.51 -29.07 -32.67
C ASP F 845 43.37 -27.58 -32.92
N TYR F 846 42.61 -27.20 -33.95
CA TYR F 846 42.43 -25.78 -34.26
C TYR F 846 41.63 -25.08 -33.18
N ARG F 847 40.56 -25.72 -32.70
CA ARG F 847 39.73 -25.11 -31.67
C ARG F 847 40.49 -25.01 -30.36
N SER F 848 41.31 -26.01 -30.06
CA SER F 848 42.17 -25.95 -28.88
C SER F 848 43.19 -24.83 -29.01
N ALA F 849 43.73 -24.63 -30.22
CA ALA F 849 44.69 -23.56 -30.44
C ALA F 849 44.03 -22.20 -30.31
N TYR F 850 42.79 -22.07 -30.79
CA TYR F 850 42.06 -20.81 -30.65
C TYR F 850 41.75 -20.52 -29.20
N ASN F 851 41.41 -21.57 -28.44
CA ASN F 851 41.16 -21.41 -27.01
C ASN F 851 42.44 -21.02 -26.27
N ASP F 852 43.58 -21.56 -26.72
CA ASP F 852 44.86 -21.21 -26.11
C ASP F 852 45.24 -19.77 -26.40
N ILE F 853 44.98 -19.30 -27.62
CA ILE F 853 45.26 -17.90 -27.97
C ILE F 853 44.37 -16.96 -27.18
N ARG F 854 43.09 -17.35 -27.02
CA ARG F 854 42.16 -16.56 -26.22
C ARG F 854 42.59 -16.51 -24.76
N ASP F 855 43.09 -17.62 -24.23
CA ASP F 855 43.55 -17.64 -22.85
C ASP F 855 44.86 -16.88 -22.68
N TRP F 856 45.68 -16.85 -23.73
CA TRP F 856 46.92 -16.10 -23.68
C TRP F 856 46.66 -14.60 -23.72
N GLN F 857 45.63 -14.19 -24.44
CA GLN F 857 45.17 -12.81 -24.39
C GLN F 857 44.13 -12.56 -23.31
N ARG F 858 43.87 -13.55 -22.47
CA ARG F 858 43.08 -13.39 -21.26
C ARG F 858 43.95 -12.98 -20.07
N ARG F 859 45.27 -13.12 -20.20
CA ARG F 859 46.17 -12.77 -19.11
C ARG F 859 46.34 -11.26 -18.95
N GLU F 860 46.87 -10.59 -19.98
CA GLU F 860 47.28 -9.18 -19.88
C GLU F 860 46.71 -8.33 -21.04
N LYS F 861 45.38 -8.27 -21.19
CA LYS F 861 44.37 -8.55 -20.18
C LYS F 861 43.53 -9.74 -20.59
N ASP F 872 50.07 -5.34 -30.94
CA ASP F 872 48.85 -5.27 -31.73
C ASP F 872 47.88 -6.37 -31.31
N TRP F 873 47.21 -6.15 -30.18
CA TRP F 873 46.25 -7.12 -29.67
C TRP F 873 44.93 -6.52 -29.21
N ASP F 874 44.80 -5.21 -29.12
CA ASP F 874 43.51 -4.60 -28.82
C ASP F 874 42.75 -4.27 -30.09
N ASP F 875 42.64 -5.27 -30.96
CA ASP F 875 41.96 -5.16 -32.24
C ASP F 875 41.23 -6.44 -32.62
N VAL F 876 41.51 -7.55 -31.96
CA VAL F 876 41.21 -8.88 -32.47
C VAL F 876 39.74 -9.22 -32.23
N VAL F 877 39.08 -9.72 -33.28
CA VAL F 877 37.69 -10.15 -33.25
C VAL F 877 37.61 -11.51 -32.59
N PHE F 878 36.73 -11.65 -31.60
CA PHE F 878 36.56 -12.90 -30.87
C PHE F 878 35.20 -13.49 -31.20
N GLU F 879 35.18 -14.79 -31.46
CA GLU F 879 33.93 -15.50 -31.71
C GLU F 879 33.50 -16.22 -30.43
N VAL F 880 33.03 -15.43 -29.47
CA VAL F 880 32.74 -15.91 -28.12
C VAL F 880 31.52 -16.82 -28.12
N ASP F 881 30.57 -16.54 -29.01
CA ASP F 881 29.25 -17.16 -28.93
C ASP F 881 29.31 -18.64 -29.31
N LEU F 882 30.08 -18.97 -30.34
CA LEU F 882 30.14 -20.36 -30.76
C LEU F 882 31.17 -21.13 -29.96
N LEU F 883 32.02 -20.44 -29.23
CA LEU F 883 32.75 -21.09 -28.14
C LEU F 883 31.80 -21.46 -27.02
N LYS F 884 30.86 -20.55 -26.70
CA LYS F 884 29.83 -20.85 -25.72
C LYS F 884 28.89 -21.93 -26.24
N SER F 885 28.68 -21.97 -27.55
CA SER F 885 28.00 -23.09 -28.16
C SER F 885 28.94 -24.29 -28.27
N GLN F 886 28.35 -25.44 -28.62
CA GLN F 886 29.04 -26.72 -28.83
C GLN F 886 29.82 -27.14 -27.59
N GLU F 887 29.06 -27.37 -26.53
CA GLU F 887 29.60 -27.74 -25.23
C GLU F 887 29.40 -29.23 -24.98
N ILE F 888 30.30 -29.83 -24.22
CA ILE F 888 30.16 -31.21 -23.76
C ILE F 888 30.26 -31.21 -22.25
N ASN F 889 29.17 -31.55 -21.58
CA ASN F 889 29.05 -31.43 -20.13
C ASN F 889 29.41 -32.72 -19.40
N LEU F 890 30.57 -33.29 -19.76
CA LEU F 890 31.22 -34.45 -19.12
C LEU F 890 30.45 -35.76 -19.26
N ASP F 891 29.23 -35.71 -19.80
CA ASP F 891 28.43 -36.90 -19.91
C ASP F 891 28.81 -37.68 -21.16
N TYR F 892 28.98 -36.97 -22.27
CA TYR F 892 29.49 -37.58 -23.49
C TYR F 892 30.95 -37.97 -23.33
N ILE F 893 31.68 -37.25 -22.48
CA ILE F 893 33.08 -37.59 -22.18
C ILE F 893 33.16 -38.92 -21.46
N LEU F 894 32.40 -39.07 -20.37
CA LEU F 894 32.40 -40.33 -19.64
C LEU F 894 31.74 -41.44 -20.43
N GLY F 895 30.82 -41.10 -21.34
CA GLY F 895 30.24 -42.10 -22.22
C GLY F 895 31.25 -42.65 -23.20
N LEU F 896 32.10 -41.77 -23.76
CA LEU F 896 33.20 -42.22 -24.60
C LEU F 896 34.20 -43.02 -23.80
N ILE F 897 34.46 -42.61 -22.55
CA ILE F 897 35.45 -43.29 -21.71
C ILE F 897 34.95 -44.69 -21.34
N PHE F 898 33.64 -44.83 -21.13
CA PHE F 898 33.06 -46.16 -20.91
C PHE F 898 33.10 -46.97 -22.19
N GLU F 899 32.85 -46.31 -23.33
CA GLU F 899 32.97 -46.99 -24.62
C GLU F 899 34.42 -47.19 -25.02
N HIS F 900 35.36 -46.52 -24.34
CA HIS F 900 36.77 -46.65 -24.65
C HIS F 900 37.31 -47.99 -24.18
N ASN F 901 37.14 -49.02 -24.99
CA ASN F 901 37.60 -50.36 -24.68
C ASN F 901 39.08 -50.52 -25.01
N ARG F 902 39.83 -51.13 -24.10
CA ARG F 902 39.33 -51.63 -22.81
C ARG F 902 39.97 -50.85 -21.66
N GLY F 908 43.20 -54.17 -25.46
CA GLY F 908 42.86 -53.04 -26.28
C GLY F 908 43.58 -51.77 -25.87
N GLU F 909 43.09 -50.64 -26.35
CA GLU F 909 43.68 -49.34 -25.99
C GLU F 909 43.34 -49.01 -24.55
N MET F 910 44.35 -48.64 -23.75
CA MET F 910 44.13 -48.26 -22.37
C MET F 910 44.90 -47.02 -21.92
N ILE F 911 45.93 -46.61 -22.65
CA ILE F 911 46.79 -45.51 -22.23
C ILE F 911 46.57 -44.27 -23.10
N GLU F 912 46.52 -44.45 -24.41
CA GLU F 912 46.31 -43.35 -25.34
C GLU F 912 44.87 -42.86 -25.36
N GLU F 913 43.96 -43.55 -24.68
CA GLU F 913 42.60 -43.04 -24.52
C GLU F 913 42.60 -41.85 -23.57
N VAL F 914 43.52 -41.85 -22.61
CA VAL F 914 43.76 -40.65 -21.80
C VAL F 914 44.27 -39.51 -22.67
N LYS F 915 45.06 -39.84 -23.70
CA LYS F 915 45.51 -38.83 -24.64
C LYS F 915 44.37 -38.33 -25.53
N ARG F 916 43.41 -39.20 -25.85
CA ARG F 916 42.24 -38.75 -26.60
C ARG F 916 41.38 -37.84 -25.75
N LEU F 917 41.28 -38.13 -24.45
CA LEU F 917 40.52 -37.27 -23.56
C LEU F 917 41.24 -35.95 -23.32
N ILE F 918 42.58 -35.94 -23.40
CA ILE F 918 43.28 -34.67 -23.24
C ILE F 918 43.29 -33.92 -24.56
N ARG F 919 43.02 -34.60 -25.67
CA ARG F 919 42.69 -33.90 -26.91
C ARG F 919 41.36 -33.19 -26.80
N SER F 920 40.34 -33.91 -26.32
CA SER F 920 38.99 -33.36 -26.27
C SER F 920 38.83 -32.30 -25.19
N SER F 921 39.80 -32.18 -24.28
CA SER F 921 39.70 -31.25 -23.17
C SER F 921 39.88 -29.80 -23.63
N LEU F 922 38.77 -29.08 -23.78
CA LEU F 922 38.71 -27.67 -24.15
C LEU F 922 37.30 -27.17 -23.89
N GLY F 923 37.17 -25.86 -23.77
CA GLY F 923 35.89 -25.24 -23.48
C GLY F 923 35.65 -25.13 -21.99
N ASN F 924 35.67 -26.27 -21.31
CA ASN F 924 35.61 -26.36 -19.85
C ASN F 924 36.84 -27.09 -19.35
N ARG F 925 37.99 -26.64 -19.86
CA ARG F 925 39.27 -27.31 -19.67
C ARG F 925 39.82 -27.15 -18.25
N ALA F 926 39.26 -26.22 -17.46
CA ALA F 926 39.78 -25.96 -16.13
C ALA F 926 39.50 -27.08 -15.15
N LYS F 927 38.56 -27.98 -15.48
CA LYS F 927 38.37 -29.22 -14.74
C LYS F 927 39.23 -30.35 -15.29
N GLU F 928 40.37 -30.02 -15.88
CA GLU F 928 41.18 -30.95 -16.65
C GLU F 928 41.76 -32.11 -15.83
N GLY F 929 42.72 -31.78 -14.96
CA GLY F 929 43.66 -32.79 -14.49
C GLY F 929 43.03 -33.80 -13.55
N LEU F 930 42.06 -33.34 -12.75
CA LEU F 930 41.38 -34.23 -11.82
C LEU F 930 40.56 -35.28 -12.55
N VAL F 931 40.09 -34.99 -13.76
CA VAL F 931 39.45 -36.02 -14.58
C VAL F 931 40.48 -37.11 -14.90
N VAL F 932 41.69 -36.69 -15.24
CA VAL F 932 42.82 -37.61 -15.38
C VAL F 932 43.07 -38.32 -14.07
N ASP F 933 42.90 -37.61 -12.95
CA ASP F 933 43.13 -38.22 -11.65
C ASP F 933 42.01 -39.20 -11.29
N PHE F 934 40.90 -39.17 -12.02
CA PHE F 934 39.91 -40.22 -11.84
C PHE F 934 40.32 -41.48 -12.58
N ILE F 935 41.04 -41.35 -13.69
CA ILE F 935 41.33 -42.48 -14.55
C ILE F 935 42.78 -42.94 -14.42
N GLN F 936 43.68 -42.07 -13.96
CA GLN F 936 45.03 -42.53 -13.69
C GLN F 936 45.13 -43.24 -12.35
N GLN F 937 44.15 -43.04 -11.48
CA GLN F 937 44.14 -43.67 -10.15
C GLN F 937 43.28 -44.91 -10.11
N THR F 938 42.03 -44.83 -10.57
CA THR F 938 41.12 -45.97 -10.49
C THR F 938 41.30 -46.86 -11.71
N ASN F 939 40.37 -47.80 -11.89
CA ASN F 939 40.45 -48.77 -12.98
C ASN F 939 39.11 -48.81 -13.71
N LEU F 940 39.17 -48.89 -15.03
CA LEU F 940 37.95 -49.02 -15.83
C LEU F 940 37.35 -50.42 -15.70
N ASP F 941 38.15 -51.39 -15.26
CA ASP F 941 37.62 -52.72 -14.98
C ASP F 941 36.74 -52.70 -13.74
N ASP F 942 36.97 -51.75 -12.83
CA ASP F 942 36.15 -51.65 -11.64
C ASP F 942 34.77 -51.08 -11.97
N LEU F 943 34.66 -50.34 -13.06
CA LEU F 943 33.40 -49.71 -13.44
C LEU F 943 32.71 -50.48 -14.57
N PRO F 944 31.54 -51.09 -14.31
CA PRO F 944 30.87 -51.87 -15.35
C PRO F 944 30.30 -51.08 -16.53
N ASP F 945 29.50 -50.05 -16.29
CA ASP F 945 28.79 -49.38 -17.38
C ASP F 945 28.91 -47.88 -17.21
N LYS F 946 28.07 -47.16 -17.95
CA LYS F 946 28.12 -45.71 -18.00
C LYS F 946 27.75 -45.08 -16.66
N ALA F 947 26.61 -45.49 -16.09
CA ALA F 947 26.11 -44.85 -14.87
C ALA F 947 26.99 -45.13 -13.66
N SER F 948 27.57 -46.34 -13.61
CA SER F 948 28.49 -46.69 -12.53
C SER F 948 29.74 -45.82 -12.56
N ILE F 949 30.30 -45.60 -13.74
CA ILE F 949 31.48 -44.75 -13.80
C ILE F 949 31.08 -43.27 -13.61
N ILE F 950 29.83 -42.93 -13.90
CA ILE F 950 29.37 -41.56 -13.73
C ILE F 950 29.25 -41.21 -12.25
N ASP F 951 28.56 -42.04 -11.47
CA ASP F 951 28.46 -41.69 -10.06
C ASP F 951 29.72 -42.07 -9.29
N ALA F 952 30.58 -42.95 -9.83
CA ALA F 952 31.90 -43.12 -9.27
C ALA F 952 32.74 -41.85 -9.47
N PHE F 953 32.58 -41.20 -10.62
CA PHE F 953 33.24 -39.92 -10.84
C PHE F 953 32.71 -38.86 -9.90
N PHE F 954 31.40 -38.85 -9.66
CA PHE F 954 30.83 -37.88 -8.70
C PHE F 954 31.36 -38.10 -7.30
N THR F 955 31.42 -39.38 -6.87
CA THR F 955 31.93 -39.71 -5.55
C THR F 955 33.40 -39.32 -5.40
N PHE F 956 34.21 -39.66 -6.39
CA PHE F 956 35.63 -39.34 -6.35
C PHE F 956 35.86 -37.84 -6.41
N ALA F 957 35.03 -37.12 -7.16
CA ALA F 957 35.16 -35.67 -7.26
C ALA F 957 34.82 -35.02 -5.93
N GLN F 958 33.78 -35.49 -5.25
CA GLN F 958 33.43 -34.95 -3.94
C GLN F 958 34.51 -35.24 -2.92
N ARG F 959 35.10 -36.44 -2.99
CA ARG F 959 36.15 -36.81 -2.05
C ARG F 959 37.41 -35.96 -2.25
N GLU F 960 37.83 -35.79 -3.52
CA GLU F 960 39.00 -34.97 -3.81
C GLU F 960 38.73 -33.51 -3.50
N GLN F 961 37.49 -33.06 -3.69
CA GLN F 961 37.15 -31.68 -3.43
C GLN F 961 37.22 -31.38 -1.94
N GLN F 962 36.70 -32.29 -1.11
CA GLN F 962 36.81 -32.14 0.33
C GLN F 962 38.26 -32.19 0.79
N ARG F 963 39.04 -33.12 0.21
CA ARG F 963 40.44 -33.27 0.63
C ARG F 963 41.28 -32.06 0.24
N GLU F 964 41.00 -31.45 -0.91
CA GLU F 964 41.75 -30.26 -1.29
C GLU F 964 41.25 -29.03 -0.56
N ALA F 965 39.96 -29.02 -0.18
CA ALA F 965 39.44 -27.94 0.65
C ALA F 965 40.07 -27.94 2.03
N GLU F 966 40.43 -29.13 2.53
CA GLU F 966 41.19 -29.23 3.78
C GLU F 966 42.52 -28.51 3.67
N ALA F 967 43.22 -28.68 2.54
CA ALA F 967 44.48 -27.98 2.33
C ALA F 967 44.26 -26.49 2.14
N LEU F 968 43.14 -26.11 1.53
CA LEU F 968 42.79 -24.69 1.42
C LEU F 968 42.58 -24.07 2.78
N ILE F 969 42.01 -24.83 3.72
CA ILE F 969 41.89 -24.35 5.09
C ILE F 969 43.28 -24.24 5.73
N LYS F 970 44.09 -25.29 5.57
CA LYS F 970 45.34 -25.39 6.30
C LYS F 970 46.40 -24.40 5.84
N GLU F 971 46.34 -23.96 4.57
CA GLU F 971 47.47 -23.29 3.95
C GLU F 971 47.77 -21.92 4.55
N GLU F 972 46.74 -21.12 4.80
CA GLU F 972 46.96 -19.72 5.19
C GLU F 972 46.01 -19.30 6.31
N ASN F 973 45.83 -20.18 7.29
CA ASN F 973 45.12 -19.91 8.55
C ASN F 973 43.67 -19.50 8.30
N LEU F 974 42.90 -20.44 7.76
CA LEU F 974 41.52 -20.16 7.40
C LEU F 974 40.60 -20.64 8.52
N ASN F 975 39.72 -19.74 8.98
CA ASN F 975 38.77 -20.09 10.01
C ASN F 975 37.74 -21.06 9.45
N GLU F 976 37.67 -22.25 10.06
CA GLU F 976 37.14 -23.44 9.40
C GLU F 976 35.65 -23.32 9.08
N ASP F 977 34.85 -22.95 10.08
CA ASP F 977 33.41 -22.84 9.89
C ASP F 977 33.06 -21.70 8.95
N ALA F 978 33.71 -20.55 9.13
CA ALA F 978 33.42 -19.39 8.31
C ALA F 978 33.84 -19.61 6.86
N ALA F 979 35.02 -20.19 6.65
CA ALA F 979 35.49 -20.40 5.29
C ALA F 979 34.71 -21.52 4.61
N LYS F 980 34.34 -22.57 5.36
CA LYS F 980 33.52 -23.64 4.80
C LYS F 980 32.15 -23.12 4.41
N ARG F 981 31.57 -22.26 5.26
CA ARG F 981 30.32 -21.58 4.96
C ARG F 981 30.45 -20.73 3.70
N TYR F 982 31.56 -19.99 3.56
CA TYR F 982 31.76 -19.13 2.42
C TYR F 982 31.91 -19.93 1.14
N ILE F 983 32.66 -21.02 1.17
CA ILE F 983 32.91 -21.76 -0.06
C ILE F 983 31.67 -22.53 -0.48
N ARG F 984 30.88 -23.00 0.49
CA ARG F 984 29.65 -23.71 0.11
C ARG F 984 28.61 -22.72 -0.39
N THR F 985 28.61 -21.49 0.14
CA THR F 985 27.78 -20.43 -0.41
C THR F 985 28.18 -20.10 -1.83
N SER F 986 29.48 -20.07 -2.10
CA SER F 986 29.96 -19.74 -3.44
C SER F 986 29.67 -20.87 -4.42
N LEU F 987 29.74 -22.11 -3.96
CA LEU F 987 29.46 -23.27 -4.81
C LEU F 987 27.99 -23.34 -5.17
N LYS F 988 27.12 -23.14 -4.18
CA LYS F 988 25.69 -23.05 -4.49
C LYS F 988 25.36 -21.80 -5.29
N ARG F 989 26.20 -20.78 -5.20
CA ARG F 989 26.03 -19.56 -5.96
C ARG F 989 26.69 -19.67 -7.34
N GLU F 990 27.52 -20.70 -7.54
CA GLU F 990 28.23 -21.10 -8.76
C GLU F 990 29.36 -20.16 -9.16
N TYR F 991 29.60 -19.08 -8.41
CA TYR F 991 30.83 -18.32 -8.57
C TYR F 991 31.18 -17.73 -7.21
N ALA F 992 32.29 -17.01 -7.17
CA ALA F 992 32.76 -16.36 -5.97
C ALA F 992 32.87 -14.86 -6.20
N THR F 993 32.93 -14.10 -5.11
CA THR F 993 33.01 -12.65 -5.21
C THR F 993 33.81 -12.08 -4.06
N GLU F 994 34.34 -10.87 -4.27
CA GLU F 994 34.94 -10.09 -3.20
C GLU F 994 33.90 -9.38 -2.34
N ASN F 995 32.63 -9.45 -2.72
CA ASN F 995 31.54 -9.19 -1.80
C ASN F 995 31.26 -10.47 -1.02
N GLY F 996 30.13 -10.52 -0.32
CA GLY F 996 29.99 -11.51 0.73
C GLY F 996 30.85 -11.02 1.86
N THR F 997 30.50 -9.83 2.35
CA THR F 997 31.42 -8.94 3.02
C THR F 997 31.71 -9.33 4.47
N GLU F 998 31.17 -10.47 4.89
CA GLU F 998 31.62 -11.15 6.10
C GLU F 998 32.83 -12.05 5.84
N LEU F 999 33.51 -11.87 4.70
CA LEU F 999 34.66 -12.66 4.31
C LEU F 999 35.83 -12.51 5.26
N ASN F 1000 35.88 -11.41 6.02
CA ASN F 1000 36.90 -11.22 7.05
C ASN F 1000 36.79 -12.28 8.14
N GLU F 1001 35.59 -12.82 8.36
CA GLU F 1001 35.42 -13.93 9.30
C GLU F 1001 36.14 -15.17 8.81
N THR F 1002 36.29 -15.32 7.51
CA THR F 1002 37.15 -16.36 6.97
C THR F 1002 38.62 -15.98 7.10
N LEU F 1003 38.91 -14.68 7.07
CA LEU F 1003 40.28 -14.20 7.01
C LEU F 1003 40.98 -14.43 8.35
N PRO F 1004 42.32 -14.75 8.35
CA PRO F 1004 43.00 -15.21 9.55
C PRO F 1004 43.01 -14.27 10.75
N LYS F 1005 43.63 -13.10 10.62
CA LYS F 1005 43.92 -12.30 11.80
C LYS F 1005 43.21 -10.96 11.80
N LEU F 1006 43.49 -10.11 10.81
CA LEU F 1006 43.19 -8.71 11.01
C LEU F 1006 43.22 -7.93 9.70
N SER F 1007 42.08 -7.33 9.35
CA SER F 1007 42.05 -6.17 8.47
C SER F 1007 41.26 -4.96 9.00
N PRO F 1008 41.36 -4.56 10.27
CA PRO F 1008 41.24 -3.12 10.57
C PRO F 1008 42.37 -2.29 10.01
N LEU F 1009 43.58 -2.85 9.92
CA LEU F 1009 44.79 -2.05 9.82
C LEU F 1009 44.90 -1.39 8.45
N ASN F 1010 45.27 -0.10 8.47
CA ASN F 1010 45.61 0.60 7.24
C ASN F 1010 46.76 -0.01 6.44
N PRO F 1011 47.78 -0.67 7.04
CA PRO F 1011 48.63 -1.52 6.20
C PRO F 1011 48.07 -2.90 5.92
N GLN F 1012 46.81 -2.98 5.50
CA GLN F 1012 46.25 -4.21 4.93
C GLN F 1012 46.64 -4.26 3.46
N TYR F 1013 47.47 -5.25 3.11
CA TYR F 1013 48.19 -5.26 1.85
C TYR F 1013 47.72 -6.41 0.97
N LYS F 1014 46.38 -6.59 0.91
CA LYS F 1014 45.73 -7.78 0.34
C LYS F 1014 46.33 -9.04 0.94
N THR F 1015 46.42 -9.06 2.26
CA THR F 1015 47.24 -10.04 2.98
C THR F 1015 46.33 -10.90 3.86
N LYS F 1016 46.13 -12.17 3.48
CA LYS F 1016 46.46 -12.69 2.16
C LYS F 1016 45.22 -12.70 1.30
N LYS F 1017 44.54 -11.54 1.24
CA LYS F 1017 43.18 -11.47 0.71
C LYS F 1017 43.14 -11.76 -0.78
N GLN F 1018 44.08 -11.17 -1.54
CA GLN F 1018 44.11 -11.46 -2.97
C GLN F 1018 44.59 -12.88 -3.22
N ALA F 1019 45.46 -13.41 -2.36
CA ALA F 1019 46.00 -14.74 -2.58
C ALA F 1019 44.95 -15.81 -2.29
N VAL F 1020 44.29 -15.69 -1.12
CA VAL F 1020 43.14 -16.52 -0.79
C VAL F 1020 42.07 -16.42 -1.85
N PHE F 1021 41.80 -15.20 -2.34
CA PHE F 1021 40.72 -15.00 -3.29
C PHE F 1021 41.02 -15.62 -4.64
N GLN F 1022 42.26 -15.48 -5.12
CA GLN F 1022 42.62 -16.11 -6.40
C GLN F 1022 42.62 -17.63 -6.28
N LYS F 1023 43.07 -18.15 -5.14
CA LYS F 1023 43.04 -19.59 -4.93
C LYS F 1023 41.61 -20.13 -4.87
N ILE F 1024 40.69 -19.39 -4.25
CA ILE F 1024 39.35 -19.93 -4.14
C ILE F 1024 38.57 -19.74 -5.43
N VAL F 1025 38.89 -18.72 -6.22
CA VAL F 1025 38.18 -18.61 -7.51
C VAL F 1025 38.71 -19.64 -8.49
N SER F 1026 40.01 -20.00 -8.37
CA SER F 1026 40.52 -21.15 -9.11
C SER F 1026 39.87 -22.44 -8.62
N PHE F 1027 39.55 -22.50 -7.34
CA PHE F 1027 38.94 -23.69 -6.77
C PHE F 1027 37.49 -23.85 -7.25
N ILE F 1028 36.73 -22.77 -7.28
CA ILE F 1028 35.33 -22.88 -7.69
C ILE F 1028 35.24 -23.01 -9.20
N GLU F 1029 36.24 -22.50 -9.91
CA GLU F 1029 36.33 -22.78 -11.34
C GLU F 1029 36.65 -24.25 -11.57
N LYS F 1030 37.46 -24.84 -10.67
CA LYS F 1030 37.70 -26.28 -10.72
C LYS F 1030 36.47 -27.08 -10.36
N PHE F 1031 35.51 -26.50 -9.62
CA PHE F 1031 34.36 -27.26 -9.17
C PHE F 1031 33.07 -26.49 -9.42
N LYS F 1032 32.91 -25.96 -10.63
CA LYS F 1032 31.65 -25.31 -10.99
C LYS F 1032 30.55 -26.33 -11.15
N GLY F 1033 29.65 -26.41 -10.17
CA GLY F 1033 28.50 -27.29 -10.26
C GLY F 1033 28.72 -28.66 -9.67
N VAL F 1034 29.89 -29.26 -9.94
CA VAL F 1034 30.17 -30.59 -9.44
C VAL F 1034 30.48 -30.53 -7.94
N GLY F 1035 30.04 -31.55 -7.21
CA GLY F 1035 30.25 -31.60 -5.78
C GLY F 1035 29.29 -30.70 -5.03
#